data_4OV5
#
_entry.id   4OV5
#
_cell.length_a   95.955
_cell.length_b   173.188
_cell.length_c   96.484
_cell.angle_alpha   90.00
_cell.angle_beta   109.72
_cell.angle_gamma   90.00
#
_symmetry.space_group_name_H-M   'P 1 21 1'
#
loop_
_entity.id
_entity.type
_entity.pdbx_description
1 polymer 'HLA class II histocompatibility antigen, DR alpha chain'
2 polymer 'HLA class II histocompatibility antigen, DRB1-1 beta chain'
3 polymer 'HLA class I histocompatibility antigen, A-2 alpha chain'
4 water water
#
loop_
_entity_poly.entity_id
_entity_poly.type
_entity_poly.pdbx_seq_one_letter_code
_entity_poly.pdbx_strand_id
1 'polypeptide(L)'
;IKEEHVIIQAEFYLNPDQSGEFMFDFDGDEIFHVDMAKKETVWRLEEFGRFASFEAQGALANIAVDKANLEIMTKRSNYT
PITNVPPEVTVLTNSPVELREPNVLICFIDKFTPPVVNVTWLRNGKPVTTGVSETVFLPREDHLFRKFHYLPFLPSTEDV
YDCRVEHWGLDEPLLKHWEFDA
;
A,D,G,J,M,P
2 'polypeptide(L)'
;GDTRPRFLWQLKFECHFFNGTERVRLLERCIYNQEESVRFDSDVGEYRAVTELGRPDAEYWNSQKDLLEQRRAAVDTYCR
HNYGVGESFTVQRRVEPKVTVYPSKTQPLQHHNLLVCSVSGFYPGSIEVRWFRNGQEEKAGVVSTGLIQNGDWTFQTLVM
LETVPRSGEVYTCQVEHPSVTSPLTVEWRA
;
B,E,H,K,N,Q
3 'polypeptide(L)' GSDARFLRGYHLYA C,F,I,L,O,R
#
# COMPACT_ATOMS: atom_id res chain seq x y z
N GLU A 3 12.09 -26.93 -48.99
CA GLU A 3 11.79 -26.91 -50.42
C GLU A 3 12.86 -26.13 -51.18
N GLU A 4 12.50 -25.70 -52.39
CA GLU A 4 13.35 -24.84 -53.18
C GLU A 4 12.84 -23.40 -53.10
N HIS A 5 11.52 -23.24 -53.14
CA HIS A 5 10.92 -21.91 -53.18
C HIS A 5 9.56 -21.83 -52.50
N VAL A 6 9.23 -20.63 -52.01
CA VAL A 6 7.95 -20.38 -51.36
C VAL A 6 7.36 -19.06 -51.83
N ILE A 7 6.13 -19.09 -52.31
CA ILE A 7 5.41 -17.86 -52.66
C ILE A 7 4.30 -17.61 -51.66
N ILE A 8 4.30 -16.44 -51.04
CA ILE A 8 3.32 -16.13 -50.01
C ILE A 8 2.47 -14.91 -50.34
N GLN A 9 1.16 -15.10 -50.43
CA GLN A 9 0.21 -14.00 -50.46
C GLN A 9 -0.15 -13.65 -49.02
N ALA A 10 0.34 -12.51 -48.55
CA ALA A 10 0.14 -12.12 -47.16
C ALA A 10 -0.71 -10.85 -47.05
N GLU A 11 -1.77 -10.94 -46.27
CA GLU A 11 -2.65 -9.80 -46.03
C GLU A 11 -2.75 -9.54 -44.53
N PHE A 12 -3.01 -8.30 -44.15
CA PHE A 12 -3.37 -8.00 -42.77
C PHE A 12 -4.36 -6.84 -42.64
N TYR A 13 -5.12 -6.86 -41.55
CA TYR A 13 -5.91 -5.71 -41.16
C TYR A 13 -5.73 -5.48 -39.66
N LEU A 14 -5.63 -4.21 -39.28
CA LEU A 14 -5.29 -3.86 -37.91
C LEU A 14 -6.23 -2.81 -37.33
N ASN A 15 -6.80 -3.10 -36.16
CA ASN A 15 -7.67 -2.17 -35.48
C ASN A 15 -7.03 -1.63 -34.21
N PRO A 16 -7.38 -0.39 -33.81
CA PRO A 16 -8.32 0.51 -34.49
C PRO A 16 -7.69 1.34 -35.61
N ASP A 17 -6.40 1.14 -35.87
CA ASP A 17 -5.67 1.91 -36.88
C ASP A 17 -6.35 1.92 -38.24
N GLN A 18 -7.04 0.83 -38.55
CA GLN A 18 -7.64 0.61 -39.88
C GLN A 18 -6.55 0.63 -40.95
N SER A 19 -5.43 -0.01 -40.65
CA SER A 19 -4.35 -0.15 -41.61
C SER A 19 -4.42 -1.52 -42.28
N GLY A 20 -4.52 -1.53 -43.60
CA GLY A 20 -4.61 -2.77 -44.34
C GLY A 20 -3.45 -2.94 -45.30
N GLU A 21 -3.05 -4.19 -45.53
CA GLU A 21 -1.97 -4.47 -46.47
C GLU A 21 -2.23 -5.74 -47.27
N PHE A 22 -1.74 -5.76 -48.50
CA PHE A 22 -1.86 -6.91 -49.38
C PHE A 22 -0.56 -7.01 -50.18
N MET A 23 0.15 -8.12 -50.05
CA MET A 23 1.42 -8.28 -50.74
C MET A 23 1.74 -9.72 -51.11
N PHE A 24 2.63 -9.88 -52.07
CA PHE A 24 3.17 -11.20 -52.42
C PHE A 24 4.65 -11.28 -52.03
N ASP A 25 5.03 -12.40 -51.44
CA ASP A 25 6.40 -12.60 -50.97
C ASP A 25 7.02 -13.79 -51.70
N PHE A 26 8.29 -13.65 -52.10
CA PHE A 26 9.01 -14.76 -52.72
C PHE A 26 10.36 -14.98 -52.04
N ASP A 27 10.49 -16.12 -51.36
CA ASP A 27 11.71 -16.47 -50.63
C ASP A 27 12.19 -15.33 -49.71
N GLY A 28 11.26 -14.61 -49.10
CA GLY A 28 11.59 -13.54 -48.18
C GLY A 28 11.62 -12.15 -48.79
N ASP A 29 11.56 -12.08 -50.12
CA ASP A 29 11.55 -10.78 -50.80
C ASP A 29 10.16 -10.41 -51.32
N GLU A 30 9.82 -9.13 -51.23
CA GLU A 30 8.56 -8.64 -51.76
C GLU A 30 8.54 -8.66 -53.29
N ILE A 31 7.48 -9.20 -53.85
CA ILE A 31 7.28 -9.14 -55.30
C ILE A 31 6.54 -7.86 -55.61
N PHE A 32 5.40 -7.68 -54.95
CA PHE A 32 4.61 -6.47 -55.10
C PHE A 32 3.65 -6.32 -53.92
N HIS A 33 3.05 -5.13 -53.82
CA HIS A 33 1.95 -4.90 -52.90
C HIS A 33 0.96 -3.95 -53.57
N VAL A 34 -0.19 -3.76 -52.94
CA VAL A 34 -1.20 -2.87 -53.50
C VAL A 34 -1.32 -1.59 -52.69
N ASP A 35 -1.12 -0.46 -53.36
CA ASP A 35 -1.35 0.83 -52.73
C ASP A 35 -2.85 0.96 -52.46
N MET A 36 -3.23 0.73 -51.21
CA MET A 36 -4.65 0.72 -50.83
C MET A 36 -5.38 2.01 -51.16
N ALA A 37 -4.75 3.14 -50.83
CA ALA A 37 -5.37 4.45 -51.03
C ALA A 37 -5.57 4.78 -52.51
N LYS A 38 -4.57 4.45 -53.33
CA LYS A 38 -4.61 4.83 -54.73
C LYS A 38 -5.07 3.69 -55.65
N LYS A 39 -5.26 2.51 -55.06
CA LYS A 39 -5.74 1.33 -55.80
C LYS A 39 -4.87 0.95 -56.98
N GLU A 40 -3.55 0.91 -56.76
CA GLU A 40 -2.61 0.54 -57.82
C GLU A 40 -1.65 -0.56 -57.35
N THR A 41 -1.18 -1.35 -58.30
CA THR A 41 -0.19 -2.38 -58.02
C THR A 41 1.21 -1.77 -58.01
N VAL A 42 1.94 -1.99 -56.93
CA VAL A 42 3.30 -1.48 -56.81
C VAL A 42 4.32 -2.61 -56.82
N TRP A 43 5.00 -2.77 -57.95
CA TRP A 43 6.01 -3.81 -58.08
C TRP A 43 7.30 -3.39 -57.39
N ARG A 44 7.83 -4.27 -56.54
CA ARG A 44 9.02 -3.97 -55.75
C ARG A 44 10.19 -3.57 -56.65
N LEU A 45 10.37 -4.33 -57.73
CA LEU A 45 11.23 -3.90 -58.82
C LEU A 45 10.32 -3.60 -60.00
N GLU A 46 10.35 -2.34 -60.47
CA GLU A 46 9.42 -1.86 -61.48
C GLU A 46 9.43 -2.70 -62.75
N GLU A 47 10.53 -3.40 -62.98
CA GLU A 47 10.68 -4.26 -64.15
C GLU A 47 9.76 -5.48 -64.08
N PHE A 48 9.32 -5.82 -62.88
CA PHE A 48 8.44 -6.97 -62.69
C PHE A 48 7.12 -6.76 -63.43
N GLY A 49 6.62 -5.52 -63.36
CA GLY A 49 5.36 -5.16 -63.97
C GLY A 49 5.38 -5.17 -65.48
N ARG A 50 6.54 -5.45 -66.05
CA ARG A 50 6.67 -5.58 -67.49
C ARG A 50 6.41 -7.01 -67.97
N PHE A 51 6.28 -7.94 -67.03
CA PHE A 51 6.11 -9.36 -67.34
C PHE A 51 4.85 -9.93 -66.72
N ALA A 52 4.30 -9.22 -65.75
CA ALA A 52 3.13 -9.70 -65.04
C ALA A 52 2.22 -8.54 -64.71
N SER A 53 0.95 -8.85 -64.45
CA SER A 53 0.00 -7.84 -64.08
C SER A 53 -0.81 -8.37 -62.90
N PHE A 54 -1.39 -7.44 -62.14
CA PHE A 54 -2.29 -7.81 -61.08
C PHE A 54 -3.37 -6.74 -61.00
N GLU A 55 -4.62 -7.16 -60.92
CA GLU A 55 -5.72 -6.23 -60.76
C GLU A 55 -5.79 -5.79 -59.30
N ALA A 56 -5.33 -4.57 -59.03
CA ALA A 56 -5.27 -4.03 -57.68
C ALA A 56 -6.64 -3.99 -57.00
N GLN A 57 -7.69 -3.85 -57.80
CA GLN A 57 -9.05 -3.76 -57.29
C GLN A 57 -9.45 -5.02 -56.53
N GLY A 58 -8.90 -6.16 -56.95
CA GLY A 58 -9.21 -7.43 -56.33
C GLY A 58 -8.75 -7.52 -54.89
N ALA A 59 -7.64 -6.84 -54.59
CA ALA A 59 -7.08 -6.85 -53.25
C ALA A 59 -7.96 -6.13 -52.24
N LEU A 60 -8.73 -5.15 -52.72
CA LEU A 60 -9.57 -4.34 -51.82
C LEU A 60 -10.74 -5.12 -51.23
N ALA A 61 -11.28 -6.06 -51.99
CA ALA A 61 -12.32 -6.94 -51.47
C ALA A 61 -11.74 -7.87 -50.41
N ASN A 62 -10.53 -8.35 -50.66
CA ASN A 62 -9.80 -9.16 -49.69
C ASN A 62 -9.66 -8.43 -48.35
N ILE A 63 -9.29 -7.15 -48.43
CA ILE A 63 -9.13 -6.34 -47.23
C ILE A 63 -10.47 -6.15 -46.51
N ALA A 64 -11.53 -5.99 -47.28
CA ALA A 64 -12.87 -5.86 -46.73
C ALA A 64 -13.28 -7.13 -45.98
N VAL A 65 -12.95 -8.28 -46.55
CA VAL A 65 -13.22 -9.56 -45.91
C VAL A 65 -12.37 -9.70 -44.66
N ASP A 66 -11.09 -9.33 -44.78
CA ASP A 66 -10.16 -9.38 -43.65
C ASP A 66 -10.65 -8.51 -42.50
N LYS A 67 -11.15 -7.32 -42.83
CA LYS A 67 -11.64 -6.38 -41.82
C LYS A 67 -12.80 -6.97 -41.04
N ALA A 68 -13.81 -7.46 -41.77
CA ALA A 68 -14.99 -8.06 -41.17
C ALA A 68 -14.62 -9.24 -40.26
N ASN A 69 -13.72 -10.09 -40.74
CA ASN A 69 -13.27 -11.25 -39.98
C ASN A 69 -12.54 -10.88 -38.70
N LEU A 70 -11.85 -9.76 -38.71
CA LEU A 70 -11.13 -9.28 -37.53
C LEU A 70 -12.11 -8.95 -36.40
N GLU A 71 -13.17 -8.21 -36.72
CA GLU A 71 -14.21 -7.85 -35.77
C GLU A 71 -14.76 -9.08 -35.06
N ILE A 72 -15.17 -10.06 -35.87
CA ILE A 72 -15.69 -11.34 -35.40
C ILE A 72 -14.69 -12.04 -34.46
N MET A 73 -13.42 -12.04 -34.86
CA MET A 73 -12.39 -12.70 -34.07
C MET A 73 -12.02 -11.98 -32.78
N THR A 74 -12.10 -10.65 -32.81
CA THR A 74 -11.85 -9.86 -31.61
C THR A 74 -12.90 -10.18 -30.55
N LYS A 75 -14.15 -10.27 -30.99
CA LYS A 75 -15.26 -10.62 -30.11
C LYS A 75 -15.11 -12.04 -29.57
N ARG A 76 -14.74 -12.95 -30.46
CA ARG A 76 -14.62 -14.37 -30.12
C ARG A 76 -13.63 -14.59 -28.98
N SER A 77 -12.52 -13.86 -29.02
CA SER A 77 -11.52 -13.93 -27.96
C SER A 77 -11.88 -13.01 -26.81
N ASN A 78 -13.08 -12.42 -26.89
CA ASN A 78 -13.51 -11.37 -25.96
C ASN A 78 -12.46 -10.30 -25.74
N TYR A 79 -11.91 -9.82 -26.86
CA TYR A 79 -11.05 -8.64 -26.90
C TYR A 79 -9.68 -8.85 -26.25
N THR A 80 -8.99 -9.92 -26.62
CA THR A 80 -7.60 -10.08 -26.23
C THR A 80 -6.75 -9.21 -27.15
N PRO A 81 -6.20 -8.11 -26.61
CA PRO A 81 -5.40 -7.23 -27.46
C PRO A 81 -4.07 -7.87 -27.78
N ILE A 82 -3.44 -7.46 -28.87
CA ILE A 82 -2.13 -8.01 -29.22
C ILE A 82 -1.08 -7.60 -28.20
N THR A 83 -0.08 -8.46 -28.00
CA THR A 83 1.05 -8.17 -27.14
C THR A 83 2.19 -7.59 -27.98
N ASN A 84 2.56 -6.35 -27.69
CA ASN A 84 3.62 -5.67 -28.43
C ASN A 84 4.96 -6.38 -28.29
N VAL A 85 5.59 -6.65 -29.44
CA VAL A 85 6.93 -7.19 -29.46
C VAL A 85 7.86 -6.16 -30.09
N PRO A 86 8.84 -5.67 -29.32
CA PRO A 86 9.76 -4.64 -29.82
C PRO A 86 10.69 -5.19 -30.89
N PRO A 87 11.05 -4.33 -31.86
CA PRO A 87 11.89 -4.75 -32.98
C PRO A 87 13.38 -4.77 -32.66
N GLU A 88 14.10 -5.71 -33.27
CA GLU A 88 15.55 -5.64 -33.33
C GLU A 88 15.89 -4.73 -34.50
N VAL A 89 16.72 -3.73 -34.25
CA VAL A 89 17.10 -2.81 -35.32
C VAL A 89 18.57 -2.95 -35.67
N THR A 90 18.86 -3.01 -36.96
CA THR A 90 20.24 -3.10 -37.44
C THR A 90 20.46 -2.06 -38.52
N VAL A 91 21.59 -1.36 -38.46
CA VAL A 91 21.96 -0.42 -39.50
C VAL A 91 23.22 -0.90 -40.19
N LEU A 92 23.15 -1.00 -41.52
CA LEU A 92 24.28 -1.45 -42.32
C LEU A 92 24.27 -0.72 -43.66
N THR A 93 25.22 -1.07 -44.52
CA THR A 93 25.31 -0.42 -45.82
C THR A 93 25.16 -1.42 -46.97
N ASN A 94 24.73 -0.92 -48.12
CA ASN A 94 24.55 -1.69 -49.34
C ASN A 94 25.80 -2.48 -49.69
N SER A 95 26.95 -1.81 -49.62
CA SER A 95 28.23 -2.38 -50.02
C SER A 95 29.32 -1.81 -49.10
N PRO A 96 30.54 -2.35 -49.18
CA PRO A 96 31.63 -1.77 -48.39
C PRO A 96 31.78 -0.28 -48.63
N VAL A 97 32.00 0.47 -47.55
CA VAL A 97 32.06 1.92 -47.62
C VAL A 97 33.37 2.41 -48.22
N GLU A 98 33.26 3.26 -49.23
CA GLU A 98 34.40 3.98 -49.76
C GLU A 98 34.11 5.47 -49.67
N LEU A 99 35.02 6.21 -49.05
CA LEU A 99 34.84 7.65 -48.86
C LEU A 99 34.55 8.36 -50.17
N ARG A 100 33.57 9.27 -50.13
CA ARG A 100 33.18 10.09 -51.28
C ARG A 100 32.65 9.28 -52.45
N GLU A 101 32.12 8.09 -52.17
CA GLU A 101 31.52 7.23 -53.20
C GLU A 101 30.12 6.80 -52.78
N PRO A 102 29.11 7.15 -53.59
CA PRO A 102 27.69 6.93 -53.28
C PRO A 102 27.38 5.53 -52.76
N ASN A 103 26.62 5.48 -51.67
CA ASN A 103 26.24 4.21 -51.05
C ASN A 103 24.83 4.34 -50.49
N VAL A 104 24.35 3.30 -49.82
CA VAL A 104 23.00 3.34 -49.25
C VAL A 104 22.98 2.78 -47.83
N LEU A 105 22.39 3.54 -46.92
CA LEU A 105 22.17 3.06 -45.56
C LEU A 105 20.87 2.27 -45.48
N ILE A 106 20.98 1.02 -45.03
CA ILE A 106 19.81 0.18 -44.82
C ILE A 106 19.49 0.07 -43.35
N CYS A 107 18.27 0.44 -42.97
CA CYS A 107 17.81 0.23 -41.62
C CYS A 107 16.90 -0.98 -41.57
N PHE A 108 17.40 -2.08 -41.03
CA PHE A 108 16.63 -3.31 -40.93
C PHE A 108 15.87 -3.40 -39.60
N ILE A 109 14.56 -3.50 -39.70
CA ILE A 109 13.68 -3.57 -38.53
C ILE A 109 13.01 -4.94 -38.55
N ASP A 110 13.21 -5.72 -37.49
CA ASP A 110 12.84 -7.13 -37.53
C ASP A 110 12.16 -7.65 -36.27
N LYS A 111 11.35 -8.68 -36.42
CA LYS A 111 10.73 -9.42 -35.32
C LYS A 111 9.87 -8.55 -34.41
N PHE A 112 8.97 -7.79 -35.02
CA PHE A 112 8.08 -6.91 -34.26
C PHE A 112 6.61 -7.09 -34.66
N THR A 113 5.72 -6.69 -33.75
CA THR A 113 4.29 -6.67 -34.00
C THR A 113 3.66 -5.79 -32.93
N PRO A 114 2.55 -5.10 -33.24
CA PRO A 114 1.78 -5.02 -34.48
C PRO A 114 2.53 -4.25 -35.56
N PRO A 115 2.12 -4.40 -36.84
CA PRO A 115 2.86 -3.74 -37.92
C PRO A 115 2.61 -2.24 -37.97
N VAL A 116 3.02 -1.54 -36.92
CA VAL A 116 3.04 -0.08 -36.91
C VAL A 116 4.38 0.36 -36.36
N VAL A 117 5.11 1.13 -37.16
CA VAL A 117 6.41 1.62 -36.74
C VAL A 117 6.64 3.03 -37.29
N ASN A 118 7.49 3.79 -36.62
CA ASN A 118 7.84 5.12 -37.10
C ASN A 118 9.34 5.29 -37.19
N VAL A 119 9.82 5.54 -38.41
CA VAL A 119 11.25 5.60 -38.67
C VAL A 119 11.67 6.96 -39.22
N THR A 120 12.76 7.49 -38.69
CA THR A 120 13.33 8.73 -39.18
C THR A 120 14.85 8.59 -39.24
N TRP A 121 15.45 9.04 -40.34
CA TRP A 121 16.90 9.06 -40.45
C TRP A 121 17.44 10.35 -39.85
N LEU A 122 18.60 10.26 -39.21
CA LEU A 122 19.23 11.43 -38.62
C LEU A 122 20.67 11.57 -39.09
N ARG A 123 20.97 12.64 -39.81
CA ARG A 123 22.35 12.98 -40.16
C ARG A 123 22.83 14.09 -39.25
N ASN A 124 23.77 13.75 -38.36
CA ASN A 124 24.27 14.69 -37.36
C ASN A 124 23.15 15.26 -36.49
N GLY A 125 22.14 14.44 -36.21
CA GLY A 125 21.06 14.83 -35.34
C GLY A 125 19.92 15.56 -36.04
N LYS A 126 20.01 15.65 -37.36
CA LYS A 126 18.97 16.33 -38.13
C LYS A 126 18.22 15.36 -39.06
N PRO A 127 16.89 15.50 -39.11
CA PRO A 127 16.03 14.64 -39.92
C PRO A 127 16.34 14.75 -41.42
N VAL A 128 16.48 13.61 -42.08
CA VAL A 128 16.76 13.56 -43.51
C VAL A 128 15.65 12.81 -44.24
N THR A 129 15.14 13.39 -45.32
CA THR A 129 14.06 12.77 -46.07
C THR A 129 14.43 12.60 -47.55
N THR A 130 15.46 13.30 -47.99
CA THR A 130 15.86 13.29 -49.39
C THR A 130 16.25 11.90 -49.89
N GLY A 131 15.45 11.36 -50.80
CA GLY A 131 15.76 10.09 -51.43
C GLY A 131 15.42 8.87 -50.60
N VAL A 132 14.88 9.08 -49.40
CA VAL A 132 14.53 7.96 -48.53
C VAL A 132 13.42 7.12 -49.13
N SER A 133 13.53 5.81 -48.98
CA SER A 133 12.48 4.91 -49.41
C SER A 133 12.33 3.80 -48.37
N GLU A 134 11.21 3.09 -48.43
CA GLU A 134 10.92 2.06 -47.47
C GLU A 134 10.10 0.97 -48.12
N THR A 135 10.19 -0.24 -47.58
CA THR A 135 9.33 -1.32 -48.04
C THR A 135 8.10 -1.32 -47.14
N VAL A 136 7.09 -2.11 -47.54
CA VAL A 136 5.94 -2.32 -46.68
C VAL A 136 6.33 -3.35 -45.62
N PHE A 137 5.37 -3.76 -44.81
CA PHE A 137 5.66 -4.76 -43.79
C PHE A 137 5.74 -6.15 -44.41
N LEU A 138 6.83 -6.86 -44.13
CA LEU A 138 7.06 -8.18 -44.71
C LEU A 138 6.80 -9.26 -43.67
N PRO A 139 6.18 -10.38 -44.09
CA PRO A 139 5.76 -11.43 -43.17
C PRO A 139 6.90 -12.30 -42.65
N ARG A 140 6.68 -12.93 -41.51
CA ARG A 140 7.62 -13.88 -40.94
C ARG A 140 6.89 -15.17 -40.57
N GLU A 141 7.63 -16.27 -40.48
CA GLU A 141 7.03 -17.55 -40.11
C GLU A 141 6.44 -17.52 -38.70
N ASP A 142 7.08 -16.77 -37.81
CA ASP A 142 6.58 -16.63 -36.44
C ASP A 142 5.46 -15.59 -36.34
N HIS A 143 5.03 -15.10 -37.50
CA HIS A 143 3.94 -14.13 -37.63
C HIS A 143 4.27 -12.74 -37.11
N LEU A 144 5.55 -12.49 -36.85
CA LEU A 144 6.02 -11.13 -36.61
C LEU A 144 6.32 -10.49 -37.97
N PHE A 145 6.80 -9.26 -37.99
CA PHE A 145 7.03 -8.56 -39.24
C PHE A 145 8.47 -8.07 -39.42
N ARG A 146 8.84 -7.78 -40.66
CA ARG A 146 10.10 -7.11 -40.96
C ARG A 146 9.81 -5.89 -41.81
N LYS A 147 10.80 -4.99 -41.89
CA LYS A 147 10.66 -3.79 -42.70
C LYS A 147 12.05 -3.25 -43.00
N PHE A 148 12.22 -2.65 -44.17
CA PHE A 148 13.49 -2.04 -44.55
C PHE A 148 13.30 -0.55 -44.81
N HIS A 149 14.26 0.25 -44.35
CA HIS A 149 14.28 1.66 -44.70
C HIS A 149 15.63 1.98 -45.34
N TYR A 150 15.61 2.84 -46.34
CA TYR A 150 16.81 3.14 -47.12
C TYR A 150 17.14 4.62 -47.17
N LEU A 151 18.42 4.92 -47.04
CA LEU A 151 18.91 6.29 -47.20
C LEU A 151 20.16 6.29 -48.08
N PRO A 152 20.00 6.76 -49.32
CA PRO A 152 21.18 6.96 -50.17
C PRO A 152 21.99 8.10 -49.57
N PHE A 153 23.31 7.95 -49.53
CA PHE A 153 24.16 8.96 -48.89
C PHE A 153 25.55 8.94 -49.48
N LEU A 154 26.27 10.06 -49.30
CA LEU A 154 27.66 10.13 -49.71
C LEU A 154 28.55 10.01 -48.48
N PRO A 155 29.21 8.85 -48.32
CA PRO A 155 30.09 8.55 -47.19
C PRO A 155 31.21 9.58 -47.03
N SER A 156 31.41 10.01 -45.79
CA SER A 156 32.44 10.99 -45.47
C SER A 156 32.80 10.84 -44.00
N THR A 157 34.00 11.25 -43.63
CA THR A 157 34.46 11.17 -42.25
C THR A 157 33.78 12.19 -41.35
N GLU A 158 32.96 13.06 -41.95
CA GLU A 158 32.42 14.22 -41.25
C GLU A 158 31.02 14.01 -40.69
N ASP A 159 30.29 13.05 -41.25
CA ASP A 159 28.89 12.83 -40.85
C ASP A 159 28.70 11.57 -40.03
N VAL A 160 27.77 11.62 -39.09
CA VAL A 160 27.30 10.43 -38.40
C VAL A 160 25.83 10.25 -38.73
N TYR A 161 25.36 9.01 -38.65
CA TYR A 161 23.96 8.73 -38.95
C TYR A 161 23.29 7.88 -37.88
N ASP A 162 22.01 8.15 -37.65
CA ASP A 162 21.20 7.34 -36.76
C ASP A 162 19.91 6.94 -37.46
N CYS A 163 19.52 5.68 -37.32
CA CYS A 163 18.18 5.26 -37.67
C CYS A 163 17.38 5.24 -36.38
N ARG A 164 16.34 6.06 -36.33
CA ARG A 164 15.54 6.19 -35.13
C ARG A 164 14.20 5.51 -35.29
N VAL A 165 13.95 4.50 -34.45
CA VAL A 165 12.74 3.70 -34.55
C VAL A 165 11.92 3.78 -33.27
N GLU A 166 10.64 4.10 -33.40
CA GLU A 166 9.73 4.08 -32.27
C GLU A 166 8.58 3.11 -32.47
N HIS A 167 8.40 2.23 -31.50
CA HIS A 167 7.39 1.19 -31.54
C HIS A 167 6.83 1.03 -30.14
N TRP A 168 5.55 0.67 -30.03
CA TRP A 168 4.88 0.60 -28.74
C TRP A 168 5.52 -0.40 -27.76
N GLY A 169 6.24 -1.38 -28.30
CA GLY A 169 6.94 -2.35 -27.48
C GLY A 169 8.19 -1.77 -26.82
N LEU A 170 8.71 -0.70 -27.40
CA LEU A 170 9.90 -0.03 -26.87
C LEU A 170 9.52 0.99 -25.80
N ASP A 171 10.42 1.21 -24.84
CA ASP A 171 10.19 2.18 -23.78
C ASP A 171 10.42 3.60 -24.29
N GLU A 172 11.57 3.79 -24.94
CA GLU A 172 11.91 5.07 -25.55
C GLU A 172 12.33 4.79 -26.99
N PRO A 173 12.24 5.80 -27.86
CA PRO A 173 12.70 5.66 -29.25
C PRO A 173 14.12 5.10 -29.32
N LEU A 174 14.32 4.11 -30.17
CA LEU A 174 15.62 3.46 -30.29
C LEU A 174 16.44 4.14 -31.39
N LEU A 175 17.72 4.34 -31.11
CA LEU A 175 18.63 4.91 -32.09
C LEU A 175 19.80 3.96 -32.36
N LYS A 176 19.86 3.47 -33.59
CA LYS A 176 20.99 2.68 -34.04
C LYS A 176 21.96 3.60 -34.77
N HIS A 177 23.23 3.58 -34.37
CA HIS A 177 24.21 4.55 -34.84
C HIS A 177 25.04 4.01 -35.98
N TRP A 178 25.28 4.85 -36.98
CA TRP A 178 26.27 4.54 -37.99
C TRP A 178 27.17 5.73 -38.28
N GLU A 179 28.47 5.47 -38.35
CA GLU A 179 29.45 6.46 -38.79
C GLU A 179 30.59 5.69 -39.39
N PHE A 180 31.36 6.34 -40.26
CA PHE A 180 32.52 5.68 -40.86
C PHE A 180 33.58 5.43 -39.79
N ASP A 181 34.22 4.27 -39.89
CA ASP A 181 35.23 3.86 -38.91
C ASP A 181 36.49 3.29 -39.56
N ALA A 182 37.54 4.11 -39.61
CA ALA A 182 38.89 3.70 -40.01
C ALA A 182 39.83 4.90 -39.96
N ASP B 2 -0.48 7.58 -27.69
CA ASP B 2 -1.48 6.55 -27.98
C ASP B 2 -1.17 5.27 -27.20
N THR B 3 -2.17 4.77 -26.48
CA THR B 3 -1.99 3.60 -25.64
C THR B 3 -3.06 2.54 -25.92
N ARG B 4 -3.98 2.84 -26.83
CA ARG B 4 -5.09 1.95 -27.16
C ARG B 4 -4.64 0.54 -27.52
N PRO B 5 -5.46 -0.46 -27.18
CA PRO B 5 -5.18 -1.86 -27.54
C PRO B 5 -5.30 -2.06 -29.05
N ARG B 6 -4.50 -2.97 -29.60
CA ARG B 6 -4.57 -3.30 -31.02
C ARG B 6 -5.05 -4.72 -31.22
N PHE B 7 -5.71 -4.96 -32.34
CA PHE B 7 -6.17 -6.29 -32.70
C PHE B 7 -5.82 -6.56 -34.16
N LEU B 8 -5.05 -7.61 -34.39
CA LEU B 8 -4.48 -7.88 -35.70
C LEU B 8 -5.04 -9.16 -36.29
N TRP B 9 -5.36 -9.11 -37.59
CA TRP B 9 -5.78 -10.29 -38.32
C TRP B 9 -4.92 -10.46 -39.56
N GLN B 10 -4.24 -11.59 -39.67
CA GLN B 10 -3.43 -11.90 -40.84
C GLN B 10 -3.99 -13.10 -41.59
N LEU B 11 -3.92 -13.03 -42.92
CA LEU B 11 -4.29 -14.15 -43.76
C LEU B 11 -3.12 -14.46 -44.69
N LYS B 12 -2.67 -15.70 -44.69
CA LYS B 12 -1.50 -16.07 -45.48
C LYS B 12 -1.77 -17.27 -46.38
N PHE B 13 -1.49 -17.11 -47.67
CA PHE B 13 -1.55 -18.22 -48.61
C PHE B 13 -0.14 -18.58 -49.05
N GLU B 14 0.34 -19.72 -48.59
CA GLU B 14 1.71 -20.15 -48.87
C GLU B 14 1.76 -21.24 -49.92
N CYS B 15 2.49 -20.98 -50.99
CA CYS B 15 2.73 -21.99 -52.01
C CYS B 15 4.16 -22.53 -51.89
N HIS B 16 4.29 -23.78 -51.44
CA HIS B 16 5.60 -24.40 -51.29
C HIS B 16 5.89 -25.32 -52.48
N PHE B 17 7.06 -25.13 -53.10
CA PHE B 17 7.40 -25.87 -54.32
C PHE B 17 8.64 -26.74 -54.14
N PHE B 18 8.51 -28.02 -54.48
CA PHE B 18 9.63 -28.95 -54.40
C PHE B 18 9.98 -29.48 -55.79
N ASN B 19 11.27 -29.48 -56.11
CA ASN B 19 11.77 -29.94 -57.41
C ASN B 19 11.01 -29.34 -58.58
N GLY B 20 11.19 -28.03 -58.80
CA GLY B 20 10.40 -27.31 -59.78
C GLY B 20 8.97 -27.17 -59.28
N THR B 21 8.02 -27.72 -60.03
CA THR B 21 6.63 -27.74 -59.62
C THR B 21 6.12 -29.16 -59.54
N GLU B 22 7.05 -30.11 -59.44
CA GLU B 22 6.70 -31.52 -59.34
C GLU B 22 5.85 -31.78 -58.12
N ARG B 23 6.21 -31.12 -57.01
CA ARG B 23 5.42 -31.23 -55.79
C ARG B 23 5.07 -29.85 -55.24
N VAL B 24 3.78 -29.63 -55.05
CA VAL B 24 3.29 -28.34 -54.58
C VAL B 24 2.39 -28.53 -53.35
N ARG B 25 2.64 -27.74 -52.32
CA ARG B 25 1.82 -27.79 -51.10
C ARG B 25 1.25 -26.41 -50.80
N LEU B 26 -0.07 -26.31 -50.83
CA LEU B 26 -0.75 -25.06 -50.51
C LEU B 26 -1.10 -25.00 -49.03
N LEU B 27 -0.78 -23.88 -48.40
CA LEU B 27 -1.06 -23.70 -46.98
C LEU B 27 -1.73 -22.35 -46.73
N GLU B 28 -3.02 -22.38 -46.39
CA GLU B 28 -3.74 -21.17 -46.00
C GLU B 28 -3.73 -21.03 -44.49
N ARG B 29 -3.30 -19.87 -43.99
CA ARG B 29 -3.20 -19.65 -42.55
C ARG B 29 -4.00 -18.44 -42.09
N CYS B 30 -4.80 -18.63 -41.06
CA CYS B 30 -5.52 -17.53 -40.42
C CYS B 30 -4.89 -17.26 -39.06
N ILE B 31 -4.44 -16.02 -38.83
CA ILE B 31 -3.74 -15.68 -37.60
C ILE B 31 -4.35 -14.48 -36.90
N TYR B 32 -4.82 -14.68 -35.68
CA TYR B 32 -5.30 -13.58 -34.85
C TYR B 32 -4.18 -13.14 -33.92
N ASN B 33 -3.88 -11.85 -33.96
CA ASN B 33 -2.71 -11.30 -33.26
C ASN B 33 -1.44 -12.05 -33.63
N GLN B 34 -0.95 -12.91 -32.74
CA GLN B 34 0.25 -13.68 -33.03
C GLN B 34 -0.02 -15.18 -32.93
N GLU B 35 -1.28 -15.58 -33.03
CA GLU B 35 -1.64 -16.99 -32.92
C GLU B 35 -2.40 -17.50 -34.14
N GLU B 36 -1.83 -18.49 -34.81
CA GLU B 36 -2.52 -19.17 -35.89
C GLU B 36 -3.69 -19.96 -35.31
N SER B 37 -4.88 -19.72 -35.85
CA SER B 37 -6.10 -20.32 -35.30
C SER B 37 -6.64 -21.48 -36.14
N VAL B 38 -6.58 -21.33 -37.46
CA VAL B 38 -7.11 -22.36 -38.37
C VAL B 38 -6.33 -22.34 -39.68
N ARG B 39 -6.18 -23.52 -40.30
CA ARG B 39 -5.40 -23.62 -41.52
C ARG B 39 -5.95 -24.64 -42.51
N PHE B 40 -5.74 -24.38 -43.80
CA PHE B 40 -5.98 -25.39 -44.83
C PHE B 40 -4.65 -25.87 -45.35
N ASP B 41 -4.42 -27.17 -45.23
CA ASP B 41 -3.21 -27.80 -45.75
C ASP B 41 -3.64 -28.73 -46.88
N SER B 42 -3.10 -28.51 -48.07
CA SER B 42 -3.50 -29.29 -49.25
C SER B 42 -3.11 -30.75 -49.10
N ASP B 43 -2.09 -31.02 -48.30
CA ASP B 43 -1.70 -32.39 -47.98
C ASP B 43 -2.74 -33.06 -47.10
N VAL B 44 -3.57 -32.25 -46.46
CA VAL B 44 -4.63 -32.75 -45.58
C VAL B 44 -5.97 -32.79 -46.31
N GLY B 45 -6.22 -31.77 -47.12
CA GLY B 45 -7.42 -31.73 -47.94
C GLY B 45 -8.59 -30.99 -47.33
N GLU B 46 -8.46 -30.62 -46.06
CA GLU B 46 -9.53 -29.90 -45.37
C GLU B 46 -8.98 -29.00 -44.27
N TYR B 47 -9.84 -28.16 -43.71
CA TYR B 47 -9.46 -27.25 -42.65
C TYR B 47 -9.24 -27.96 -41.32
N ARG B 48 -8.35 -27.43 -40.51
CA ARG B 48 -8.06 -27.96 -39.18
C ARG B 48 -7.80 -26.79 -38.24
N ALA B 49 -8.52 -26.75 -37.13
CA ALA B 49 -8.29 -25.74 -36.12
C ALA B 49 -6.92 -25.95 -35.48
N VAL B 50 -6.12 -24.90 -35.44
CA VAL B 50 -4.81 -24.96 -34.79
C VAL B 50 -4.99 -24.70 -33.31
N THR B 51 -5.91 -23.78 -32.99
CA THR B 51 -6.29 -23.52 -31.61
C THR B 51 -7.80 -23.60 -31.47
N GLU B 52 -8.28 -23.57 -30.23
CA GLU B 52 -9.71 -23.68 -29.94
C GLU B 52 -10.49 -22.51 -30.51
N LEU B 53 -9.82 -21.37 -30.65
CA LEU B 53 -10.43 -20.17 -31.21
C LEU B 53 -10.85 -20.37 -32.66
N GLY B 54 -10.21 -21.32 -33.33
CA GLY B 54 -10.45 -21.55 -34.75
C GLY B 54 -11.38 -22.71 -35.03
N ARG B 55 -11.76 -23.44 -33.99
CA ARG B 55 -12.67 -24.58 -34.13
C ARG B 55 -14.00 -24.27 -34.84
N PRO B 56 -14.68 -23.18 -34.45
CA PRO B 56 -15.94 -22.92 -35.17
C PRO B 56 -15.76 -22.61 -36.65
N ASP B 57 -14.56 -22.20 -37.07
CA ASP B 57 -14.31 -21.93 -38.49
C ASP B 57 -13.94 -23.20 -39.25
N ALA B 58 -13.18 -24.08 -38.60
CA ALA B 58 -12.78 -25.35 -39.19
C ALA B 58 -13.99 -26.24 -39.48
N GLU B 59 -14.80 -26.48 -38.46
CA GLU B 59 -15.97 -27.35 -38.62
C GLU B 59 -17.04 -26.71 -39.51
N TYR B 60 -17.04 -25.38 -39.59
CA TYR B 60 -17.98 -24.67 -40.45
C TYR B 60 -17.57 -24.71 -41.92
N TRP B 61 -16.30 -24.39 -42.19
CA TRP B 61 -15.81 -24.38 -43.56
C TRP B 61 -15.78 -25.77 -44.18
N ASN B 62 -15.45 -26.77 -43.37
CA ASN B 62 -15.43 -28.16 -43.83
C ASN B 62 -16.82 -28.67 -44.20
N SER B 63 -17.85 -27.96 -43.73
CA SER B 63 -19.23 -28.36 -43.98
C SER B 63 -19.66 -27.99 -45.40
N GLN B 64 -18.85 -27.18 -46.07
CA GLN B 64 -19.18 -26.70 -47.41
C GLN B 64 -18.17 -27.22 -48.43
N LYS B 65 -18.48 -28.37 -49.04
CA LYS B 65 -17.61 -28.98 -50.03
C LYS B 65 -17.44 -28.10 -51.27
N ASP B 66 -18.29 -27.09 -51.39
CA ASP B 66 -18.16 -26.09 -52.44
C ASP B 66 -16.87 -25.31 -52.22
N LEU B 67 -16.55 -25.07 -50.94
CA LEU B 67 -15.36 -24.32 -50.57
C LEU B 67 -14.11 -25.18 -50.62
N LEU B 68 -14.23 -26.42 -50.15
CA LEU B 68 -13.08 -27.32 -50.10
C LEU B 68 -12.55 -27.67 -51.48
N GLU B 69 -13.44 -27.71 -52.48
CA GLU B 69 -13.05 -28.09 -53.82
C GLU B 69 -12.20 -27.00 -54.47
N GLN B 70 -12.55 -25.74 -54.20
CA GLN B 70 -11.80 -24.61 -54.73
C GLN B 70 -10.37 -24.62 -54.19
N ARG B 71 -10.23 -24.84 -52.89
CA ARG B 71 -8.94 -24.83 -52.22
C ARG B 71 -8.06 -26.02 -52.65
N ARG B 72 -8.66 -27.19 -52.78
CA ARG B 72 -7.93 -28.38 -53.19
C ARG B 72 -7.38 -28.22 -54.60
N ALA B 73 -8.15 -27.55 -55.45
CA ALA B 73 -7.77 -27.34 -56.84
C ALA B 73 -6.77 -26.20 -56.97
N ALA B 74 -6.63 -25.40 -55.92
CA ALA B 74 -5.80 -24.20 -55.97
C ALA B 74 -4.31 -24.50 -56.18
N VAL B 75 -3.89 -25.72 -55.88
CA VAL B 75 -2.49 -26.09 -56.12
C VAL B 75 -2.14 -25.99 -57.60
N ASP B 76 -3.15 -26.08 -58.45
CA ASP B 76 -2.98 -25.95 -59.89
C ASP B 76 -3.32 -24.54 -60.38
N THR B 77 -4.55 -24.12 -60.10
CA THR B 77 -5.06 -22.86 -60.63
C THR B 77 -4.42 -21.63 -59.99
N TYR B 78 -3.78 -21.81 -58.85
CA TYR B 78 -3.21 -20.70 -58.11
C TYR B 78 -1.69 -20.82 -57.98
N CYS B 79 -1.23 -21.84 -57.28
CA CYS B 79 0.19 -22.02 -57.02
C CYS B 79 1.03 -22.26 -58.29
N ARG B 80 0.66 -23.27 -59.07
CA ARG B 80 1.42 -23.60 -60.28
C ARG B 80 1.33 -22.51 -61.34
N HIS B 81 0.20 -21.81 -61.39
CA HIS B 81 0.02 -20.71 -62.33
C HIS B 81 0.96 -19.55 -61.99
N ASN B 82 0.96 -19.15 -60.72
CA ASN B 82 1.82 -18.06 -60.27
C ASN B 82 3.31 -18.37 -60.39
N TYR B 83 3.67 -19.64 -60.15
CA TYR B 83 5.04 -20.07 -60.36
C TYR B 83 5.39 -19.89 -61.82
N GLY B 84 4.49 -20.31 -62.70
CA GLY B 84 4.71 -20.21 -64.13
C GLY B 84 4.87 -18.78 -64.60
N VAL B 85 4.01 -17.90 -64.10
CA VAL B 85 4.04 -16.49 -64.50
C VAL B 85 5.28 -15.77 -64.01
N GLY B 86 5.69 -16.03 -62.77
CA GLY B 86 6.79 -15.32 -62.15
C GLY B 86 8.14 -16.00 -62.20
N GLU B 87 8.19 -17.17 -62.85
CA GLU B 87 9.40 -17.98 -62.87
C GLU B 87 10.63 -17.26 -63.42
N SER B 88 10.45 -16.55 -64.53
CA SER B 88 11.58 -15.91 -65.20
C SER B 88 12.24 -14.79 -64.39
N PHE B 89 11.44 -14.06 -63.61
CA PHE B 89 11.99 -12.95 -62.83
C PHE B 89 12.16 -13.21 -61.32
N THR B 90 11.75 -14.40 -60.88
CA THR B 90 11.93 -14.78 -59.48
C THR B 90 12.82 -16.01 -59.32
N VAL B 91 12.28 -17.18 -59.65
CA VAL B 91 13.00 -18.44 -59.54
C VAL B 91 14.33 -18.42 -60.32
N GLN B 92 14.29 -17.89 -61.54
CA GLN B 92 15.45 -17.93 -62.42
C GLN B 92 16.27 -16.64 -62.38
N ARG B 93 15.94 -15.75 -61.47
CA ARG B 93 16.69 -14.50 -61.30
C ARG B 93 18.12 -14.79 -60.88
N ARG B 94 19.08 -14.23 -61.61
CA ARG B 94 20.48 -14.44 -61.30
C ARG B 94 21.27 -13.14 -61.46
N VAL B 95 21.70 -12.58 -60.33
CA VAL B 95 22.51 -11.37 -60.35
C VAL B 95 23.91 -11.67 -59.82
N GLU B 96 24.92 -11.31 -60.61
CA GLU B 96 26.30 -11.63 -60.28
C GLU B 96 26.85 -10.77 -59.15
N PRO B 97 27.55 -11.40 -58.20
CA PRO B 97 28.15 -10.68 -57.07
C PRO B 97 29.37 -9.85 -57.46
N LYS B 98 29.46 -8.66 -56.89
CA LYS B 98 30.68 -7.86 -56.97
C LYS B 98 31.57 -8.26 -55.80
N VAL B 99 32.77 -8.74 -56.11
CA VAL B 99 33.67 -9.22 -55.07
C VAL B 99 34.88 -8.30 -54.90
N THR B 100 35.11 -7.87 -53.66
CA THR B 100 36.27 -7.06 -53.33
C THR B 100 36.97 -7.64 -52.11
N VAL B 101 38.30 -7.55 -52.09
CA VAL B 101 39.08 -7.99 -50.95
C VAL B 101 39.88 -6.82 -50.38
N TYR B 102 39.85 -6.68 -49.06
CA TYR B 102 40.58 -5.62 -48.37
C TYR B 102 40.80 -5.98 -46.91
N PRO B 103 41.92 -5.53 -46.33
CA PRO B 103 42.14 -5.71 -44.89
C PRO B 103 41.30 -4.71 -44.11
N SER B 104 40.72 -5.13 -42.98
CA SER B 104 39.87 -4.26 -42.19
C SER B 104 40.65 -3.09 -41.61
N LYS B 105 41.83 -3.38 -41.09
CA LYS B 105 42.65 -2.34 -40.47
C LYS B 105 43.84 -1.98 -41.32
N THR B 106 44.03 -0.68 -41.55
CA THR B 106 45.22 -0.20 -42.24
C THR B 106 46.32 -0.06 -41.21
N GLN B 107 47.39 -0.83 -41.37
CA GLN B 107 48.43 -0.95 -40.36
C GLN B 107 49.69 -1.56 -41.00
N PRO B 108 50.83 -1.49 -40.30
CA PRO B 108 52.02 -2.15 -40.83
C PRO B 108 51.82 -3.66 -40.84
N LEU B 109 52.57 -4.34 -41.67
CA LEU B 109 52.48 -5.79 -41.79
C LEU B 109 52.97 -6.49 -40.52
N GLN B 110 52.79 -7.82 -40.49
CA GLN B 110 53.21 -8.66 -39.37
C GLN B 110 52.46 -8.38 -38.07
N HIS B 111 51.23 -7.90 -38.18
CA HIS B 111 50.33 -7.80 -37.04
C HIS B 111 49.01 -8.45 -37.44
N HIS B 112 48.30 -9.02 -36.47
CA HIS B 112 47.06 -9.73 -36.77
C HIS B 112 46.08 -8.82 -37.47
N ASN B 113 45.44 -9.35 -38.51
CA ASN B 113 44.47 -8.56 -39.27
C ASN B 113 43.33 -9.43 -39.76
N LEU B 114 42.19 -8.82 -40.02
CA LEU B 114 41.05 -9.51 -40.59
C LEU B 114 40.96 -9.16 -42.07
N LEU B 115 41.27 -10.13 -42.93
CA LEU B 115 41.14 -9.94 -44.36
C LEU B 115 39.72 -10.23 -44.80
N VAL B 116 39.01 -9.19 -45.23
CA VAL B 116 37.62 -9.37 -45.62
C VAL B 116 37.42 -9.57 -47.11
N CYS B 117 36.65 -10.60 -47.45
CA CYS B 117 36.17 -10.80 -48.81
C CYS B 117 34.71 -10.39 -48.86
N SER B 118 34.46 -9.21 -49.42
CA SER B 118 33.09 -8.72 -49.52
C SER B 118 32.42 -9.22 -50.79
N VAL B 119 31.26 -9.84 -50.62
CA VAL B 119 30.49 -10.35 -51.73
C VAL B 119 29.10 -9.71 -51.66
N SER B 120 28.83 -8.79 -52.59
CA SER B 120 27.59 -8.02 -52.49
C SER B 120 26.78 -7.95 -53.79
N GLY B 121 25.49 -7.63 -53.64
CA GLY B 121 24.61 -7.38 -54.77
C GLY B 121 24.21 -8.62 -55.56
N PHE B 122 24.29 -9.79 -54.94
CA PHE B 122 24.01 -11.04 -55.65
C PHE B 122 22.64 -11.65 -55.36
N TYR B 123 22.19 -12.49 -56.29
CA TYR B 123 20.96 -13.24 -56.16
C TYR B 123 21.07 -14.46 -57.07
N PRO B 124 20.62 -15.63 -56.59
CA PRO B 124 19.97 -15.89 -55.30
C PRO B 124 20.95 -16.01 -54.14
N GLY B 125 20.43 -16.43 -52.99
CA GLY B 125 21.20 -16.44 -51.75
C GLY B 125 22.30 -17.48 -51.66
N SER B 126 22.04 -18.67 -52.18
CA SER B 126 22.98 -19.77 -52.09
C SER B 126 24.32 -19.39 -52.70
N ILE B 127 25.39 -19.62 -51.98
CA ILE B 127 26.71 -19.19 -52.39
C ILE B 127 27.76 -19.88 -51.54
N GLU B 128 28.98 -20.02 -52.07
CA GLU B 128 30.09 -20.44 -51.23
C GLU B 128 31.35 -19.62 -51.46
N VAL B 129 31.93 -19.17 -50.35
CA VAL B 129 33.11 -18.33 -50.37
C VAL B 129 34.23 -19.09 -49.67
N ARG B 130 35.38 -19.19 -50.35
CA ARG B 130 36.52 -19.89 -49.79
C ARG B 130 37.77 -19.00 -49.77
N TRP B 131 38.57 -19.15 -48.72
CA TRP B 131 39.82 -18.40 -48.61
C TRP B 131 41.01 -19.28 -48.95
N PHE B 132 41.94 -18.74 -49.72
CA PHE B 132 43.15 -19.44 -50.08
C PHE B 132 44.37 -18.60 -49.72
N ARG B 133 45.39 -19.25 -49.18
CA ARG B 133 46.64 -18.57 -48.88
C ARG B 133 47.79 -19.25 -49.61
N ASN B 134 48.39 -18.54 -50.56
CA ASN B 134 49.42 -19.08 -51.43
C ASN B 134 48.96 -20.34 -52.17
N GLY B 135 47.70 -20.35 -52.59
CA GLY B 135 47.15 -21.45 -53.36
C GLY B 135 46.62 -22.60 -52.52
N GLN B 136 46.73 -22.47 -51.20
CA GLN B 136 46.20 -23.50 -50.30
C GLN B 136 45.00 -22.98 -49.52
N GLU B 137 43.95 -23.77 -49.47
CA GLU B 137 42.73 -23.34 -48.79
C GLU B 137 42.87 -23.32 -47.28
N GLU B 138 42.51 -22.20 -46.67
CA GLU B 138 42.43 -22.10 -45.23
C GLU B 138 41.00 -22.31 -44.78
N LYS B 139 40.78 -23.29 -43.91
CA LYS B 139 39.45 -23.60 -43.42
C LYS B 139 39.24 -23.08 -42.00
N ALA B 140 40.34 -22.87 -41.28
CA ALA B 140 40.28 -22.36 -39.92
C ALA B 140 40.42 -20.84 -39.87
N GLY B 141 39.80 -20.22 -38.88
CA GLY B 141 39.91 -18.80 -38.69
C GLY B 141 39.05 -17.98 -39.63
N VAL B 142 38.02 -18.62 -40.18
CA VAL B 142 37.11 -17.93 -41.09
C VAL B 142 35.88 -17.43 -40.34
N VAL B 143 35.68 -16.12 -40.37
CA VAL B 143 34.56 -15.50 -39.68
C VAL B 143 33.61 -14.85 -40.69
N SER B 144 32.35 -15.28 -40.67
CA SER B 144 31.38 -14.81 -41.64
C SER B 144 30.18 -14.13 -40.98
N THR B 145 29.64 -13.12 -41.66
CA THR B 145 28.42 -12.46 -41.22
C THR B 145 27.21 -13.28 -41.63
N GLY B 146 27.46 -14.35 -42.38
CA GLY B 146 26.38 -15.16 -42.91
C GLY B 146 25.67 -14.43 -44.05
N LEU B 147 24.54 -14.97 -44.47
CA LEU B 147 23.78 -14.38 -45.55
C LEU B 147 22.97 -13.19 -45.06
N ILE B 148 23.13 -12.05 -45.73
CA ILE B 148 22.39 -10.84 -45.38
C ILE B 148 21.46 -10.41 -46.50
N GLN B 149 20.16 -10.37 -46.20
CA GLN B 149 19.16 -10.00 -47.19
C GLN B 149 18.92 -8.50 -47.16
N ASN B 150 19.18 -7.83 -48.28
CA ASN B 150 19.09 -6.37 -48.34
C ASN B 150 17.68 -5.83 -48.52
N GLY B 151 16.76 -6.70 -48.95
CA GLY B 151 15.37 -6.31 -49.11
C GLY B 151 15.05 -5.72 -50.46
N ASP B 152 16.05 -5.67 -51.34
CA ASP B 152 15.86 -5.17 -52.69
C ASP B 152 16.20 -6.24 -53.73
N TRP B 153 15.91 -7.49 -53.38
CA TRP B 153 16.24 -8.64 -54.22
C TRP B 153 17.74 -8.81 -54.45
N THR B 154 18.53 -8.41 -53.45
CA THR B 154 19.97 -8.64 -53.46
C THR B 154 20.43 -9.14 -52.10
N PHE B 155 21.48 -9.94 -52.09
CA PHE B 155 22.11 -10.38 -50.86
C PHE B 155 23.51 -9.79 -50.76
N GLN B 156 24.07 -9.80 -49.56
CA GLN B 156 25.47 -9.50 -49.36
C GLN B 156 26.02 -10.36 -48.23
N THR B 157 27.34 -10.53 -48.20
CA THR B 157 27.98 -11.27 -47.13
C THR B 157 29.44 -10.87 -46.99
N LEU B 158 29.95 -10.94 -45.76
CA LEU B 158 31.35 -10.69 -45.50
C LEU B 158 31.99 -11.93 -44.93
N VAL B 159 32.95 -12.49 -45.65
CA VAL B 159 33.69 -13.65 -45.18
C VAL B 159 35.10 -13.22 -44.86
N MET B 160 35.45 -13.27 -43.59
CA MET B 160 36.72 -12.73 -43.12
C MET B 160 37.71 -13.81 -42.73
N LEU B 161 38.98 -13.61 -43.06
CA LEU B 161 40.03 -14.54 -42.71
C LEU B 161 40.98 -13.93 -41.67
N GLU B 162 41.14 -14.61 -40.55
CA GLU B 162 42.09 -14.17 -39.53
C GLU B 162 43.49 -14.48 -40.00
N THR B 163 44.35 -13.46 -40.05
CA THR B 163 45.69 -13.69 -40.54
C THR B 163 46.73 -12.71 -39.98
N VAL B 164 47.99 -13.13 -40.02
CA VAL B 164 49.12 -12.25 -39.75
C VAL B 164 49.90 -12.17 -41.06
N PRO B 165 49.55 -11.18 -41.90
CA PRO B 165 50.09 -11.12 -43.26
C PRO B 165 51.59 -10.82 -43.29
N ARG B 166 52.36 -11.73 -43.87
CA ARG B 166 53.79 -11.53 -44.06
C ARG B 166 54.04 -11.10 -45.50
N SER B 167 55.12 -10.34 -45.70
CA SER B 167 55.44 -9.83 -47.03
C SER B 167 55.70 -10.96 -48.03
N GLY B 168 55.15 -10.83 -49.23
CA GLY B 168 55.32 -11.83 -50.26
C GLY B 168 54.15 -12.79 -50.36
N GLU B 169 53.27 -12.76 -49.36
CA GLU B 169 52.12 -13.66 -49.34
C GLU B 169 51.04 -13.23 -50.32
N VAL B 170 50.35 -14.21 -50.90
CA VAL B 170 49.25 -13.95 -51.81
C VAL B 170 47.97 -14.60 -51.30
N TYR B 171 46.99 -13.77 -50.95
CA TYR B 171 45.71 -14.26 -50.45
C TYR B 171 44.64 -14.17 -51.54
N THR B 172 43.88 -15.25 -51.72
CA THR B 172 42.87 -15.31 -52.76
C THR B 172 41.50 -15.71 -52.22
N CYS B 173 40.49 -14.93 -52.57
CA CYS B 173 39.12 -15.25 -52.21
C CYS B 173 38.40 -15.85 -53.42
N GLN B 174 37.79 -17.03 -53.22
CA GLN B 174 37.10 -17.73 -54.31
C GLN B 174 35.60 -17.83 -54.06
N VAL B 175 34.82 -17.30 -54.98
CA VAL B 175 33.37 -17.29 -54.85
C VAL B 175 32.69 -18.13 -55.92
N GLU B 176 31.86 -19.07 -55.49
CA GLU B 176 31.05 -19.84 -56.41
C GLU B 176 29.57 -19.50 -56.25
N HIS B 177 28.92 -19.25 -57.38
CA HIS B 177 27.55 -18.75 -57.39
C HIS B 177 26.89 -19.11 -58.72
N PRO B 178 25.58 -19.44 -58.69
CA PRO B 178 24.85 -19.84 -59.90
C PRO B 178 24.80 -18.79 -61.00
N SER B 179 25.25 -17.57 -60.73
CA SER B 179 25.25 -16.51 -61.73
C SER B 179 26.48 -16.59 -62.62
N VAL B 180 27.43 -17.45 -62.26
CA VAL B 180 28.65 -17.62 -63.05
C VAL B 180 28.98 -19.10 -63.23
N THR B 181 29.63 -19.41 -64.35
CA THR B 181 29.95 -20.79 -64.70
C THR B 181 31.29 -21.21 -64.11
N SER B 182 32.16 -20.24 -63.90
CA SER B 182 33.46 -20.48 -63.28
C SER B 182 33.63 -19.57 -62.07
N PRO B 183 34.35 -20.03 -61.04
CA PRO B 183 34.51 -19.29 -59.78
C PRO B 183 35.10 -17.90 -59.99
N LEU B 184 34.59 -16.93 -59.22
CA LEU B 184 35.19 -15.60 -59.19
C LEU B 184 36.34 -15.63 -58.20
N THR B 185 37.49 -15.09 -58.60
CA THR B 185 38.65 -15.05 -57.73
C THR B 185 39.22 -13.63 -57.63
N VAL B 186 39.35 -13.14 -56.41
CA VAL B 186 40.00 -11.86 -56.17
C VAL B 186 41.17 -12.07 -55.22
N GLU B 187 42.34 -11.55 -55.58
CA GLU B 187 43.52 -11.75 -54.78
C GLU B 187 43.98 -10.47 -54.08
N TRP B 188 44.63 -10.65 -52.93
CA TRP B 188 45.27 -9.55 -52.22
C TRP B 188 46.71 -9.94 -51.92
N ARG B 189 47.65 -9.15 -52.42
CA ARG B 189 49.06 -9.45 -52.22
C ARG B 189 49.63 -8.62 -51.09
N ALA B 190 50.22 -9.29 -50.10
CA ALA B 190 50.85 -8.60 -48.99
C ALA B 190 52.18 -8.00 -49.41
N GLU C 3 3.64 -5.32 -13.55
CA GLU C 3 4.23 -6.55 -13.06
C GLU C 3 5.61 -6.31 -12.46
N GLU C 4 5.81 -6.77 -11.22
CA GLU C 4 7.06 -6.54 -10.52
C GLU C 4 8.08 -7.64 -10.78
N HIS C 5 7.72 -8.89 -10.48
CA HIS C 5 8.67 -10.00 -10.59
C HIS C 5 8.02 -11.29 -11.06
N VAL C 6 8.83 -12.15 -11.68
CA VAL C 6 8.39 -13.46 -12.12
C VAL C 6 9.35 -14.53 -11.63
N ILE C 7 8.82 -15.54 -10.95
CA ILE C 7 9.62 -16.70 -10.58
C ILE C 7 9.17 -17.90 -11.43
N ILE C 8 10.09 -18.47 -12.19
CA ILE C 8 9.75 -19.57 -13.08
C ILE C 8 10.50 -20.85 -12.76
N GLN C 9 9.74 -21.92 -12.49
CA GLN C 9 10.29 -23.26 -12.40
C GLN C 9 10.18 -23.88 -13.79
N ALA C 10 11.33 -24.15 -14.41
CA ALA C 10 11.33 -24.64 -15.78
C ALA C 10 12.01 -26.01 -15.90
N GLU C 11 11.31 -26.94 -16.52
CA GLU C 11 11.82 -28.29 -16.73
C GLU C 11 11.76 -28.63 -18.20
N PHE C 12 12.68 -29.48 -18.65
CA PHE C 12 12.56 -30.07 -19.98
C PHE C 12 13.10 -31.49 -20.05
N TYR C 13 12.58 -32.25 -21.00
CA TYR C 13 13.17 -33.54 -21.35
C TYR C 13 13.23 -33.67 -22.86
N LEU C 14 14.35 -34.18 -23.36
CA LEU C 14 14.58 -34.25 -24.80
C LEU C 14 14.98 -35.64 -25.27
N ASN C 15 14.27 -36.15 -26.27
CA ASN C 15 14.59 -37.43 -26.89
C ASN C 15 15.13 -37.20 -28.30
N PRO C 16 15.98 -38.12 -28.80
CA PRO C 16 16.48 -39.32 -28.13
C PRO C 16 17.67 -39.05 -27.21
N ASP C 17 18.06 -37.78 -27.09
CA ASP C 17 19.24 -37.40 -26.32
C ASP C 17 19.15 -37.83 -24.86
N GLN C 18 17.92 -37.88 -24.34
CA GLN C 18 17.67 -38.19 -22.93
C GLN C 18 18.34 -37.17 -22.01
N SER C 19 18.30 -35.91 -22.44
CA SER C 19 18.79 -34.80 -21.63
C SER C 19 17.62 -34.19 -20.86
N GLY C 20 17.77 -34.14 -19.54
CA GLY C 20 16.75 -33.52 -18.69
C GLY C 20 17.33 -32.30 -18.00
N GLU C 21 16.44 -31.39 -17.60
CA GLU C 21 16.86 -30.20 -16.87
C GLU C 21 15.77 -29.71 -15.93
N PHE C 22 16.18 -29.29 -14.74
CA PHE C 22 15.29 -28.71 -13.75
C PHE C 22 15.95 -27.46 -13.21
N MET C 23 15.28 -26.32 -13.36
CA MET C 23 15.87 -25.05 -12.91
C MET C 23 14.82 -24.03 -12.47
N PHE C 24 15.25 -23.08 -11.65
CA PHE C 24 14.42 -21.94 -11.28
C PHE C 24 14.96 -20.66 -11.89
N ASP C 25 14.06 -19.79 -12.32
CA ASP C 25 14.43 -18.55 -12.99
C ASP C 25 13.77 -17.38 -12.27
N PHE C 26 14.53 -16.32 -12.03
CA PHE C 26 13.99 -15.11 -11.42
C PHE C 26 14.32 -13.90 -12.28
N ASP C 27 13.29 -13.28 -12.85
CA ASP C 27 13.45 -12.12 -13.73
C ASP C 27 14.50 -12.34 -14.83
N GLY C 28 14.56 -13.57 -15.34
CA GLY C 28 15.48 -13.88 -16.42
C GLY C 28 16.81 -14.45 -15.97
N ASP C 29 17.03 -14.45 -14.65
CA ASP C 29 18.27 -14.97 -14.09
C ASP C 29 18.06 -16.32 -13.38
N GLU C 30 19.01 -17.23 -13.56
CA GLU C 30 18.93 -18.54 -12.93
C GLU C 30 19.18 -18.45 -11.43
N ILE C 31 18.26 -18.98 -10.64
CA ILE C 31 18.48 -19.08 -9.20
C ILE C 31 19.31 -20.32 -8.92
N PHE C 32 18.84 -21.46 -9.43
CA PHE C 32 19.59 -22.71 -9.34
C PHE C 32 19.11 -23.72 -10.37
N HIS C 33 19.89 -24.79 -10.53
CA HIS C 33 19.47 -25.94 -11.33
C HIS C 33 19.92 -27.19 -10.61
N VAL C 34 19.37 -28.34 -11.00
CA VAL C 34 19.75 -29.59 -10.37
C VAL C 34 20.65 -30.41 -11.29
N ASP C 35 21.85 -30.72 -10.80
CA ASP C 35 22.76 -31.58 -11.55
C ASP C 35 22.18 -32.98 -11.57
N MET C 36 21.64 -33.39 -12.71
CA MET C 36 20.97 -34.68 -12.83
C MET C 36 21.90 -35.85 -12.57
N ALA C 37 23.14 -35.74 -13.04
CA ALA C 37 24.13 -36.79 -12.89
C ALA C 37 24.53 -36.98 -11.42
N LYS C 38 24.93 -35.90 -10.77
CA LYS C 38 25.40 -35.97 -9.39
C LYS C 38 24.25 -35.90 -8.38
N LYS C 39 23.04 -35.66 -8.89
CA LYS C 39 21.84 -35.58 -8.07
C LYS C 39 21.96 -34.57 -6.93
N GLU C 40 22.37 -33.34 -7.27
CA GLU C 40 22.49 -32.30 -6.26
C GLU C 40 22.12 -30.92 -6.77
N THR C 41 21.82 -30.01 -5.85
CA THR C 41 21.38 -28.66 -6.17
C THR C 41 22.57 -27.73 -6.43
N VAL C 42 22.56 -27.07 -7.58
CA VAL C 42 23.62 -26.13 -7.94
C VAL C 42 23.11 -24.70 -7.99
N TRP C 43 23.40 -23.92 -6.96
CA TRP C 43 22.99 -22.53 -6.91
C TRP C 43 23.86 -21.68 -7.84
N ARG C 44 23.25 -20.72 -8.51
CA ARG C 44 23.95 -19.90 -9.50
C ARG C 44 25.03 -19.06 -8.83
N LEU C 45 24.68 -18.47 -7.70
CA LEU C 45 25.66 -17.82 -6.84
C LEU C 45 25.69 -18.60 -5.54
N GLU C 46 26.89 -18.99 -5.09
CA GLU C 46 27.07 -19.84 -3.92
C GLU C 46 26.35 -19.30 -2.69
N GLU C 47 26.33 -17.98 -2.55
CA GLU C 47 25.68 -17.33 -1.43
C GLU C 47 24.20 -17.64 -1.31
N PHE C 48 23.56 -17.96 -2.43
CA PHE C 48 22.15 -18.28 -2.46
C PHE C 48 21.85 -19.49 -1.57
N GLY C 49 22.76 -20.45 -1.59
CA GLY C 49 22.60 -21.67 -0.80
C GLY C 49 22.70 -21.45 0.70
N ARG C 50 23.01 -20.22 1.11
CA ARG C 50 23.11 -19.89 2.53
C ARG C 50 21.79 -19.33 3.04
N PHE C 51 20.85 -19.09 2.14
CA PHE C 51 19.54 -18.56 2.52
C PHE C 51 18.44 -19.58 2.28
N ALA C 52 18.63 -20.43 1.27
CA ALA C 52 17.60 -21.38 0.87
C ALA C 52 18.16 -22.78 0.63
N SER C 53 17.28 -23.76 0.61
CA SER C 53 17.67 -25.14 0.35
C SER C 53 16.69 -25.77 -0.64
N PHE C 54 17.13 -26.85 -1.29
CA PHE C 54 16.26 -27.59 -2.19
C PHE C 54 16.69 -29.05 -2.29
N GLU C 55 15.76 -29.96 -2.01
CA GLU C 55 16.05 -31.38 -2.08
C GLU C 55 16.08 -31.84 -3.53
N ALA C 56 17.28 -32.08 -4.04
CA ALA C 56 17.48 -32.40 -5.46
C ALA C 56 16.73 -33.65 -5.92
N GLN C 57 16.48 -34.57 -5.01
CA GLN C 57 15.79 -35.82 -5.33
C GLN C 57 14.40 -35.57 -5.89
N GLY C 58 13.76 -34.51 -5.41
CA GLY C 58 12.43 -34.14 -5.88
C GLY C 58 12.42 -33.79 -7.35
N ALA C 59 13.52 -33.21 -7.83
CA ALA C 59 13.64 -32.85 -9.24
C ALA C 59 13.76 -34.10 -10.11
N LEU C 60 14.36 -35.15 -9.55
CA LEU C 60 14.58 -36.38 -10.29
C LEU C 60 13.26 -37.04 -10.66
N ALA C 61 12.33 -37.06 -9.70
CA ALA C 61 11.01 -37.63 -9.92
C ALA C 61 10.21 -36.80 -10.92
N ASN C 62 10.46 -35.49 -10.93
CA ASN C 62 9.82 -34.59 -11.87
C ASN C 62 10.23 -34.90 -13.31
N ILE C 63 11.52 -35.13 -13.51
CA ILE C 63 12.07 -35.42 -14.83
C ILE C 63 11.56 -36.76 -15.37
N ALA C 64 11.39 -37.73 -14.46
CA ALA C 64 10.82 -39.02 -14.82
C ALA C 64 9.41 -38.84 -15.36
N VAL C 65 8.64 -37.98 -14.70
CA VAL C 65 7.29 -37.64 -15.14
C VAL C 65 7.32 -36.97 -16.52
N ASP C 66 8.28 -36.07 -16.71
CA ASP C 66 8.42 -35.35 -17.97
C ASP C 66 8.78 -36.30 -19.11
N LYS C 67 9.58 -37.32 -18.80
CA LYS C 67 10.00 -38.30 -19.80
C LYS C 67 8.81 -39.11 -20.31
N ALA C 68 7.98 -39.57 -19.37
CA ALA C 68 6.79 -40.34 -19.72
C ALA C 68 5.81 -39.49 -20.52
N ASN C 69 5.68 -38.23 -20.12
CA ASN C 69 4.78 -37.30 -20.79
C ASN C 69 5.24 -36.93 -22.20
N LEU C 70 6.55 -36.80 -22.38
CA LEU C 70 7.12 -36.49 -23.70
C LEU C 70 6.80 -37.59 -24.70
N GLU C 71 7.01 -38.83 -24.28
CA GLU C 71 6.82 -39.97 -25.16
C GLU C 71 5.35 -40.17 -25.50
N ILE C 72 4.47 -39.74 -24.61
CA ILE C 72 3.03 -39.73 -24.87
C ILE C 72 2.71 -38.67 -25.93
N MET C 73 3.21 -37.46 -25.74
CA MET C 73 2.98 -36.38 -26.71
C MET C 73 3.65 -36.68 -28.04
N THR C 74 4.79 -37.35 -28.00
CA THR C 74 5.48 -37.75 -29.21
C THR C 74 4.59 -38.69 -30.02
N LYS C 75 4.06 -39.71 -29.34
CA LYS C 75 3.15 -40.65 -29.98
C LYS C 75 1.86 -39.98 -30.44
N ARG C 76 1.28 -39.14 -29.58
CA ARG C 76 0.06 -38.41 -29.92
C ARG C 76 0.27 -37.48 -31.11
N SER C 77 1.48 -36.96 -31.24
CA SER C 77 1.84 -36.12 -32.39
C SER C 77 2.06 -36.97 -33.63
N ASN C 78 1.96 -38.28 -33.45
CA ASN C 78 2.41 -39.24 -34.46
C ASN C 78 3.85 -38.95 -34.87
N TYR C 79 4.68 -38.73 -33.84
CA TYR C 79 6.11 -38.54 -33.98
C TYR C 79 6.48 -37.34 -34.85
N THR C 80 5.95 -36.17 -34.48
CA THR C 80 6.24 -34.93 -35.17
C THR C 80 7.45 -34.25 -34.51
N PRO C 81 8.60 -34.26 -35.20
CA PRO C 81 9.86 -33.75 -34.68
C PRO C 81 9.86 -32.24 -34.50
N ILE C 82 10.76 -31.74 -33.66
CA ILE C 82 10.90 -30.31 -33.44
C ILE C 82 11.59 -29.66 -34.65
N THR C 83 11.19 -28.43 -34.96
CA THR C 83 11.86 -27.66 -35.99
C THR C 83 13.05 -26.92 -35.38
N ASN C 84 14.25 -27.22 -35.87
CA ASN C 84 15.46 -26.58 -35.36
C ASN C 84 15.48 -25.08 -35.60
N VAL C 85 15.63 -24.31 -34.53
CA VAL C 85 15.80 -22.87 -34.65
C VAL C 85 17.23 -22.49 -34.26
N PRO C 86 17.97 -21.86 -35.17
CA PRO C 86 19.38 -21.50 -34.96
C PRO C 86 19.54 -20.28 -34.06
N PRO C 87 20.60 -20.27 -33.24
CA PRO C 87 20.84 -19.21 -32.26
C PRO C 87 21.38 -17.91 -32.84
N GLU C 88 20.97 -16.79 -32.26
CA GLU C 88 21.68 -15.53 -32.41
C GLU C 88 22.84 -15.59 -31.44
N VAL C 89 24.02 -15.22 -31.91
CA VAL C 89 25.20 -15.24 -31.06
C VAL C 89 25.84 -13.85 -31.00
N THR C 90 26.18 -13.40 -29.79
CA THR C 90 26.89 -12.15 -29.60
C THR C 90 27.99 -12.28 -28.55
N VAL C 91 29.12 -11.64 -28.81
CA VAL C 91 30.25 -11.67 -27.89
C VAL C 91 30.48 -10.29 -27.27
N LEU C 92 30.59 -10.26 -25.95
CA LEU C 92 30.70 -9.01 -25.21
C LEU C 92 31.73 -9.16 -24.10
N THR C 93 32.25 -8.05 -23.63
CA THR C 93 33.04 -8.04 -22.39
C THR C 93 32.10 -7.55 -21.30
N ASN C 94 32.39 -7.90 -20.05
CA ASN C 94 31.51 -7.49 -18.96
C ASN C 94 31.87 -6.13 -18.38
N SER C 95 32.94 -5.52 -18.89
CA SER C 95 33.35 -4.19 -18.49
C SER C 95 34.22 -3.60 -19.60
N PRO C 96 34.38 -2.26 -19.64
CA PRO C 96 35.22 -1.65 -20.68
C PRO C 96 36.63 -2.22 -20.67
N VAL C 97 37.10 -2.64 -21.84
CA VAL C 97 38.41 -3.25 -21.95
C VAL C 97 39.53 -2.26 -21.69
N GLU C 98 40.41 -2.62 -20.76
CA GLU C 98 41.63 -1.87 -20.52
C GLU C 98 42.79 -2.84 -20.70
N LEU C 99 43.76 -2.45 -21.53
CA LEU C 99 44.89 -3.31 -21.85
C LEU C 99 45.65 -3.77 -20.61
N ARG C 100 45.94 -5.06 -20.57
CA ARG C 100 46.66 -5.69 -19.46
C ARG C 100 45.91 -5.65 -18.13
N GLU C 101 44.59 -5.48 -18.19
CA GLU C 101 43.75 -5.55 -17.01
C GLU C 101 42.70 -6.64 -17.18
N PRO C 102 42.61 -7.56 -16.20
CA PRO C 102 41.76 -8.75 -16.27
C PRO C 102 40.31 -8.41 -16.63
N ASN C 103 39.71 -9.21 -17.49
CA ASN C 103 38.34 -8.98 -17.94
C ASN C 103 37.68 -10.31 -18.27
N VAL C 104 36.42 -10.28 -18.70
CA VAL C 104 35.71 -11.52 -19.02
C VAL C 104 34.97 -11.41 -20.36
N LEU C 105 35.21 -12.39 -21.23
CA LEU C 105 34.47 -12.48 -22.49
C LEU C 105 33.17 -13.25 -22.28
N ILE C 106 32.06 -12.65 -22.70
CA ILE C 106 30.75 -13.29 -22.58
C ILE C 106 30.23 -13.68 -23.96
N CYS C 107 29.95 -14.97 -24.13
CA CYS C 107 29.31 -15.44 -25.35
C CYS C 107 27.83 -15.69 -25.10
N PHE C 108 26.98 -14.79 -25.57
CA PHE C 108 25.54 -14.91 -25.37
C PHE C 108 24.86 -15.62 -26.55
N ILE C 109 24.35 -16.82 -26.26
CA ILE C 109 23.67 -17.64 -27.24
C ILE C 109 22.17 -17.59 -26.96
N ASP C 110 21.39 -17.15 -27.94
CA ASP C 110 20.01 -16.78 -27.68
C ASP C 110 19.03 -17.19 -28.78
N LYS C 111 17.79 -17.47 -28.37
CA LYS C 111 16.67 -17.73 -29.29
C LYS C 111 16.88 -18.97 -30.15
N PHE C 112 17.20 -20.10 -29.52
CA PHE C 112 17.43 -21.34 -30.23
C PHE C 112 16.69 -22.52 -29.61
N THR C 113 16.49 -23.56 -30.41
CA THR C 113 15.91 -24.82 -29.94
C THR C 113 16.19 -25.88 -31.01
N PRO C 114 16.35 -27.16 -30.60
CA PRO C 114 16.31 -27.76 -29.27
C PRO C 114 17.48 -27.32 -28.40
N PRO C 115 17.40 -27.54 -27.06
CA PRO C 115 18.48 -27.12 -26.17
C PRO C 115 19.68 -28.05 -26.24
N VAL C 116 20.35 -28.07 -27.39
CA VAL C 116 21.61 -28.79 -27.55
C VAL C 116 22.55 -27.89 -28.34
N VAL C 117 23.74 -27.66 -27.80
CA VAL C 117 24.69 -26.76 -28.45
C VAL C 117 26.13 -27.11 -28.05
N ASN C 118 27.05 -26.93 -28.99
CA ASN C 118 28.47 -27.12 -28.72
C ASN C 118 29.21 -25.81 -28.85
N VAL C 119 29.86 -25.39 -27.77
CA VAL C 119 30.52 -24.09 -27.72
C VAL C 119 32.01 -24.22 -27.46
N THR C 120 32.81 -23.47 -28.21
CA THR C 120 34.25 -23.48 -28.05
C THR C 120 34.79 -22.07 -28.08
N TRP C 121 35.67 -21.75 -27.13
CA TRP C 121 36.41 -20.50 -27.16
C TRP C 121 37.69 -20.69 -27.96
N LEU C 122 37.99 -19.74 -28.84
CA LEU C 122 39.20 -19.81 -29.64
C LEU C 122 40.06 -18.58 -29.43
N ARG C 123 41.32 -18.78 -29.09
CA ARG C 123 42.29 -17.69 -29.01
C ARG C 123 43.33 -17.86 -30.10
N ASN C 124 43.33 -16.95 -31.07
CA ASN C 124 44.21 -17.04 -32.23
C ASN C 124 44.03 -18.37 -32.97
N GLY C 125 42.79 -18.83 -33.03
CA GLY C 125 42.45 -20.06 -33.73
C GLY C 125 42.58 -21.32 -32.89
N LYS C 126 42.98 -21.15 -31.63
CA LYS C 126 43.22 -22.29 -30.75
C LYS C 126 42.22 -22.34 -29.60
N PRO C 127 41.63 -23.53 -29.37
CA PRO C 127 40.67 -23.75 -28.28
C PRO C 127 41.22 -23.41 -26.90
N VAL C 128 40.42 -22.70 -26.11
CA VAL C 128 40.80 -22.30 -24.77
C VAL C 128 39.78 -22.80 -23.75
N THR C 129 40.27 -23.39 -22.67
CA THR C 129 39.38 -23.94 -21.64
C THR C 129 39.73 -23.46 -20.24
N THR C 130 40.80 -22.66 -20.13
CA THR C 130 41.28 -22.21 -18.84
C THR C 130 40.32 -21.22 -18.17
N GLY C 131 39.69 -21.66 -17.09
CA GLY C 131 38.84 -20.79 -16.30
C GLY C 131 37.49 -20.51 -16.92
N VAL C 132 37.18 -21.20 -18.01
CA VAL C 132 35.90 -21.00 -18.68
C VAL C 132 34.77 -21.58 -17.84
N SER C 133 33.57 -21.06 -18.04
CA SER C 133 32.38 -21.59 -17.38
C SER C 133 31.18 -21.35 -18.27
N GLU C 134 30.06 -21.96 -17.90
CA GLU C 134 28.85 -21.83 -18.69
C GLU C 134 27.62 -22.02 -17.81
N THR C 135 26.48 -21.56 -18.32
CA THR C 135 25.21 -21.77 -17.65
C THR C 135 24.49 -22.93 -18.30
N VAL C 136 23.45 -23.41 -17.64
CA VAL C 136 22.54 -24.38 -18.27
C VAL C 136 21.64 -23.60 -19.23
N PHE C 137 20.72 -24.30 -19.87
CA PHE C 137 19.81 -23.65 -20.81
C PHE C 137 18.77 -22.83 -20.06
N LEU C 138 18.59 -21.57 -20.46
CA LEU C 138 17.64 -20.69 -19.79
C LEU C 138 16.36 -20.57 -20.61
N PRO C 139 15.21 -20.54 -19.92
CA PRO C 139 13.91 -20.48 -20.60
C PRO C 139 13.61 -19.11 -21.20
N ARG C 140 12.79 -19.09 -22.25
CA ARG C 140 12.33 -17.85 -22.85
C ARG C 140 10.81 -17.86 -22.98
N GLU C 141 10.23 -16.66 -23.09
CA GLU C 141 8.79 -16.54 -23.23
C GLU C 141 8.26 -17.23 -24.48
N ASP C 142 9.06 -17.21 -25.55
CA ASP C 142 8.69 -17.87 -26.81
C ASP C 142 9.06 -19.35 -26.82
N HIS C 143 9.46 -19.87 -25.66
CA HIS C 143 9.80 -21.28 -25.47
C HIS C 143 11.08 -21.72 -26.19
N LEU C 144 11.83 -20.75 -26.71
CA LEU C 144 13.19 -21.00 -27.16
C LEU C 144 14.10 -20.95 -25.93
N PHE C 145 15.41 -21.03 -26.14
CA PHE C 145 16.34 -21.07 -25.01
C PHE C 145 17.44 -20.01 -25.06
N ARG C 146 18.05 -19.79 -23.90
CA ARG C 146 19.19 -18.88 -23.78
C ARG C 146 20.35 -19.66 -23.17
N LYS C 147 21.57 -19.14 -23.34
CA LYS C 147 22.74 -19.75 -22.73
C LYS C 147 23.90 -18.75 -22.67
N PHE C 148 24.69 -18.86 -21.60
CA PHE C 148 25.86 -17.99 -21.43
C PHE C 148 27.11 -18.82 -21.27
N HIS C 149 28.17 -18.43 -21.98
CA HIS C 149 29.49 -19.00 -21.78
C HIS C 149 30.47 -17.88 -21.46
N TYR C 150 31.44 -18.17 -20.60
CA TYR C 150 32.35 -17.14 -20.12
C TYR C 150 33.82 -17.51 -20.30
N LEU C 151 34.63 -16.51 -20.61
CA LEU C 151 36.07 -16.69 -20.69
C LEU C 151 36.78 -15.49 -20.08
N PRO C 152 37.32 -15.66 -18.87
CA PRO C 152 38.16 -14.61 -18.30
C PRO C 152 39.45 -14.53 -19.10
N PHE C 153 39.92 -13.32 -19.36
CA PHE C 153 41.11 -13.16 -20.18
C PHE C 153 41.84 -11.87 -19.82
N LEU C 154 43.08 -11.75 -20.32
CA LEU C 154 43.87 -10.55 -20.13
C LEU C 154 44.01 -9.84 -21.47
N PRO C 155 43.19 -8.79 -21.68
CA PRO C 155 43.15 -8.01 -22.93
C PRO C 155 44.52 -7.53 -23.38
N SER C 156 44.80 -7.72 -24.66
CA SER C 156 46.07 -7.30 -25.25
C SER C 156 45.90 -7.10 -26.75
N THR C 157 46.81 -6.35 -27.35
CA THR C 157 46.76 -6.07 -28.78
C THR C 157 47.18 -7.28 -29.61
N GLU C 158 47.61 -8.35 -28.95
CA GLU C 158 48.24 -9.47 -29.64
C GLU C 158 47.30 -10.65 -29.88
N ASP C 159 46.18 -10.68 -29.17
CA ASP C 159 45.27 -11.81 -29.24
C ASP C 159 43.94 -11.45 -29.91
N VAL C 160 43.42 -12.39 -30.70
CA VAL C 160 42.06 -12.31 -31.18
C VAL C 160 41.27 -13.46 -30.55
N TYR C 161 39.96 -13.33 -30.50
CA TYR C 161 39.12 -14.36 -29.89
C TYR C 161 37.90 -14.67 -30.73
N ASP C 162 37.48 -15.94 -30.72
CA ASP C 162 36.22 -16.33 -31.34
C ASP C 162 35.43 -17.25 -30.43
N CYS C 163 34.12 -17.04 -30.40
CA CYS C 163 33.21 -17.98 -29.79
C CYS C 163 32.62 -18.83 -30.91
N ARG C 164 32.98 -20.10 -30.95
CA ARG C 164 32.49 -20.99 -32.00
C ARG C 164 31.26 -21.75 -31.55
N VAL C 165 30.14 -21.51 -32.22
CA VAL C 165 28.87 -22.12 -31.83
C VAL C 165 28.36 -23.12 -32.87
N GLU C 166 28.14 -24.35 -32.43
CA GLU C 166 27.58 -25.39 -33.29
C GLU C 166 26.16 -25.73 -32.85
N HIS C 167 25.25 -25.77 -33.81
CA HIS C 167 23.86 -26.11 -33.55
C HIS C 167 23.22 -26.69 -34.81
N TRP C 168 22.29 -27.62 -34.62
CA TRP C 168 21.64 -28.31 -35.73
C TRP C 168 20.95 -27.37 -36.73
N GLY C 169 20.50 -26.22 -36.25
CA GLY C 169 19.83 -25.25 -37.10
C GLY C 169 20.77 -24.40 -37.93
N LEU C 170 22.08 -24.64 -37.77
CA LEU C 170 23.09 -23.90 -38.50
C LEU C 170 23.66 -24.76 -39.64
N ASP C 171 23.94 -24.12 -40.77
CA ASP C 171 24.56 -24.81 -41.90
C ASP C 171 25.98 -25.22 -41.53
N GLU C 172 26.73 -24.27 -41.00
CA GLU C 172 28.09 -24.50 -40.57
C GLU C 172 28.27 -23.86 -39.19
N PRO C 173 29.32 -24.25 -38.45
CA PRO C 173 29.65 -23.61 -37.18
C PRO C 173 29.70 -22.09 -37.28
N LEU C 174 29.17 -21.41 -36.26
CA LEU C 174 29.13 -19.95 -36.25
C LEU C 174 30.30 -19.41 -35.43
N LEU C 175 31.07 -18.51 -36.04
CA LEU C 175 32.21 -17.90 -35.37
C LEU C 175 31.90 -16.45 -35.03
N LYS C 176 31.75 -16.14 -33.74
CA LYS C 176 31.60 -14.75 -33.33
C LYS C 176 32.91 -14.17 -32.83
N HIS C 177 33.34 -13.07 -33.43
CA HIS C 177 34.69 -12.55 -33.27
C HIS C 177 34.80 -11.41 -32.26
N TRP C 178 35.96 -11.30 -31.63
CA TRP C 178 36.27 -10.15 -30.78
C TRP C 178 37.76 -9.83 -30.82
N GLU C 179 38.08 -8.54 -30.88
CA GLU C 179 39.47 -8.08 -30.77
C GLU C 179 39.51 -6.62 -30.34
N PHE C 180 40.59 -6.23 -29.69
CA PHE C 180 40.78 -4.85 -29.23
C PHE C 180 40.96 -3.90 -30.42
N ASP C 181 40.35 -2.72 -30.32
CA ASP C 181 40.48 -1.72 -31.37
C ASP C 181 41.07 -0.44 -30.81
N ASP D 2 24.67 -37.05 -34.93
CA ASP D 2 23.24 -37.16 -34.74
C ASP D 2 22.43 -36.17 -35.58
N THR D 3 21.58 -36.70 -36.45
CA THR D 3 20.63 -35.89 -37.20
C THR D 3 19.26 -36.55 -37.12
N ARG D 4 19.18 -37.56 -36.25
CA ARG D 4 17.91 -38.14 -35.87
C ARG D 4 17.05 -37.01 -35.33
N PRO D 5 15.76 -37.00 -35.72
CA PRO D 5 14.86 -35.92 -35.31
C PRO D 5 14.72 -35.87 -33.78
N ARG D 6 14.58 -34.68 -33.23
CA ARG D 6 14.47 -34.52 -31.79
C ARG D 6 13.02 -34.30 -31.35
N PHE D 7 12.71 -34.69 -30.12
CA PHE D 7 11.38 -34.48 -29.55
C PHE D 7 11.49 -33.84 -28.17
N LEU D 8 10.96 -32.64 -28.02
CA LEU D 8 11.14 -31.86 -26.80
C LEU D 8 9.84 -31.62 -26.01
N TRP D 9 9.93 -31.80 -24.70
CA TRP D 9 8.82 -31.52 -23.80
C TRP D 9 9.26 -30.54 -22.72
N GLN D 10 8.52 -29.44 -22.59
CA GLN D 10 8.81 -28.45 -21.55
C GLN D 10 7.64 -28.26 -20.59
N LEU D 11 7.95 -28.18 -19.30
CA LEU D 11 6.96 -27.88 -18.28
C LEU D 11 7.40 -26.65 -17.51
N LYS D 12 6.53 -25.65 -17.44
CA LYS D 12 6.85 -24.38 -16.81
C LYS D 12 5.81 -23.96 -15.77
N PHE D 13 6.28 -23.64 -14.56
CA PHE D 13 5.44 -23.05 -13.53
C PHE D 13 5.88 -21.61 -13.30
N GLU D 14 5.04 -20.68 -13.72
CA GLU D 14 5.37 -19.26 -13.63
C GLU D 14 4.59 -18.56 -12.52
N CYS D 15 5.31 -17.96 -11.58
CA CYS D 15 4.69 -17.18 -10.51
C CYS D 15 4.87 -15.69 -10.78
N HIS D 16 3.79 -15.01 -11.12
CA HIS D 16 3.83 -13.59 -11.42
C HIS D 16 3.37 -12.78 -10.22
N PHE D 17 4.20 -11.81 -9.82
CA PHE D 17 3.93 -11.03 -8.61
C PHE D 17 3.70 -9.55 -8.93
N PHE D 18 2.63 -9.00 -8.37
CA PHE D 18 2.28 -7.59 -8.55
C PHE D 18 2.21 -6.93 -7.19
N ASN D 19 2.88 -5.78 -7.05
CA ASN D 19 2.89 -5.03 -5.80
C ASN D 19 3.29 -5.90 -4.60
N GLY D 20 4.55 -6.30 -4.57
CA GLY D 20 5.01 -7.26 -3.58
C GLY D 20 4.38 -8.61 -3.85
N THR D 21 3.56 -9.08 -2.92
CA THR D 21 2.82 -10.32 -3.12
C THR D 21 1.33 -10.09 -2.91
N GLU D 22 0.91 -8.84 -3.04
CA GLU D 22 -0.50 -8.49 -2.89
C GLU D 22 -1.35 -9.22 -3.92
N ARG D 23 -0.88 -9.24 -5.16
CA ARG D 23 -1.52 -10.03 -6.20
C ARG D 23 -0.56 -11.04 -6.81
N VAL D 24 -0.97 -12.30 -6.84
CA VAL D 24 -0.15 -13.36 -7.38
C VAL D 24 -0.90 -14.12 -8.47
N ARG D 25 -0.21 -14.40 -9.58
CA ARG D 25 -0.80 -15.18 -10.66
C ARG D 25 0.09 -16.37 -10.99
N LEU D 26 -0.51 -17.56 -10.97
CA LEU D 26 0.22 -18.78 -11.28
C LEU D 26 -0.14 -19.29 -12.68
N LEU D 27 0.89 -19.58 -13.47
CA LEU D 27 0.71 -20.14 -14.80
C LEU D 27 1.51 -21.43 -14.95
N GLU D 28 0.81 -22.55 -15.10
CA GLU D 28 1.45 -23.81 -15.46
C GLU D 28 1.35 -24.00 -16.96
N ARG D 29 2.48 -24.24 -17.61
CA ARG D 29 2.51 -24.34 -19.06
C ARG D 29 3.14 -25.65 -19.54
N CYS D 30 2.43 -26.35 -20.42
CA CYS D 30 2.96 -27.55 -21.04
C CYS D 30 3.28 -27.27 -22.51
N ILE D 31 4.54 -27.46 -22.88
CA ILE D 31 4.97 -27.16 -24.24
C ILE D 31 5.60 -28.38 -24.91
N TYR D 32 5.03 -28.77 -26.05
CA TYR D 32 5.61 -29.84 -26.86
C TYR D 32 6.37 -29.22 -28.02
N ASN D 33 7.66 -29.57 -28.13
CA ASN D 33 8.57 -28.91 -29.06
C ASN D 33 8.58 -27.40 -28.86
N GLN D 34 7.88 -26.67 -29.73
CA GLN D 34 7.76 -25.23 -29.57
C GLN D 34 6.30 -24.81 -29.49
N GLU D 35 5.42 -25.77 -29.21
CA GLU D 35 3.99 -25.49 -29.15
C GLU D 35 3.41 -25.73 -27.75
N GLU D 36 2.89 -24.66 -27.16
CA GLU D 36 2.18 -24.79 -25.89
C GLU D 36 0.81 -25.40 -26.15
N SER D 37 0.54 -26.54 -25.52
CA SER D 37 -0.69 -27.28 -25.79
C SER D 37 -1.78 -27.03 -24.73
N VAL D 38 -1.37 -26.90 -23.48
CA VAL D 38 -2.33 -26.76 -22.38
C VAL D 38 -1.72 -25.91 -21.27
N ARG D 39 -2.56 -25.19 -20.54
CA ARG D 39 -2.09 -24.36 -19.44
C ARG D 39 -3.11 -24.28 -18.30
N PHE D 40 -2.60 -24.05 -17.09
CA PHE D 40 -3.44 -23.70 -15.96
C PHE D 40 -3.18 -22.25 -15.58
N ASP D 41 -4.21 -21.43 -15.67
CA ASP D 41 -4.12 -20.03 -15.27
C ASP D 41 -4.92 -19.87 -14.00
N SER D 42 -4.26 -19.45 -12.92
CA SER D 42 -4.93 -19.34 -11.61
C SER D 42 -6.03 -18.28 -11.62
N ASP D 43 -5.99 -17.37 -12.59
CA ASP D 43 -7.07 -16.41 -12.77
C ASP D 43 -8.30 -17.09 -13.34
N VAL D 44 -8.08 -18.20 -14.05
CA VAL D 44 -9.17 -18.97 -14.64
C VAL D 44 -9.70 -20.01 -13.64
N GLY D 45 -8.79 -20.77 -13.05
CA GLY D 45 -9.16 -21.73 -12.03
C GLY D 45 -9.17 -23.18 -12.51
N GLU D 46 -8.92 -23.38 -13.80
CA GLU D 46 -8.91 -24.73 -14.36
C GLU D 46 -8.06 -24.78 -15.63
N TYR D 47 -7.76 -25.99 -16.08
CA TYR D 47 -6.93 -26.16 -17.28
C TYR D 47 -7.67 -25.79 -18.56
N ARG D 48 -6.95 -25.11 -19.44
CA ARG D 48 -7.47 -24.73 -20.74
C ARG D 48 -6.54 -25.23 -21.83
N ALA D 49 -7.10 -25.88 -22.85
CA ALA D 49 -6.30 -26.29 -24.00
C ALA D 49 -5.89 -25.07 -24.80
N VAL D 50 -4.62 -25.01 -25.17
CA VAL D 50 -4.13 -23.92 -26.01
C VAL D 50 -4.19 -24.34 -27.47
N THR D 51 -3.89 -25.61 -27.71
CA THR D 51 -4.06 -26.22 -29.03
C THR D 51 -4.79 -27.55 -28.90
N GLU D 52 -5.14 -28.14 -30.04
CA GLU D 52 -5.92 -29.38 -30.05
C GLU D 52 -5.19 -30.56 -29.40
N LEU D 53 -3.87 -30.50 -29.39
CA LEU D 53 -3.07 -31.57 -28.78
C LEU D 53 -3.24 -31.58 -27.27
N GLY D 54 -3.66 -30.45 -26.72
CA GLY D 54 -3.81 -30.31 -25.28
C GLY D 54 -5.23 -30.54 -24.78
N ARG D 55 -6.18 -30.66 -25.72
CA ARG D 55 -7.58 -30.94 -25.37
C ARG D 55 -7.81 -32.14 -24.43
N PRO D 56 -7.23 -33.31 -24.75
CA PRO D 56 -7.48 -34.46 -23.88
C PRO D 56 -7.00 -34.24 -22.45
N ASP D 57 -5.86 -33.57 -22.30
CA ASP D 57 -5.27 -33.35 -20.98
C ASP D 57 -6.05 -32.36 -20.14
N ALA D 58 -6.54 -31.29 -20.78
CA ALA D 58 -7.38 -30.31 -20.10
C ALA D 58 -8.65 -30.97 -19.58
N GLU D 59 -9.36 -31.68 -20.46
CA GLU D 59 -10.57 -32.39 -20.09
C GLU D 59 -10.29 -33.41 -18.98
N TYR D 60 -9.21 -34.17 -19.16
CA TYR D 60 -8.84 -35.22 -18.21
C TYR D 60 -8.49 -34.68 -16.83
N TRP D 61 -7.63 -33.67 -16.79
CA TRP D 61 -7.21 -33.07 -15.52
C TRP D 61 -8.35 -32.36 -14.81
N ASN D 62 -9.17 -31.64 -15.57
CA ASN D 62 -10.30 -30.92 -15.01
C ASN D 62 -11.39 -31.83 -14.44
N SER D 63 -11.32 -33.12 -14.75
CA SER D 63 -12.29 -34.07 -14.24
C SER D 63 -11.87 -34.61 -12.87
N GLN D 64 -10.66 -34.24 -12.45
CA GLN D 64 -10.17 -34.60 -11.13
C GLN D 64 -10.13 -33.36 -10.25
N LYS D 65 -11.06 -33.28 -9.31
CA LYS D 65 -11.23 -32.08 -8.49
C LYS D 65 -10.08 -31.84 -7.52
N ASP D 66 -9.38 -32.90 -7.13
CA ASP D 66 -8.25 -32.77 -6.23
C ASP D 66 -7.04 -32.13 -6.93
N LEU D 67 -6.86 -32.45 -8.20
CA LEU D 67 -5.79 -31.84 -8.99
C LEU D 67 -6.02 -30.35 -9.15
N LEU D 68 -7.27 -29.97 -9.35
CA LEU D 68 -7.63 -28.56 -9.50
C LEU D 68 -7.47 -27.80 -8.19
N GLU D 69 -7.76 -28.47 -7.09
CA GLU D 69 -7.70 -27.83 -5.77
C GLU D 69 -6.26 -27.53 -5.38
N GLN D 70 -5.35 -28.45 -5.67
CA GLN D 70 -3.94 -28.29 -5.37
C GLN D 70 -3.36 -27.09 -6.09
N ARG D 71 -3.66 -26.99 -7.38
CA ARG D 71 -3.13 -25.92 -8.22
C ARG D 71 -3.66 -24.54 -7.82
N ARG D 72 -4.91 -24.49 -7.36
CA ARG D 72 -5.53 -23.25 -6.92
C ARG D 72 -4.92 -22.72 -5.63
N ALA D 73 -4.59 -23.64 -4.73
CA ALA D 73 -4.00 -23.28 -3.45
C ALA D 73 -2.53 -22.94 -3.62
N ALA D 74 -1.96 -23.30 -4.77
CA ALA D 74 -0.54 -23.16 -5.02
C ALA D 74 -0.05 -21.72 -5.02
N VAL D 75 -0.94 -20.76 -5.28
CA VAL D 75 -0.56 -19.35 -5.23
C VAL D 75 -0.07 -18.97 -3.84
N ASP D 76 -0.51 -19.71 -2.83
CA ASP D 76 -0.08 -19.49 -1.47
C ASP D 76 1.04 -20.44 -1.06
N THR D 77 0.77 -21.75 -1.18
CA THR D 77 1.71 -22.76 -0.72
C THR D 77 2.97 -22.88 -1.57
N TYR D 78 2.91 -22.39 -2.80
CA TYR D 78 4.05 -22.48 -3.71
C TYR D 78 4.60 -21.10 -4.05
N CYS D 79 3.78 -20.25 -4.65
CA CYS D 79 4.23 -18.94 -5.12
C CYS D 79 4.62 -17.98 -3.99
N ARG D 80 3.72 -17.75 -3.04
CA ARG D 80 4.00 -16.82 -1.96
C ARG D 80 5.10 -17.33 -1.02
N HIS D 81 5.17 -18.64 -0.85
CA HIS D 81 6.21 -19.24 -0.03
C HIS D 81 7.60 -19.02 -0.65
N ASN D 82 7.73 -19.36 -1.93
CA ASN D 82 9.01 -19.22 -2.61
C ASN D 82 9.49 -17.79 -2.73
N TYR D 83 8.55 -16.86 -2.90
CA TYR D 83 8.87 -15.44 -2.89
C TYR D 83 9.46 -15.08 -1.55
N GLY D 84 8.84 -15.56 -0.48
CA GLY D 84 9.28 -15.27 0.88
C GLY D 84 10.64 -15.84 1.17
N VAL D 85 10.89 -17.06 0.70
CA VAL D 85 12.16 -17.72 0.92
C VAL D 85 13.30 -17.05 0.15
N GLY D 86 13.02 -16.59 -1.06
CA GLY D 86 14.05 -16.04 -1.92
C GLY D 86 14.19 -14.53 -1.89
N GLU D 87 13.28 -13.86 -1.19
CA GLU D 87 13.21 -12.39 -1.18
C GLU D 87 14.53 -11.68 -0.86
N SER D 88 15.23 -12.17 0.15
CA SER D 88 16.45 -11.52 0.63
C SER D 88 17.55 -11.41 -0.43
N PHE D 89 17.68 -12.45 -1.25
CA PHE D 89 18.78 -12.50 -2.22
C PHE D 89 18.34 -12.34 -3.67
N THR D 90 17.05 -12.08 -3.89
CA THR D 90 16.55 -11.89 -5.24
C THR D 90 15.90 -10.51 -5.41
N VAL D 91 14.69 -10.38 -4.88
CA VAL D 91 13.93 -9.13 -4.94
C VAL D 91 14.71 -7.97 -4.33
N GLN D 92 15.45 -8.25 -3.25
CA GLN D 92 16.12 -7.19 -2.52
C GLN D 92 17.61 -7.11 -2.83
N ARG D 93 18.04 -7.85 -3.86
CA ARG D 93 19.43 -7.81 -4.28
C ARG D 93 19.78 -6.44 -4.83
N ARG D 94 20.82 -5.83 -4.27
CA ARG D 94 21.29 -4.54 -4.73
C ARG D 94 22.79 -4.56 -4.95
N VAL D 95 23.22 -4.34 -6.19
CA VAL D 95 24.63 -4.24 -6.50
C VAL D 95 24.91 -2.92 -7.22
N GLU D 96 25.80 -2.12 -6.64
CA GLU D 96 26.09 -0.80 -7.14
C GLU D 96 26.83 -0.83 -8.47
N PRO D 97 26.40 0.01 -9.43
CA PRO D 97 27.07 0.11 -10.72
C PRO D 97 28.44 0.78 -10.64
N LYS D 98 29.38 0.29 -11.44
CA LYS D 98 30.64 0.98 -11.65
C LYS D 98 30.48 1.87 -12.88
N VAL D 99 30.64 3.17 -12.70
CA VAL D 99 30.45 4.11 -13.80
C VAL D 99 31.76 4.74 -14.25
N THR D 100 32.02 4.67 -15.55
CA THR D 100 33.20 5.30 -16.14
C THR D 100 32.82 6.05 -17.41
N VAL D 101 33.60 7.07 -17.75
CA VAL D 101 33.37 7.83 -18.97
C VAL D 101 34.63 7.91 -19.81
N TYR D 102 34.49 7.66 -21.11
CA TYR D 102 35.62 7.70 -22.03
C TYR D 102 35.13 7.92 -23.46
N PRO D 103 35.92 8.65 -24.26
CA PRO D 103 35.58 8.79 -25.68
C PRO D 103 35.72 7.46 -26.39
N SER D 104 34.75 7.13 -27.24
CA SER D 104 34.74 5.85 -27.96
C SER D 104 36.03 5.64 -28.73
N LYS D 105 36.53 6.71 -29.32
CA LYS D 105 37.80 6.67 -30.03
C LYS D 105 38.51 8.00 -29.89
N THR D 106 39.78 8.04 -30.28
CA THR D 106 40.53 9.29 -30.32
C THR D 106 40.20 10.05 -31.60
N GLN D 107 40.12 11.37 -31.50
CA GLN D 107 39.83 12.22 -32.65
C GLN D 107 40.22 13.67 -32.41
N HIS D 111 36.50 17.46 -33.82
CA HIS D 111 35.86 16.44 -34.65
C HIS D 111 34.75 15.73 -33.88
N HIS D 112 33.77 15.20 -34.60
CA HIS D 112 32.67 14.48 -33.97
C HIS D 112 33.17 13.27 -33.21
N ASN D 113 32.53 12.97 -32.09
CA ASN D 113 32.89 11.78 -31.33
C ASN D 113 31.75 11.24 -30.48
N LEU D 114 31.89 9.99 -30.06
CA LEU D 114 30.93 9.36 -29.16
C LEU D 114 31.51 9.34 -27.75
N LEU D 115 30.88 10.06 -26.84
CA LEU D 115 31.26 9.98 -25.43
C LEU D 115 30.55 8.82 -24.77
N VAL D 116 31.32 7.85 -24.29
CA VAL D 116 30.74 6.63 -23.74
C VAL D 116 30.63 6.66 -22.22
N CYS D 117 29.40 6.55 -21.73
CA CYS D 117 29.18 6.36 -20.30
C CYS D 117 28.89 4.88 -20.05
N SER D 118 29.90 4.18 -19.55
CA SER D 118 29.75 2.77 -19.23
C SER D 118 29.22 2.58 -17.82
N VAL D 119 28.15 1.81 -17.70
CA VAL D 119 27.55 1.51 -16.41
C VAL D 119 27.46 -0.01 -16.30
N SER D 120 28.30 -0.60 -15.45
CA SER D 120 28.41 -2.06 -15.43
C SER D 120 28.33 -2.70 -14.05
N GLY D 121 28.00 -3.99 -14.03
CA GLY D 121 27.98 -4.78 -12.82
C GLY D 121 26.90 -4.42 -11.83
N PHE D 122 25.76 -3.94 -12.32
CA PHE D 122 24.69 -3.51 -11.42
C PHE D 122 23.48 -4.45 -11.39
N TYR D 123 22.69 -4.32 -10.32
CA TYR D 123 21.45 -5.05 -10.14
C TYR D 123 20.62 -4.30 -9.12
N PRO D 124 19.30 -4.16 -9.35
CA PRO D 124 18.52 -4.71 -10.47
C PRO D 124 18.65 -3.89 -11.76
N GLY D 125 17.84 -4.26 -12.75
CA GLY D 125 17.94 -3.70 -14.09
C GLY D 125 17.55 -2.24 -14.23
N SER D 126 16.52 -1.82 -13.50
CA SER D 126 16.01 -0.45 -13.63
C SER D 126 17.09 0.59 -13.33
N ILE D 127 17.27 1.52 -14.25
CA ILE D 127 18.33 2.51 -14.15
C ILE D 127 18.04 3.74 -15.01
N GLU D 128 18.59 4.88 -14.61
CA GLU D 128 18.44 6.12 -15.37
C GLU D 128 19.81 6.73 -15.63
N VAL D 129 20.13 6.92 -16.91
CA VAL D 129 21.41 7.51 -17.30
C VAL D 129 21.17 8.79 -18.08
N ARG D 130 21.73 9.90 -17.58
CA ARG D 130 21.56 11.18 -18.22
C ARG D 130 22.89 11.85 -18.53
N TRP D 131 22.96 12.52 -19.68
CA TRP D 131 24.17 13.21 -20.09
C TRP D 131 24.05 14.71 -19.83
N PHE D 132 25.14 15.32 -19.38
CA PHE D 132 25.17 16.76 -19.15
C PHE D 132 26.38 17.42 -19.79
N ARG D 133 26.18 18.65 -20.25
CA ARG D 133 27.25 19.43 -20.87
C ARG D 133 27.26 20.81 -20.25
N ASN D 134 28.29 21.07 -19.44
CA ASN D 134 28.40 22.30 -18.67
C ASN D 134 27.16 22.50 -17.80
N GLY D 135 26.70 21.41 -17.19
CA GLY D 135 25.54 21.46 -16.31
C GLY D 135 24.21 21.43 -17.03
N GLN D 136 24.25 21.39 -18.35
CA GLN D 136 23.04 21.37 -19.16
C GLN D 136 22.78 19.97 -19.72
N GLU D 137 21.58 19.46 -19.49
CA GLU D 137 21.23 18.11 -19.93
C GLU D 137 21.12 18.03 -21.45
N GLU D 138 21.88 17.10 -22.04
CA GLU D 138 21.79 16.87 -23.47
C GLU D 138 20.87 15.66 -23.70
N LYS D 139 19.80 15.86 -24.46
CA LYS D 139 18.81 14.82 -24.63
C LYS D 139 18.76 14.25 -26.04
N ALA D 140 19.17 15.05 -27.02
CA ALA D 140 19.36 14.56 -28.38
C ALA D 140 20.77 13.97 -28.50
N GLY D 141 20.98 13.15 -29.51
CA GLY D 141 22.29 12.57 -29.76
C GLY D 141 22.69 11.47 -28.81
N VAL D 142 21.72 10.96 -28.04
CA VAL D 142 21.99 9.90 -27.07
C VAL D 142 21.73 8.52 -27.66
N VAL D 143 22.80 7.76 -27.83
CA VAL D 143 22.71 6.40 -28.37
C VAL D 143 23.01 5.37 -27.30
N SER D 144 22.03 4.51 -27.02
CA SER D 144 22.16 3.51 -25.96
C SER D 144 22.06 2.08 -26.47
N THR D 145 22.75 1.17 -25.78
CA THR D 145 22.70 -0.25 -26.12
C THR D 145 21.50 -0.90 -25.45
N GLY D 146 20.89 -0.19 -24.52
CA GLY D 146 19.81 -0.75 -23.72
C GLY D 146 20.36 -1.62 -22.62
N LEU D 147 19.48 -2.33 -21.94
CA LEU D 147 19.87 -3.15 -20.80
C LEU D 147 20.44 -4.48 -21.27
N ILE D 148 21.65 -4.80 -20.81
CA ILE D 148 22.29 -6.07 -21.16
C ILE D 148 22.40 -6.97 -19.93
N GLN D 149 21.77 -8.13 -20.01
CA GLN D 149 21.81 -9.10 -18.91
C GLN D 149 23.02 -10.01 -19.08
N ASN D 150 23.94 -9.96 -18.12
CA ASN D 150 25.19 -10.72 -18.21
C ASN D 150 25.02 -12.20 -17.90
N GLY D 151 23.88 -12.56 -17.32
CA GLY D 151 23.62 -13.95 -16.99
C GLY D 151 24.19 -14.37 -15.64
N ASP D 152 24.81 -13.43 -14.93
CA ASP D 152 25.41 -13.71 -13.64
C ASP D 152 24.86 -12.80 -12.53
N TRP D 153 23.60 -12.40 -12.69
CA TRP D 153 22.92 -11.50 -11.76
C TRP D 153 23.52 -10.10 -11.73
N THR D 154 24.11 -9.69 -12.85
CA THR D 154 24.52 -8.30 -13.03
C THR D 154 24.05 -7.80 -14.39
N PHE D 155 23.86 -6.49 -14.50
CA PHE D 155 23.55 -5.85 -15.77
C PHE D 155 24.68 -4.91 -16.15
N GLN D 156 24.69 -4.52 -17.42
CA GLN D 156 25.56 -3.46 -17.88
C GLN D 156 24.86 -2.71 -19.00
N THR D 157 25.28 -1.47 -19.24
CA THR D 157 24.70 -0.69 -20.33
C THR D 157 25.68 0.38 -20.79
N LEU D 158 25.68 0.66 -22.10
CA LEU D 158 26.50 1.71 -22.66
C LEU D 158 25.61 2.82 -23.21
N VAL D 159 25.67 3.99 -22.59
CA VAL D 159 24.90 5.13 -23.04
C VAL D 159 25.85 6.18 -23.59
N MET D 160 25.74 6.45 -24.88
CA MET D 160 26.72 7.29 -25.57
C MET D 160 26.13 8.61 -26.06
N LEU D 161 26.96 9.64 -26.06
CA LEU D 161 26.52 10.96 -26.48
C LEU D 161 27.22 11.38 -27.78
N GLU D 162 26.43 11.83 -28.75
CA GLU D 162 26.98 12.38 -29.97
C GLU D 162 27.38 13.83 -29.73
N THR D 163 28.65 14.13 -29.91
CA THR D 163 29.13 15.49 -29.65
C THR D 163 30.44 15.82 -30.36
N VAL D 164 30.70 17.11 -30.50
CA VAL D 164 32.00 17.61 -30.95
C VAL D 164 32.63 18.36 -29.78
N PRO D 165 33.53 17.68 -29.05
CA PRO D 165 34.12 18.19 -27.80
C PRO D 165 35.12 19.33 -27.97
N ARG D 166 34.67 20.55 -27.67
CA ARG D 166 35.55 21.71 -27.68
C ARG D 166 36.27 21.83 -26.34
N SER D 167 37.43 22.47 -26.34
CA SER D 167 38.23 22.56 -25.12
C SER D 167 37.54 23.41 -24.05
N GLY D 168 37.73 23.01 -22.79
CA GLY D 168 37.10 23.70 -21.68
C GLY D 168 35.74 23.15 -21.34
N GLU D 169 35.20 22.32 -22.23
CA GLU D 169 33.91 21.69 -22.01
C GLU D 169 33.98 20.61 -20.94
N VAL D 170 33.01 20.63 -20.04
CA VAL D 170 32.91 19.59 -19.03
C VAL D 170 31.66 18.75 -19.26
N TYR D 171 31.87 17.49 -19.61
CA TYR D 171 30.78 16.55 -19.81
C TYR D 171 30.58 15.69 -18.58
N THR D 172 29.33 15.48 -18.20
CA THR D 172 29.01 14.70 -17.01
C THR D 172 27.97 13.63 -17.28
N CYS D 173 28.26 12.41 -16.84
CA CYS D 173 27.27 11.34 -16.87
C CYS D 173 26.67 11.16 -15.49
N GLN D 174 25.35 11.11 -15.41
CA GLN D 174 24.65 10.99 -14.14
C GLN D 174 23.80 9.74 -14.09
N VAL D 175 24.09 8.86 -13.14
CA VAL D 175 23.40 7.58 -13.03
C VAL D 175 22.54 7.50 -11.77
N GLU D 176 21.28 7.12 -11.95
CA GLU D 176 20.39 6.86 -10.82
C GLU D 176 19.96 5.40 -10.80
N HIS D 177 20.04 4.79 -9.61
CA HIS D 177 19.83 3.37 -9.45
C HIS D 177 19.46 3.10 -7.99
N PRO D 178 18.57 2.13 -7.74
CA PRO D 178 18.11 1.86 -6.37
C PRO D 178 19.21 1.44 -5.39
N SER D 179 20.41 1.13 -5.88
CA SER D 179 21.51 0.73 -5.01
C SER D 179 22.11 1.92 -4.25
N VAL D 180 21.80 3.13 -4.72
CA VAL D 180 22.33 4.34 -4.09
C VAL D 180 21.23 5.36 -3.79
N THR D 181 21.47 6.19 -2.78
CA THR D 181 20.49 7.19 -2.36
C THR D 181 20.61 8.49 -3.14
N SER D 182 21.84 8.82 -3.53
CA SER D 182 22.09 10.00 -4.35
C SER D 182 22.74 9.60 -5.67
N PRO D 183 22.44 10.34 -6.75
CA PRO D 183 22.92 9.99 -8.09
C PRO D 183 24.45 9.92 -8.18
N LEU D 184 24.94 8.99 -8.99
CA LEU D 184 26.37 8.87 -9.25
C LEU D 184 26.73 9.75 -10.44
N THR D 185 27.74 10.60 -10.25
CA THR D 185 28.18 11.47 -11.33
C THR D 185 29.64 11.23 -11.68
N VAL D 186 29.93 11.15 -12.97
CA VAL D 186 31.30 11.05 -13.45
C VAL D 186 31.55 12.14 -14.49
N GLU D 187 32.65 12.87 -14.33
CA GLU D 187 32.98 13.94 -15.27
C GLU D 187 34.03 13.51 -16.28
N TRP D 188 33.95 14.11 -17.47
CA TRP D 188 35.00 13.98 -18.46
C TRP D 188 35.30 15.37 -19.03
N ARG D 189 36.58 15.73 -19.04
CA ARG D 189 37.00 17.06 -19.48
C ARG D 189 37.68 17.03 -20.84
N ALA D 190 37.09 17.77 -21.78
CA ALA D 190 37.67 17.93 -23.10
C ALA D 190 38.94 18.77 -22.98
N GLU E 3 -43.58 11.40 3.21
CA GLU E 3 -44.20 11.04 1.93
C GLU E 3 -43.15 10.96 0.82
N GLU E 4 -41.94 11.41 1.11
CA GLU E 4 -40.84 11.32 0.15
C GLU E 4 -39.52 11.09 0.87
N HIS E 5 -38.93 9.93 0.63
CA HIS E 5 -37.67 9.57 1.26
C HIS E 5 -36.79 8.79 0.29
N VAL E 6 -35.49 8.78 0.56
CA VAL E 6 -34.55 8.02 -0.26
C VAL E 6 -33.61 7.22 0.62
N ILE E 7 -33.51 5.92 0.35
CA ILE E 7 -32.51 5.09 0.98
C ILE E 7 -31.47 4.69 -0.06
N ILE E 8 -30.21 5.02 0.19
CA ILE E 8 -29.15 4.72 -0.75
C ILE E 8 -28.13 3.75 -0.17
N GLN E 9 -27.94 2.63 -0.86
CA GLN E 9 -26.83 1.74 -0.59
C GLN E 9 -25.67 2.17 -1.49
N ALA E 10 -24.70 2.87 -0.91
CA ALA E 10 -23.58 3.38 -1.69
C ALA E 10 -22.32 2.56 -1.44
N GLU E 11 -21.66 2.17 -2.53
CA GLU E 11 -20.41 1.44 -2.44
C GLU E 11 -19.38 2.12 -3.32
N PHE E 12 -18.12 2.09 -2.90
CA PHE E 12 -17.04 2.51 -3.79
C PHE E 12 -15.76 1.71 -3.60
N TYR E 13 -14.96 1.65 -4.67
CA TYR E 13 -13.60 1.14 -4.59
C TYR E 13 -12.70 2.11 -5.33
N LEU E 14 -11.49 2.31 -4.80
CA LEU E 14 -10.57 3.28 -5.38
C LEU E 14 -9.18 2.69 -5.55
N ASN E 15 -8.60 2.90 -6.72
CA ASN E 15 -7.23 2.49 -6.99
C ASN E 15 -6.32 3.70 -7.22
N PRO E 16 -5.03 3.59 -6.90
CA PRO E 16 -4.33 2.39 -6.42
C PRO E 16 -4.40 2.21 -4.90
N ASP E 17 -5.16 3.06 -4.21
CA ASP E 17 -5.24 3.03 -2.76
C ASP E 17 -5.84 1.73 -2.22
N GLN E 18 -6.62 1.05 -3.07
CA GLN E 18 -7.31 -0.18 -2.68
C GLN E 18 -8.22 0.04 -1.46
N SER E 19 -8.82 1.22 -1.38
CA SER E 19 -9.74 1.52 -0.30
C SER E 19 -11.18 1.36 -0.77
N GLY E 20 -11.99 0.70 0.05
CA GLY E 20 -13.37 0.47 -0.28
C GLY E 20 -14.32 1.01 0.78
N GLU E 21 -15.59 1.14 0.41
CA GLU E 21 -16.61 1.58 1.36
C GLU E 21 -17.96 0.98 1.02
N PHE E 22 -18.71 0.62 2.06
CA PHE E 22 -20.06 0.10 1.91
C PHE E 22 -20.89 0.77 2.99
N MET E 23 -21.90 1.55 2.59
CA MET E 23 -22.72 2.26 3.55
C MET E 23 -24.17 2.41 3.10
N PHE E 24 -25.05 2.60 4.08
CA PHE E 24 -26.46 2.89 3.80
C PHE E 24 -26.77 4.32 4.20
N ASP E 25 -27.52 5.00 3.35
CA ASP E 25 -27.82 6.41 3.52
C ASP E 25 -29.33 6.63 3.49
N PHE E 26 -29.84 7.35 4.49
CA PHE E 26 -31.25 7.73 4.52
C PHE E 26 -31.40 9.25 4.52
N ASP E 27 -31.97 9.77 3.44
CA ASP E 27 -32.18 11.22 3.29
C ASP E 27 -30.93 12.05 3.58
N GLY E 28 -29.78 11.55 3.18
CA GLY E 28 -28.54 12.28 3.33
C GLY E 28 -27.72 11.93 4.56
N ASP E 29 -28.32 11.19 5.50
CA ASP E 29 -27.60 10.78 6.71
C ASP E 29 -27.17 9.32 6.66
N GLU E 30 -25.99 9.05 7.21
CA GLU E 30 -25.48 7.68 7.27
C GLU E 30 -26.23 6.87 8.31
N ILE E 31 -26.75 5.72 7.90
CA ILE E 31 -27.34 4.77 8.84
C ILE E 31 -26.22 3.94 9.44
N PHE E 32 -25.48 3.27 8.57
CA PHE E 32 -24.33 2.49 8.99
C PHE E 32 -23.35 2.32 7.84
N HIS E 33 -22.14 1.89 8.18
CA HIS E 33 -21.16 1.49 7.18
C HIS E 33 -20.46 0.23 7.67
N VAL E 34 -19.65 -0.37 6.80
CA VAL E 34 -18.89 -1.55 7.19
C VAL E 34 -17.42 -1.21 7.36
N ASP E 35 -16.90 -1.42 8.56
CA ASP E 35 -15.48 -1.27 8.81
C ASP E 35 -14.76 -2.36 8.03
N MET E 36 -14.08 -1.97 6.96
CA MET E 36 -13.43 -2.93 6.07
C MET E 36 -12.33 -3.72 6.78
N ALA E 37 -11.55 -3.04 7.60
CA ALA E 37 -10.45 -3.68 8.33
C ALA E 37 -10.97 -4.65 9.39
N LYS E 38 -11.84 -4.16 10.26
CA LYS E 38 -12.36 -4.95 11.36
C LYS E 38 -13.47 -5.92 10.95
N LYS E 39 -13.94 -5.79 9.71
CA LYS E 39 -15.02 -6.62 9.18
C LYS E 39 -16.25 -6.57 10.09
N GLU E 40 -16.76 -5.37 10.33
CA GLU E 40 -17.84 -5.18 11.30
C GLU E 40 -18.80 -4.07 10.88
N THR E 41 -20.07 -4.26 11.19
CA THR E 41 -21.09 -3.25 10.94
C THR E 41 -21.02 -2.15 12.01
N VAL E 42 -20.81 -0.91 11.57
CA VAL E 42 -20.77 0.22 12.47
C VAL E 42 -21.99 1.12 12.28
N TRP E 43 -22.89 1.11 13.26
CA TRP E 43 -24.10 1.92 13.18
C TRP E 43 -23.82 3.37 13.63
N ARG E 44 -24.34 4.32 12.88
CA ARG E 44 -24.07 5.73 13.11
C ARG E 44 -24.58 6.23 14.46
N LEU E 45 -25.81 5.84 14.80
CA LEU E 45 -26.35 6.09 16.14
C LEU E 45 -26.80 4.74 16.71
N GLU E 46 -26.39 4.45 17.95
CA GLU E 46 -26.48 3.09 18.48
C GLU E 46 -27.87 2.45 18.53
N GLU E 47 -28.91 3.24 18.75
CA GLU E 47 -30.28 2.73 18.80
C GLU E 47 -30.66 1.97 17.53
N PHE E 48 -30.08 2.40 16.40
CA PHE E 48 -30.31 1.79 15.10
C PHE E 48 -30.01 0.29 15.16
N GLY E 49 -28.80 -0.03 15.64
CA GLY E 49 -28.32 -1.39 15.64
C GLY E 49 -28.93 -2.29 16.70
N ARG E 50 -29.92 -1.77 17.41
CA ARG E 50 -30.65 -2.56 18.39
C ARG E 50 -32.03 -2.94 17.86
N PHE E 51 -32.45 -2.28 16.77
CA PHE E 51 -33.69 -2.63 16.09
C PHE E 51 -33.40 -3.50 14.87
N ALA E 52 -32.21 -3.33 14.31
CA ALA E 52 -31.86 -4.01 13.07
C ALA E 52 -30.43 -4.54 13.08
N SER E 53 -30.14 -5.43 12.14
CA SER E 53 -28.81 -6.01 12.03
C SER E 53 -28.40 -6.16 10.56
N PHE E 54 -27.10 -6.23 10.32
CA PHE E 54 -26.57 -6.44 8.98
C PHE E 54 -25.28 -7.24 9.07
N GLU E 55 -25.22 -8.35 8.34
CA GLU E 55 -24.02 -9.18 8.33
C GLU E 55 -22.94 -8.54 7.46
N ALA E 56 -21.82 -8.20 8.10
CA ALA E 56 -20.75 -7.45 7.43
C ALA E 56 -20.11 -8.21 6.27
N GLN E 57 -20.10 -9.54 6.36
CA GLN E 57 -19.46 -10.36 5.34
C GLN E 57 -20.08 -10.19 3.96
N GLY E 58 -21.38 -9.91 3.94
CA GLY E 58 -22.09 -9.69 2.69
C GLY E 58 -21.57 -8.47 1.95
N ALA E 59 -21.19 -7.44 2.71
CA ALA E 59 -20.65 -6.22 2.14
C ALA E 59 -19.25 -6.44 1.59
N LEU E 60 -18.50 -7.31 2.27
CA LEU E 60 -17.12 -7.58 1.90
C LEU E 60 -17.06 -8.32 0.56
N ALA E 61 -18.08 -9.12 0.28
CA ALA E 61 -18.19 -9.79 -1.00
C ALA E 61 -18.49 -8.78 -2.10
N ASN E 62 -19.43 -7.88 -1.81
CA ASN E 62 -19.79 -6.81 -2.74
C ASN E 62 -18.58 -5.98 -3.17
N ILE E 63 -17.72 -5.66 -2.21
CA ILE E 63 -16.52 -4.86 -2.46
C ILE E 63 -15.57 -5.58 -3.42
N ALA E 64 -15.48 -6.89 -3.28
CA ALA E 64 -14.63 -7.69 -4.17
C ALA E 64 -15.07 -7.58 -5.63
N VAL E 65 -16.38 -7.59 -5.86
CA VAL E 65 -16.90 -7.46 -7.21
C VAL E 65 -16.79 -6.01 -7.70
N ASP E 66 -16.83 -5.06 -6.77
CA ASP E 66 -16.62 -3.66 -7.12
C ASP E 66 -15.19 -3.47 -7.58
N LYS E 67 -14.27 -4.12 -6.87
CA LYS E 67 -12.85 -4.07 -7.20
C LYS E 67 -12.60 -4.66 -8.58
N ALA E 68 -13.19 -5.82 -8.84
CA ALA E 68 -13.04 -6.49 -10.13
C ALA E 68 -13.70 -5.69 -11.25
N ASN E 69 -14.81 -5.03 -10.92
CA ASN E 69 -15.49 -4.19 -11.90
C ASN E 69 -14.72 -2.92 -12.19
N LEU E 70 -13.95 -2.45 -11.21
CA LEU E 70 -13.14 -1.25 -11.39
C LEU E 70 -12.01 -1.49 -12.39
N GLU E 71 -11.31 -2.62 -12.26
CA GLU E 71 -10.21 -2.92 -13.17
C GLU E 71 -10.71 -3.14 -14.61
N ILE E 72 -11.89 -3.72 -14.75
CA ILE E 72 -12.50 -3.90 -16.07
C ILE E 72 -12.81 -2.55 -16.71
N MET E 73 -13.39 -1.65 -15.94
CA MET E 73 -13.76 -0.33 -16.45
C MET E 73 -12.52 0.56 -16.59
N THR E 74 -11.48 0.26 -15.83
CA THR E 74 -10.25 1.04 -15.90
C THR E 74 -9.57 0.85 -17.25
N LYS E 75 -9.40 -0.42 -17.64
CA LYS E 75 -8.79 -0.75 -18.93
C LYS E 75 -9.65 -0.24 -20.09
N ARG E 76 -10.96 -0.38 -19.95
CA ARG E 76 -11.91 0.00 -20.99
C ARG E 76 -11.88 1.51 -21.28
N SER E 77 -11.61 2.30 -20.25
CA SER E 77 -11.59 3.75 -20.39
C SER E 77 -10.29 4.24 -21.00
N ASN E 78 -9.48 3.30 -21.49
CA ASN E 78 -8.12 3.59 -21.92
C ASN E 78 -7.34 4.26 -20.79
N TYR E 79 -7.56 3.76 -19.58
CA TYR E 79 -6.90 4.25 -18.38
C TYR E 79 -7.12 5.75 -18.14
N THR E 80 -8.35 6.21 -18.32
CA THR E 80 -8.70 7.59 -18.02
C THR E 80 -8.76 7.79 -16.51
N PRO E 81 -7.94 8.72 -15.99
CA PRO E 81 -7.88 8.99 -14.55
C PRO E 81 -8.98 9.95 -14.10
N ILE E 82 -9.36 9.88 -12.83
CA ILE E 82 -10.35 10.80 -12.29
C ILE E 82 -9.77 12.21 -12.18
N THR E 83 -10.60 13.21 -12.44
CA THR E 83 -10.21 14.60 -12.29
C THR E 83 -10.42 15.03 -10.83
N ASN E 84 -9.39 15.61 -10.23
CA ASN E 84 -9.48 16.08 -8.85
C ASN E 84 -10.42 17.27 -8.73
N VAL E 85 -11.39 17.15 -7.83
CA VAL E 85 -12.25 18.27 -7.48
C VAL E 85 -12.03 18.60 -6.01
N PRO E 86 -11.52 19.82 -5.74
CA PRO E 86 -11.19 20.25 -4.37
C PRO E 86 -12.45 20.48 -3.54
N PRO E 87 -12.39 20.17 -2.24
CA PRO E 87 -13.56 20.29 -1.36
C PRO E 87 -13.82 21.70 -0.90
N GLU E 88 -15.09 22.00 -0.63
CA GLU E 88 -15.46 23.22 0.07
C GLU E 88 -15.45 22.88 1.56
N VAL E 89 -14.82 23.73 2.36
CA VAL E 89 -14.74 23.47 3.79
C VAL E 89 -15.45 24.55 4.59
N THR E 90 -16.29 24.12 5.52
CA THR E 90 -17.00 25.03 6.40
C THR E 90 -16.89 24.55 7.83
N VAL E 91 -16.59 25.47 8.74
CA VAL E 91 -16.52 25.14 10.16
C VAL E 91 -17.62 25.88 10.92
N LEU E 92 -18.38 25.13 11.71
CA LEU E 92 -19.44 25.70 12.50
C LEU E 92 -19.60 24.93 13.80
N THR E 93 -20.31 25.52 14.76
CA THR E 93 -20.55 24.84 16.03
C THR E 93 -21.87 24.06 16.00
N ASN E 94 -21.94 23.04 16.86
CA ASN E 94 -23.11 22.20 17.01
C ASN E 94 -24.34 23.02 17.40
N SER E 95 -24.14 23.95 18.32
CA SER E 95 -25.22 24.76 18.87
C SER E 95 -24.68 26.15 19.21
N PRO E 96 -25.58 27.11 19.53
CA PRO E 96 -25.11 28.43 19.98
C PRO E 96 -24.07 28.33 21.09
N VAL E 97 -23.03 29.14 21.00
CA VAL E 97 -21.94 29.08 21.96
C VAL E 97 -22.27 29.76 23.28
N GLU E 98 -22.16 29.00 24.36
CA GLU E 98 -22.20 29.54 25.70
C GLU E 98 -20.83 29.33 26.31
N LEU E 99 -20.19 30.41 26.75
CA LEU E 99 -18.84 30.33 27.28
C LEU E 99 -18.76 29.35 28.45
N ARG E 100 -17.74 28.50 28.41
CA ARG E 100 -17.48 27.49 29.44
C ARG E 100 -18.53 26.37 29.48
N GLU E 101 -19.34 26.28 28.43
CA GLU E 101 -20.32 25.20 28.32
C GLU E 101 -20.02 24.32 27.11
N PRO E 102 -19.92 23.00 27.32
CA PRO E 102 -19.52 22.03 26.29
C PRO E 102 -20.27 22.20 24.98
N ASN E 103 -19.52 22.14 23.88
CA ASN E 103 -20.08 22.26 22.55
C ASN E 103 -19.24 21.42 21.60
N VAL E 104 -19.58 21.41 20.32
CA VAL E 104 -18.81 20.65 19.34
C VAL E 104 -18.55 21.47 18.08
N LEU E 105 -17.30 21.45 17.62
CA LEU E 105 -16.96 22.08 16.34
C LEU E 105 -17.15 21.08 15.20
N ILE E 106 -17.86 21.50 14.17
CA ILE E 106 -18.12 20.66 13.02
C ILE E 106 -17.35 21.15 11.79
N CYS E 107 -16.51 20.27 11.23
CA CYS E 107 -15.82 20.59 9.99
C CYS E 107 -16.53 19.94 8.81
N PHE E 108 -17.31 20.74 8.08
CA PHE E 108 -18.09 20.25 6.95
C PHE E 108 -17.28 20.28 5.66
N ILE E 109 -17.06 19.11 5.07
CA ILE E 109 -16.26 18.98 3.87
C ILE E 109 -17.11 18.46 2.72
N ASP E 110 -17.22 19.23 1.66
CA ASP E 110 -18.26 18.97 0.66
C ASP E 110 -17.78 19.13 -0.79
N LYS E 111 -18.45 18.39 -1.68
CA LYS E 111 -18.29 18.55 -3.13
C LYS E 111 -16.87 18.25 -3.62
N PHE E 112 -16.34 17.10 -3.23
CA PHE E 112 -15.00 16.70 -3.63
C PHE E 112 -14.92 15.27 -4.15
N THR E 113 -13.86 15.01 -4.92
CA THR E 113 -13.53 13.67 -5.39
C THR E 113 -12.07 13.70 -5.84
N PRO E 114 -11.34 12.59 -5.68
CA PRO E 114 -11.70 11.28 -5.12
C PRO E 114 -11.92 11.33 -3.61
N PRO E 115 -12.59 10.31 -3.04
CA PRO E 115 -12.88 10.30 -1.61
C PRO E 115 -11.66 9.93 -0.78
N VAL E 116 -10.64 10.78 -0.82
CA VAL E 116 -9.49 10.64 0.05
C VAL E 116 -9.15 12.02 0.61
N VAL E 117 -9.06 12.12 1.93
CA VAL E 117 -8.83 13.40 2.56
C VAL E 117 -8.13 13.21 3.90
N ASN E 118 -7.31 14.19 4.28
CA ASN E 118 -6.67 14.19 5.59
C ASN E 118 -7.08 15.44 6.37
N VAL E 119 -7.69 15.24 7.53
CA VAL E 119 -8.20 16.34 8.33
C VAL E 119 -7.54 16.42 9.69
N THR E 120 -7.10 17.61 10.06
CA THR E 120 -6.43 17.83 11.33
C THR E 120 -7.04 19.00 12.09
N TRP E 121 -7.48 18.74 13.32
CA TRP E 121 -7.99 19.78 14.18
C TRP E 121 -6.82 20.47 14.89
N LEU E 122 -6.77 21.79 14.83
CA LEU E 122 -5.71 22.55 15.46
C LEU E 122 -6.26 23.54 16.48
N ARG E 123 -5.90 23.37 17.75
CA ARG E 123 -6.22 24.37 18.78
C ARG E 123 -5.01 25.23 19.08
N ASN E 124 -5.15 26.53 18.81
CA ASN E 124 -4.05 27.49 18.99
C ASN E 124 -2.80 27.10 18.23
N GLY E 125 -2.99 26.34 17.14
CA GLY E 125 -1.88 25.93 16.29
C GLY E 125 -1.36 24.53 16.61
N LYS E 126 -2.00 23.86 17.56
CA LYS E 126 -1.55 22.54 17.97
C LYS E 126 -2.62 21.47 17.73
N PRO E 127 -2.21 20.35 17.10
CA PRO E 127 -3.11 19.23 16.78
C PRO E 127 -3.82 18.65 18.00
N VAL E 128 -5.12 18.39 17.86
CA VAL E 128 -5.91 17.82 18.94
C VAL E 128 -6.71 16.62 18.43
N THR E 129 -6.75 15.56 19.24
CA THR E 129 -7.42 14.32 18.86
C THR E 129 -8.38 13.81 19.93
N THR E 130 -8.44 14.53 21.05
CA THR E 130 -9.26 14.11 22.19
C THR E 130 -10.74 14.05 21.85
N GLY E 131 -11.26 12.83 21.76
CA GLY E 131 -12.68 12.62 21.54
C GLY E 131 -13.16 12.96 20.16
N VAL E 132 -12.23 13.21 19.24
CA VAL E 132 -12.60 13.53 17.86
C VAL E 132 -13.25 12.32 17.21
N SER E 133 -14.14 12.59 16.26
CA SER E 133 -14.79 11.53 15.51
C SER E 133 -15.04 12.04 14.10
N GLU E 134 -15.53 11.16 13.23
CA GLU E 134 -15.76 11.51 11.85
C GLU E 134 -16.76 10.57 11.22
N THR E 135 -17.28 10.95 10.06
CA THR E 135 -18.12 10.08 9.27
C THR E 135 -17.28 9.49 8.15
N VAL E 136 -17.83 8.49 7.48
CA VAL E 136 -17.22 8.00 6.26
C VAL E 136 -17.59 8.96 5.14
N PHE E 137 -17.27 8.61 3.91
CA PHE E 137 -17.59 9.48 2.79
C PHE E 137 -19.05 9.33 2.37
N LEU E 138 -19.79 10.43 2.42
CA LEU E 138 -21.21 10.41 2.07
C LEU E 138 -21.40 10.69 0.58
N PRO E 139 -22.31 9.95 -0.06
CA PRO E 139 -22.55 10.09 -1.50
C PRO E 139 -23.36 11.35 -1.83
N ARG E 140 -23.12 11.90 -3.02
CA ARG E 140 -23.89 13.04 -3.51
C ARG E 140 -24.55 12.67 -4.85
N GLU E 141 -25.56 13.44 -5.23
CA GLU E 141 -26.28 13.19 -6.48
C GLU E 141 -25.39 13.44 -7.70
N ASP E 142 -24.40 14.31 -7.54
CA ASP E 142 -23.44 14.57 -8.61
C ASP E 142 -22.23 13.65 -8.52
N HIS E 143 -22.36 12.62 -7.68
CA HIS E 143 -21.34 11.58 -7.52
C HIS E 143 -20.02 12.08 -6.92
N LEU E 144 -20.07 13.27 -6.32
CA LEU E 144 -18.98 13.75 -5.46
C LEU E 144 -19.25 13.24 -4.04
N PHE E 145 -18.45 13.70 -3.08
CA PHE E 145 -18.57 13.21 -1.71
C PHE E 145 -18.68 14.31 -0.66
N ARG E 146 -19.27 13.97 0.48
CA ARG E 146 -19.34 14.86 1.63
C ARG E 146 -18.77 14.15 2.84
N LYS E 147 -18.31 14.92 3.83
CA LYS E 147 -17.69 14.33 5.01
C LYS E 147 -17.74 15.29 6.20
N PHE E 148 -17.89 14.73 7.39
CA PHE E 148 -17.93 15.52 8.62
C PHE E 148 -16.86 15.08 9.59
N HIS E 149 -16.17 16.06 10.19
CA HIS E 149 -15.26 15.79 11.31
C HIS E 149 -15.74 16.57 12.52
N TYR E 150 -15.60 15.98 13.70
CA TYR E 150 -16.11 16.60 14.93
C TYR E 150 -15.02 16.78 15.97
N LEU E 151 -15.08 17.89 16.69
CA LEU E 151 -14.19 18.14 17.82
C LEU E 151 -14.99 18.66 19.00
N PRO E 152 -15.19 17.81 20.01
CA PRO E 152 -15.80 18.26 21.27
C PRO E 152 -14.89 19.30 21.90
N PHE E 153 -15.45 20.41 22.36
CA PHE E 153 -14.63 21.47 22.93
C PHE E 153 -15.38 22.31 23.94
N LEU E 154 -14.62 23.03 24.76
CA LEU E 154 -15.17 23.93 25.75
C LEU E 154 -14.88 25.35 25.31
N PRO E 155 -15.89 26.04 24.77
CA PRO E 155 -15.76 27.41 24.26
C PRO E 155 -15.22 28.36 25.31
N SER E 156 -14.31 29.23 24.87
CA SER E 156 -13.75 30.26 25.73
C SER E 156 -13.23 31.37 24.84
N THR E 157 -12.90 32.52 25.44
CA THR E 157 -12.38 33.64 24.69
C THR E 157 -10.88 33.48 24.41
N GLU E 158 -10.28 32.42 24.95
CA GLU E 158 -8.83 32.27 24.93
C GLU E 158 -8.30 31.38 23.80
N ASP E 159 -9.15 30.51 23.26
CA ASP E 159 -8.70 29.54 22.28
C ASP E 159 -9.19 29.84 20.86
N VAL E 160 -8.29 29.71 19.89
CA VAL E 160 -8.66 29.73 18.48
C VAL E 160 -8.57 28.31 17.95
N TYR E 161 -9.32 28.01 16.88
CA TYR E 161 -9.33 26.68 16.31
C TYR E 161 -9.22 26.71 14.79
N ASP E 162 -8.67 25.63 14.23
CA ASP E 162 -8.63 25.48 12.78
C ASP E 162 -8.90 24.04 12.38
N CYS E 163 -9.64 23.88 11.29
CA CYS E 163 -9.80 22.58 10.66
C CYS E 163 -8.88 22.55 9.45
N ARG E 164 -7.84 21.73 9.50
CA ARG E 164 -6.89 21.65 8.39
C ARG E 164 -7.24 20.50 7.44
N VAL E 165 -7.51 20.85 6.19
CA VAL E 165 -7.96 19.86 5.21
C VAL E 165 -6.97 19.72 4.05
N GLU E 166 -6.52 18.49 3.81
CA GLU E 166 -5.63 18.21 2.70
C GLU E 166 -6.32 17.36 1.64
N HIS E 167 -6.22 17.78 0.38
CA HIS E 167 -6.81 17.04 -0.73
C HIS E 167 -6.00 17.30 -1.99
N TRP E 168 -5.92 16.29 -2.85
CA TRP E 168 -5.10 16.39 -4.07
C TRP E 168 -5.56 17.51 -5.01
N GLY E 169 -6.82 17.94 -4.85
CA GLY E 169 -7.37 19.01 -5.65
C GLY E 169 -6.97 20.38 -5.16
N LEU E 170 -6.32 20.42 -3.99
CA LEU E 170 -5.86 21.67 -3.40
C LEU E 170 -4.38 21.88 -3.68
N ASP E 171 -4.00 23.14 -3.89
CA ASP E 171 -2.60 23.48 -4.10
C ASP E 171 -1.84 23.43 -2.78
N GLU E 172 -2.52 23.82 -1.71
CA GLU E 172 -1.92 23.86 -0.38
C GLU E 172 -2.95 23.43 0.66
N PRO E 173 -2.50 23.03 1.86
CA PRO E 173 -3.41 22.70 2.95
C PRO E 173 -4.42 23.82 3.22
N LEU E 174 -5.69 23.48 3.18
CA LEU E 174 -6.75 24.46 3.41
C LEU E 174 -7.23 24.37 4.85
N LEU E 175 -6.98 25.41 5.63
CA LEU E 175 -7.55 25.46 6.98
C LEU E 175 -8.56 26.59 7.19
N LYS E 176 -9.66 26.23 7.85
CA LYS E 176 -10.73 27.17 8.13
C LYS E 176 -10.72 27.53 9.61
N HIS E 177 -10.90 28.81 9.90
CA HIS E 177 -10.70 29.33 11.24
C HIS E 177 -12.01 29.46 12.02
N TRP E 178 -11.95 29.14 13.31
CA TRP E 178 -13.06 29.44 14.21
C TRP E 178 -12.54 30.04 15.51
N GLU E 179 -13.25 31.06 15.99
CA GLU E 179 -12.99 31.64 17.31
C GLU E 179 -14.24 32.35 17.78
N PHE E 180 -14.37 32.53 19.08
CA PHE E 180 -15.54 33.19 19.64
C PHE E 180 -15.56 34.69 19.36
N ASP E 181 -16.74 35.21 19.04
CA ASP E 181 -16.93 36.65 18.84
C ASP E 181 -17.68 37.26 20.01
N ASP F 2 3.11 11.94 -3.48
CA ASP F 2 2.27 11.12 -4.34
C ASP F 2 1.48 11.98 -5.32
N THR F 3 1.60 11.66 -6.60
CA THR F 3 0.87 12.36 -7.67
C THR F 3 0.30 11.37 -8.67
N ARG F 4 0.09 10.14 -8.20
CA ARG F 4 -0.39 9.05 -9.03
C ARG F 4 -1.83 9.28 -9.50
N PRO F 5 -2.18 8.73 -10.66
CA PRO F 5 -3.56 8.81 -11.15
C PRO F 5 -4.49 7.89 -10.36
N ARG F 6 -5.67 8.37 -10.03
CA ARG F 6 -6.65 7.56 -9.31
C ARG F 6 -7.76 7.09 -10.24
N PHE F 7 -8.32 5.93 -9.93
CA PHE F 7 -9.43 5.38 -10.69
C PHE F 7 -10.53 5.01 -9.71
N LEU F 8 -11.72 5.56 -9.92
CA LEU F 8 -12.80 5.40 -8.96
C LEU F 8 -14.02 4.67 -9.53
N TRP F 9 -14.51 3.69 -8.78
CA TRP F 9 -15.71 2.96 -9.15
C TRP F 9 -16.76 3.11 -8.06
N GLN F 10 -17.97 3.45 -8.46
CA GLN F 10 -19.07 3.60 -7.50
C GLN F 10 -20.28 2.78 -7.93
N LEU F 11 -20.92 2.15 -6.95
CA LEU F 11 -22.17 1.44 -7.18
C LEU F 11 -23.22 1.93 -6.20
N LYS F 12 -24.32 2.46 -6.72
CA LYS F 12 -25.37 3.03 -5.89
C LYS F 12 -26.72 2.40 -6.15
N PHE F 13 -27.34 1.89 -5.09
CA PHE F 13 -28.72 1.43 -5.15
C PHE F 13 -29.59 2.43 -4.42
N GLU F 14 -30.43 3.13 -5.16
CA GLU F 14 -31.29 4.15 -4.59
C GLU F 14 -32.74 3.71 -4.57
N CYS F 15 -33.31 3.59 -3.38
CA CYS F 15 -34.74 3.31 -3.24
C CYS F 15 -35.48 4.61 -2.94
N HIS F 16 -36.33 5.02 -3.87
CA HIS F 16 -37.12 6.24 -3.70
C HIS F 16 -38.54 5.89 -3.29
N PHE F 17 -39.03 6.55 -2.24
CA PHE F 17 -40.35 6.24 -1.69
C PHE F 17 -41.30 7.43 -1.79
N PHE F 18 -42.50 7.16 -2.30
CA PHE F 18 -43.51 8.20 -2.44
C PHE F 18 -44.78 7.79 -1.70
N ASN F 19 -45.28 8.67 -0.85
CA ASN F 19 -46.50 8.42 -0.08
C ASN F 19 -46.41 7.11 0.71
N GLY F 20 -45.50 7.08 1.68
CA GLY F 20 -45.20 5.86 2.40
C GLY F 20 -44.45 4.92 1.48
N THR F 21 -45.02 3.73 1.25
CA THR F 21 -44.45 2.79 0.30
C THR F 21 -45.44 2.49 -0.82
N GLU F 22 -46.35 3.44 -1.06
CA GLU F 22 -47.37 3.28 -2.09
C GLU F 22 -46.71 3.24 -3.47
N ARG F 23 -45.75 4.13 -3.69
CA ARG F 23 -44.98 4.14 -4.91
C ARG F 23 -43.50 3.93 -4.59
N VAL F 24 -42.88 2.95 -5.23
CA VAL F 24 -41.48 2.64 -4.99
C VAL F 24 -40.69 2.61 -6.28
N ARG F 25 -39.53 3.27 -6.27
CA ARG F 25 -38.67 3.34 -7.44
C ARG F 25 -37.24 2.99 -7.08
N LEU F 26 -36.71 1.93 -7.70
CA LEU F 26 -35.35 1.50 -7.47
C LEU F 26 -34.42 1.97 -8.59
N LEU F 27 -33.35 2.66 -8.22
CA LEU F 27 -32.35 3.11 -9.17
C LEU F 27 -30.98 2.52 -8.87
N GLU F 28 -30.54 1.58 -9.70
CA GLU F 28 -29.18 1.08 -9.61
C GLU F 28 -28.28 1.90 -10.51
N ARG F 29 -27.17 2.39 -9.99
CA ARG F 29 -26.31 3.29 -10.75
C ARG F 29 -24.83 2.88 -10.66
N CYS F 30 -24.19 2.77 -11.82
CA CYS F 30 -22.77 2.49 -11.90
C CYS F 30 -22.01 3.74 -12.37
N ILE F 31 -21.06 4.19 -11.57
CA ILE F 31 -20.33 5.41 -11.87
C ILE F 31 -18.82 5.19 -11.89
N TYR F 32 -18.19 5.51 -13.02
CA TYR F 32 -16.74 5.47 -13.12
C TYR F 32 -16.20 6.88 -13.01
N ASN F 33 -15.31 7.10 -12.05
CA ASN F 33 -14.84 8.44 -11.70
C ASN F 33 -16.00 9.36 -11.34
N GLN F 34 -16.35 10.29 -12.22
CA GLN F 34 -17.51 11.13 -11.98
C GLN F 34 -18.53 11.03 -13.12
N GLU F 35 -18.46 9.93 -13.87
CA GLU F 35 -19.38 9.71 -14.97
C GLU F 35 -20.21 8.44 -14.77
N GLU F 36 -21.51 8.61 -14.67
CA GLU F 36 -22.41 7.46 -14.61
C GLU F 36 -22.39 6.74 -15.95
N SER F 37 -22.14 5.44 -15.94
CA SER F 37 -21.97 4.69 -17.17
C SER F 37 -23.22 3.89 -17.56
N VAL F 38 -23.86 3.28 -16.57
CA VAL F 38 -25.02 2.43 -16.82
C VAL F 38 -25.94 2.46 -15.60
N ARG F 39 -27.21 2.15 -15.81
CA ARG F 39 -28.19 2.20 -14.73
C ARG F 39 -29.39 1.30 -14.98
N PHE F 40 -30.01 0.88 -13.88
CA PHE F 40 -31.30 0.20 -13.93
C PHE F 40 -32.37 1.06 -13.28
N ASP F 41 -33.38 1.43 -14.06
CA ASP F 41 -34.52 2.17 -13.54
C ASP F 41 -35.71 1.23 -13.53
N SER F 42 -36.22 0.94 -12.33
CA SER F 42 -37.36 0.03 -12.19
C SER F 42 -38.58 0.53 -12.98
N ASP F 43 -38.68 1.84 -13.16
CA ASP F 43 -39.74 2.43 -13.97
C ASP F 43 -39.52 2.10 -15.45
N VAL F 44 -38.27 1.85 -15.83
CA VAL F 44 -37.94 1.47 -17.20
C VAL F 44 -37.99 -0.04 -17.36
N GLY F 45 -37.42 -0.76 -16.40
CA GLY F 45 -37.54 -2.21 -16.37
C GLY F 45 -36.33 -2.97 -16.87
N GLU F 46 -35.34 -2.25 -17.39
CA GLU F 46 -34.09 -2.88 -17.82
C GLU F 46 -32.95 -1.88 -17.82
N TYR F 47 -31.73 -2.38 -18.02
CA TYR F 47 -30.56 -1.52 -18.01
C TYR F 47 -30.47 -0.61 -19.23
N ARG F 48 -30.08 0.63 -18.99
CA ARG F 48 -29.87 1.60 -20.05
C ARG F 48 -28.49 2.22 -19.92
N ALA F 49 -27.79 2.31 -21.05
CA ALA F 49 -26.50 2.97 -21.10
C ALA F 49 -26.66 4.45 -20.83
N VAL F 50 -25.75 5.01 -20.05
CA VAL F 50 -25.74 6.46 -19.83
C VAL F 50 -24.69 7.10 -20.72
N THR F 51 -23.45 6.63 -20.58
CA THR F 51 -22.38 7.03 -21.49
C THR F 51 -22.09 5.86 -22.42
N GLU F 52 -21.19 6.08 -23.38
CA GLU F 52 -20.78 5.02 -24.29
C GLU F 52 -19.99 3.94 -23.56
N LEU F 53 -19.32 4.33 -22.48
CA LEU F 53 -18.55 3.39 -21.67
C LEU F 53 -19.46 2.33 -21.04
N GLY F 54 -20.71 2.74 -20.77
CA GLY F 54 -21.69 1.87 -20.18
C GLY F 54 -22.66 1.34 -21.23
N ARG F 55 -22.43 1.72 -22.48
CA ARG F 55 -23.14 1.07 -23.58
C ARG F 55 -23.02 -0.45 -23.62
N PRO F 56 -21.79 -0.99 -23.46
CA PRO F 56 -21.64 -2.44 -23.58
C PRO F 56 -22.27 -3.24 -22.42
N ASP F 57 -22.11 -2.77 -21.19
CA ASP F 57 -22.64 -3.51 -20.03
C ASP F 57 -24.17 -3.61 -20.03
N ALA F 58 -24.85 -2.56 -20.49
CA ALA F 58 -26.29 -2.53 -20.53
C ALA F 58 -26.86 -3.63 -21.41
N GLU F 59 -26.27 -3.81 -22.60
CA GLU F 59 -26.76 -4.82 -23.53
C GLU F 59 -26.40 -6.23 -23.07
N TYR F 60 -25.28 -6.35 -22.34
CA TYR F 60 -24.89 -7.64 -21.78
C TYR F 60 -25.86 -8.09 -20.68
N TRP F 61 -26.00 -7.28 -19.64
CA TRP F 61 -26.86 -7.61 -18.52
C TRP F 61 -28.31 -7.83 -18.96
N ASN F 62 -28.76 -7.07 -19.94
CA ASN F 62 -30.10 -7.21 -20.48
C ASN F 62 -30.33 -8.54 -21.19
N SER F 63 -29.24 -9.21 -21.56
CA SER F 63 -29.35 -10.50 -22.25
C SER F 63 -29.70 -11.62 -21.27
N GLN F 64 -29.31 -11.45 -20.01
CA GLN F 64 -29.63 -12.42 -18.97
C GLN F 64 -31.00 -12.14 -18.36
N LYS F 65 -31.88 -13.13 -18.46
CA LYS F 65 -33.27 -12.97 -18.03
C LYS F 65 -33.45 -13.06 -16.52
N ASP F 66 -32.56 -13.80 -15.87
CA ASP F 66 -32.66 -13.99 -14.42
C ASP F 66 -32.28 -12.74 -13.64
N LEU F 67 -31.26 -12.02 -14.13
CA LEU F 67 -30.80 -10.80 -13.47
C LEU F 67 -31.85 -9.70 -13.51
N LEU F 68 -32.52 -9.56 -14.65
CA LEU F 68 -33.55 -8.54 -14.80
C LEU F 68 -34.77 -8.82 -13.92
N GLU F 69 -35.08 -10.10 -13.75
CA GLU F 69 -36.24 -10.50 -12.95
C GLU F 69 -36.11 -10.16 -11.47
N GLN F 70 -34.94 -10.39 -10.90
CA GLN F 70 -34.70 -10.12 -9.47
C GLN F 70 -34.60 -8.62 -9.20
N ARG F 71 -33.97 -7.88 -10.10
CA ARG F 71 -33.90 -6.43 -9.98
C ARG F 71 -35.30 -5.83 -10.03
N ARG F 72 -36.14 -6.35 -10.91
CA ARG F 72 -37.52 -5.89 -11.02
C ARG F 72 -38.31 -6.22 -9.76
N ALA F 73 -37.95 -7.33 -9.11
CA ALA F 73 -38.65 -7.76 -7.91
C ALA F 73 -38.09 -7.06 -6.67
N ALA F 74 -36.95 -6.40 -6.85
CA ALA F 74 -36.25 -5.79 -5.72
C ALA F 74 -37.00 -4.63 -5.07
N VAL F 75 -37.88 -3.97 -5.81
CA VAL F 75 -38.69 -2.89 -5.24
C VAL F 75 -39.52 -3.41 -4.06
N ASP F 76 -39.88 -4.69 -4.13
CA ASP F 76 -40.60 -5.35 -3.04
C ASP F 76 -39.64 -5.99 -2.04
N THR F 77 -38.78 -6.87 -2.53
CA THR F 77 -37.92 -7.69 -1.68
C THR F 77 -36.76 -6.94 -1.05
N TYR F 78 -36.45 -5.75 -1.57
CA TYR F 78 -35.30 -4.98 -1.09
C TYR F 78 -35.71 -3.63 -0.53
N CYS F 79 -36.28 -2.77 -1.39
CA CYS F 79 -36.66 -1.42 -1.00
C CYS F 79 -37.74 -1.40 0.10
N ARG F 80 -38.86 -2.07 -0.14
CA ARG F 80 -39.95 -2.09 0.82
C ARG F 80 -39.58 -2.80 2.13
N HIS F 81 -38.75 -3.83 2.03
CA HIS F 81 -38.26 -4.52 3.22
C HIS F 81 -37.43 -3.59 4.09
N ASN F 82 -36.47 -2.91 3.47
CA ASN F 82 -35.59 -2.01 4.20
C ASN F 82 -36.32 -0.80 4.78
N TYR F 83 -37.33 -0.31 4.05
CA TYR F 83 -38.16 0.78 4.55
C TYR F 83 -38.84 0.31 5.83
N GLY F 84 -39.36 -0.91 5.81
CA GLY F 84 -40.05 -1.47 6.96
C GLY F 84 -39.14 -1.65 8.15
N VAL F 85 -37.96 -2.20 7.92
CA VAL F 85 -37.00 -2.46 8.96
C VAL F 85 -36.53 -1.17 9.65
N GLY F 86 -36.26 -0.14 8.86
CA GLY F 86 -35.71 1.10 9.41
C GLY F 86 -36.73 2.18 9.68
N GLU F 87 -38.00 1.88 9.47
CA GLU F 87 -39.07 2.88 9.58
C GLU F 87 -39.12 3.59 10.92
N SER F 88 -39.04 2.82 12.01
CA SER F 88 -39.16 3.36 13.35
C SER F 88 -38.10 4.39 13.71
N PHE F 89 -36.87 4.19 13.24
CA PHE F 89 -35.76 5.07 13.61
C PHE F 89 -35.31 6.06 12.53
N THR F 90 -35.93 6.00 11.36
CA THR F 90 -35.60 6.92 10.27
C THR F 90 -36.79 7.79 9.87
N VAL F 91 -37.79 7.18 9.23
CA VAL F 91 -39.00 7.87 8.82
C VAL F 91 -39.73 8.53 9.99
N GLN F 92 -39.80 7.82 11.11
CA GLN F 92 -40.58 8.28 12.26
C GLN F 92 -39.73 9.00 13.31
N ARG F 93 -38.46 9.22 13.00
CA ARG F 93 -37.57 9.90 13.93
C ARG F 93 -37.95 11.37 14.09
N ARG F 94 -38.24 11.78 15.31
CA ARG F 94 -38.54 13.18 15.59
C ARG F 94 -37.79 13.70 16.79
N VAL F 95 -36.95 14.70 16.56
CA VAL F 95 -36.19 15.35 17.63
C VAL F 95 -36.53 16.83 17.65
N GLU F 96 -36.92 17.32 18.82
CA GLU F 96 -37.39 18.69 18.99
C GLU F 96 -36.26 19.70 18.95
N PRO F 97 -36.48 20.81 18.21
CA PRO F 97 -35.47 21.87 18.11
C PRO F 97 -35.33 22.71 19.37
N LYS F 98 -34.10 23.10 19.68
CA LYS F 98 -33.85 24.08 20.73
C LYS F 98 -33.78 25.46 20.10
N VAL F 99 -34.61 26.38 20.56
CA VAL F 99 -34.68 27.71 19.96
C VAL F 99 -34.18 28.77 20.92
N THR F 100 -33.17 29.53 20.48
CA THR F 100 -32.65 30.64 21.26
C THR F 100 -32.57 31.89 20.39
N VAL F 101 -32.83 33.04 21.01
CA VAL F 101 -32.78 34.31 20.29
C VAL F 101 -31.77 35.25 20.94
N TYR F 102 -30.92 35.87 20.11
CA TYR F 102 -29.94 36.82 20.59
C TYR F 102 -29.58 37.83 19.51
N PRO F 103 -29.32 39.08 19.89
CA PRO F 103 -28.78 40.05 18.93
C PRO F 103 -27.35 39.65 18.56
N SER F 104 -27.02 39.67 17.27
CA SER F 104 -25.71 39.25 16.81
C SER F 104 -24.59 40.10 17.42
N LYS F 105 -24.79 41.42 17.39
CA LYS F 105 -23.87 42.34 18.03
C LYS F 105 -24.63 43.22 19.03
N THR F 106 -23.91 43.77 19.99
CA THR F 106 -24.54 44.59 21.03
C THR F 106 -24.42 46.08 20.74
N GLN F 107 -25.02 46.52 19.64
CA GLN F 107 -25.16 47.95 19.43
C GLN F 107 -26.28 48.45 20.33
N PRO F 108 -26.13 49.65 20.90
CA PRO F 108 -27.24 50.24 21.65
C PRO F 108 -28.41 50.54 20.72
N LEU F 109 -29.58 50.82 21.28
CA LEU F 109 -30.82 50.98 20.51
C LEU F 109 -30.76 52.03 19.39
N GLN F 110 -31.77 51.98 18.53
CA GLN F 110 -31.96 52.96 17.45
C GLN F 110 -30.94 52.85 16.32
N HIS F 111 -30.09 51.82 16.36
CA HIS F 111 -29.18 51.53 15.26
C HIS F 111 -29.53 50.18 14.65
N HIS F 112 -29.10 49.97 13.40
CA HIS F 112 -29.40 48.72 12.71
C HIS F 112 -28.74 47.55 13.44
N ASN F 113 -29.43 46.41 13.45
CA ASN F 113 -28.91 45.22 14.11
C ASN F 113 -29.50 43.95 13.52
N LEU F 114 -28.71 42.89 13.53
CA LEU F 114 -29.18 41.59 13.08
C LEU F 114 -29.68 40.77 14.27
N LEU F 115 -30.98 40.54 14.33
CA LEU F 115 -31.56 39.71 15.38
C LEU F 115 -31.49 38.26 14.95
N VAL F 116 -30.86 37.42 15.76
CA VAL F 116 -30.59 36.04 15.38
C VAL F 116 -31.49 35.03 16.09
N CYS F 117 -32.23 34.25 15.30
CA CYS F 117 -32.96 33.11 15.84
C CYS F 117 -32.23 31.83 15.52
N SER F 118 -31.70 31.18 16.55
CA SER F 118 -30.99 29.93 16.36
C SER F 118 -31.91 28.74 16.63
N VAL F 119 -32.00 27.84 15.65
CA VAL F 119 -32.81 26.65 15.79
C VAL F 119 -31.91 25.44 15.53
N SER F 120 -31.70 24.62 16.55
CA SER F 120 -30.69 23.57 16.46
C SER F 120 -31.13 22.21 17.01
N GLY F 121 -30.47 21.16 16.54
CA GLY F 121 -30.65 19.83 17.07
C GLY F 121 -31.93 19.11 16.68
N PHE F 122 -32.59 19.58 15.63
CA PHE F 122 -33.88 19.01 15.24
C PHE F 122 -33.80 17.95 14.15
N TYR F 123 -34.85 17.14 14.08
CA TYR F 123 -35.03 16.16 13.02
C TYR F 123 -36.51 15.83 12.96
N PRO F 124 -37.08 15.72 11.75
CA PRO F 124 -36.42 15.82 10.45
C PRO F 124 -36.16 17.26 9.99
N GLY F 125 -35.71 17.41 8.75
CA GLY F 125 -35.27 18.70 8.23
C GLY F 125 -36.37 19.70 7.94
N SER F 126 -37.57 19.20 7.64
CA SER F 126 -38.70 20.07 7.33
C SER F 126 -39.04 20.96 8.51
N ILE F 127 -38.91 22.28 8.33
CA ILE F 127 -39.15 23.23 9.41
C ILE F 127 -39.56 24.59 8.86
N GLU F 128 -40.28 25.35 9.68
CA GLU F 128 -40.68 26.71 9.32
C GLU F 128 -40.33 27.67 10.44
N VAL F 129 -39.56 28.70 10.10
CA VAL F 129 -39.14 29.71 11.07
C VAL F 129 -39.64 31.09 10.64
N ARG F 130 -40.32 31.77 11.55
CA ARG F 130 -40.92 33.07 11.23
C ARG F 130 -40.57 34.13 12.27
N TRP F 131 -40.30 35.34 11.79
CA TRP F 131 -40.03 36.48 12.67
C TRP F 131 -41.28 37.35 12.82
N PHE F 132 -41.46 37.89 14.01
CA PHE F 132 -42.59 38.76 14.30
C PHE F 132 -42.13 40.01 15.04
N ARG F 133 -42.64 41.17 14.64
CA ARG F 133 -42.41 42.39 15.39
C ARG F 133 -43.75 42.92 15.91
N ASN F 134 -43.90 42.91 17.23
CA ASN F 134 -45.16 43.28 17.88
C ASN F 134 -46.34 42.45 17.41
N GLY F 135 -46.15 41.14 17.33
CA GLY F 135 -47.20 40.23 16.91
C GLY F 135 -47.49 40.29 15.42
N GLN F 136 -46.62 40.95 14.68
CA GLN F 136 -46.81 41.13 13.24
C GLN F 136 -45.67 40.50 12.46
N GLU F 137 -46.00 39.55 11.59
CA GLU F 137 -44.97 38.83 10.84
C GLU F 137 -44.16 39.73 9.93
N GLU F 138 -42.84 39.59 10.01
CA GLU F 138 -41.93 40.31 9.14
C GLU F 138 -41.31 39.32 8.16
N LYS F 139 -41.56 39.52 6.87
CA LYS F 139 -41.03 38.64 5.84
C LYS F 139 -39.87 39.29 5.09
N ALA F 140 -39.77 40.62 5.19
CA ALA F 140 -38.69 41.36 4.57
C ALA F 140 -37.50 41.48 5.52
N GLY F 141 -36.30 41.57 4.96
CA GLY F 141 -35.10 41.72 5.76
C GLY F 141 -34.75 40.46 6.53
N VAL F 142 -35.15 39.32 6.00
CA VAL F 142 -34.86 38.04 6.65
C VAL F 142 -33.69 37.34 5.96
N VAL F 143 -32.61 37.11 6.71
CA VAL F 143 -31.41 36.48 6.17
C VAL F 143 -31.20 35.12 6.80
N SER F 144 -31.26 34.08 5.98
CA SER F 144 -31.21 32.70 6.47
C SER F 144 -30.07 31.89 5.85
N THR F 145 -29.47 31.02 6.66
CA THR F 145 -28.43 30.12 6.18
C THR F 145 -29.03 28.95 5.43
N GLY F 146 -30.34 28.79 5.54
CA GLY F 146 -31.02 27.62 5.00
C GLY F 146 -30.80 26.44 5.92
N LEU F 147 -31.25 25.27 5.50
CA LEU F 147 -31.16 24.06 6.32
C LEU F 147 -29.73 23.51 6.35
N ILE F 148 -29.19 23.33 7.55
CA ILE F 148 -27.84 22.79 7.71
C ILE F 148 -27.84 21.41 8.33
N GLN F 149 -27.35 20.43 7.57
CA GLN F 149 -27.26 19.05 8.02
C GLN F 149 -25.97 18.83 8.80
N ASN F 150 -26.09 18.44 10.06
CA ASN F 150 -24.93 18.28 10.94
C ASN F 150 -24.19 16.95 10.74
N GLY F 151 -24.82 16.03 10.03
CA GLY F 151 -24.22 14.73 9.76
C GLY F 151 -24.40 13.74 10.88
N ASP F 152 -25.00 14.18 11.98
CA ASP F 152 -25.24 13.33 13.15
C ASP F 152 -26.72 13.10 13.39
N TRP F 153 -27.50 13.10 12.31
CA TRP F 153 -28.96 12.94 12.37
C TRP F 153 -29.67 14.08 13.08
N THR F 154 -29.07 15.27 13.02
CA THR F 154 -29.72 16.50 13.48
C THR F 154 -29.48 17.61 12.46
N PHE F 155 -30.38 18.59 12.44
CA PHE F 155 -30.22 19.75 11.59
C PHE F 155 -30.10 21.02 12.44
N GLN F 156 -29.65 22.10 11.83
CA GLN F 156 -29.71 23.40 12.46
C GLN F 156 -29.94 24.49 11.41
N THR F 157 -30.45 25.63 11.84
CA THR F 157 -30.63 26.75 10.95
C THR F 157 -30.54 28.07 11.71
N LEU F 158 -29.96 29.07 11.07
CA LEU F 158 -29.89 30.41 11.62
C LEU F 158 -30.72 31.34 10.75
N VAL F 159 -31.78 31.90 11.32
CA VAL F 159 -32.65 32.81 10.59
C VAL F 159 -32.57 34.20 11.23
N MET F 160 -31.99 35.14 10.49
CA MET F 160 -31.70 36.46 11.05
C MET F 160 -32.63 37.56 10.52
N LEU F 161 -33.11 38.39 11.44
CA LEU F 161 -34.01 39.49 11.11
C LEU F 161 -33.29 40.84 11.17
N GLU F 162 -33.33 41.58 10.08
CA GLU F 162 -32.79 42.93 10.05
C GLU F 162 -33.70 43.87 10.82
N THR F 163 -33.16 44.51 11.84
CA THR F 163 -33.97 45.35 12.72
C THR F 163 -33.33 46.70 13.00
N VAL F 164 -34.17 47.65 13.37
CA VAL F 164 -33.72 48.87 14.04
C VAL F 164 -34.57 48.96 15.30
N PRO F 165 -34.12 48.29 16.37
CA PRO F 165 -34.88 48.09 17.61
C PRO F 165 -35.28 49.40 18.31
N ARG F 166 -36.53 49.47 18.72
CA ARG F 166 -37.02 50.62 19.48
C ARG F 166 -37.51 50.18 20.86
N SER F 167 -37.49 51.12 21.80
CA SER F 167 -37.84 50.82 23.19
C SER F 167 -39.28 50.34 23.30
N GLY F 168 -39.46 49.20 23.97
CA GLY F 168 -40.79 48.64 24.18
C GLY F 168 -41.15 47.56 23.17
N GLU F 169 -40.45 47.54 22.05
CA GLU F 169 -40.73 46.58 20.99
C GLU F 169 -40.47 45.14 21.44
N VAL F 170 -41.34 44.23 21.02
CA VAL F 170 -41.18 42.81 21.30
C VAL F 170 -41.04 42.03 20.01
N TYR F 171 -39.87 41.42 19.82
CA TYR F 171 -39.62 40.59 18.65
C TYR F 171 -39.77 39.12 19.02
N THR F 172 -40.38 38.34 18.13
CA THR F 172 -40.67 36.95 18.43
C THR F 172 -40.28 36.00 17.28
N CYS F 173 -39.55 34.95 17.63
CA CYS F 173 -39.21 33.91 16.68
C CYS F 173 -40.19 32.74 16.84
N GLN F 174 -40.86 32.38 15.75
CA GLN F 174 -41.84 31.29 15.80
C GLN F 174 -41.37 30.11 14.97
N VAL F 175 -41.34 28.94 15.59
CA VAL F 175 -40.81 27.74 14.92
C VAL F 175 -41.85 26.63 14.86
N GLU F 176 -42.13 26.16 13.64
CA GLU F 176 -43.04 25.04 13.45
C GLU F 176 -42.29 23.83 12.91
N HIS F 177 -42.51 22.68 13.54
CA HIS F 177 -41.76 21.46 13.27
C HIS F 177 -42.58 20.27 13.73
N PRO F 178 -42.57 19.18 12.95
CA PRO F 178 -43.43 18.02 13.24
C PRO F 178 -43.18 17.33 14.58
N SER F 179 -42.11 17.71 15.29
CA SER F 179 -41.82 17.12 16.60
C SER F 179 -42.70 17.71 17.69
N VAL F 180 -43.40 18.80 17.38
CA VAL F 180 -44.26 19.46 18.35
C VAL F 180 -45.65 19.75 17.81
N THR F 181 -46.64 19.75 18.71
CA THR F 181 -48.03 19.96 18.34
C THR F 181 -48.30 21.44 18.05
N SER F 182 -47.87 22.31 18.96
CA SER F 182 -48.03 23.75 18.79
C SER F 182 -46.67 24.39 18.55
N PRO F 183 -46.64 25.52 17.82
CA PRO F 183 -45.36 26.18 17.48
C PRO F 183 -44.58 26.64 18.70
N LEU F 184 -43.26 26.61 18.61
CA LEU F 184 -42.38 27.10 19.66
C LEU F 184 -42.14 28.59 19.44
N THR F 185 -42.14 29.35 20.54
CA THR F 185 -41.92 30.79 20.46
C THR F 185 -40.87 31.25 21.47
N VAL F 186 -39.99 32.15 21.04
CA VAL F 186 -39.00 32.76 21.91
C VAL F 186 -38.98 34.26 21.69
N GLU F 187 -39.10 35.03 22.77
CA GLU F 187 -39.19 36.48 22.67
C GLU F 187 -37.87 37.19 22.94
N TRP F 188 -37.75 38.38 22.36
CA TRP F 188 -36.64 39.28 22.68
C TRP F 188 -37.18 40.69 22.84
N ARG F 189 -36.93 41.29 23.99
CA ARG F 189 -37.43 42.63 24.28
C ARG F 189 -36.33 43.68 24.12
N ALA F 190 -36.59 44.69 23.32
CA ALA F 190 -35.61 45.75 23.07
C ALA F 190 -35.51 46.72 24.24
N GLU G 4 -0.05 26.88 -18.06
CA GLU G 4 -1.05 26.58 -19.07
C GLU G 4 -2.02 27.74 -19.24
N HIS G 5 -2.57 27.88 -20.45
CA HIS G 5 -3.61 28.86 -20.71
C HIS G 5 -4.73 28.24 -21.53
N VAL G 6 -5.96 28.64 -21.24
CA VAL G 6 -7.12 28.10 -21.92
C VAL G 6 -8.03 29.21 -22.45
N ILE G 7 -8.17 29.27 -23.77
CA ILE G 7 -9.14 30.17 -24.38
C ILE G 7 -10.39 29.38 -24.75
N ILE G 8 -11.53 29.83 -24.24
CA ILE G 8 -12.79 29.12 -24.46
C ILE G 8 -13.84 29.98 -25.16
N GLN G 9 -14.29 29.49 -26.31
CA GLN G 9 -15.45 30.07 -26.96
C GLN G 9 -16.68 29.32 -26.48
N ALA G 10 -17.52 30.00 -25.70
CA ALA G 10 -18.68 29.36 -25.10
C ALA G 10 -19.98 29.94 -25.62
N GLU G 11 -20.88 29.07 -26.03
CA GLU G 11 -22.19 29.47 -26.54
C GLU G 11 -23.27 28.67 -25.84
N PHE G 12 -24.44 29.27 -25.65
CA PHE G 12 -25.60 28.50 -25.21
C PHE G 12 -26.91 28.99 -25.80
N TYR G 13 -27.88 28.09 -25.90
CA TYR G 13 -29.24 28.47 -26.24
C TYR G 13 -30.20 27.76 -25.29
N LEU G 14 -31.24 28.47 -24.86
CA LEU G 14 -32.15 27.95 -23.85
C LEU G 14 -33.62 28.08 -24.25
N ASN G 15 -34.34 26.96 -24.21
CA ASN G 15 -35.77 26.95 -24.45
C ASN G 15 -36.55 26.67 -23.16
N PRO G 16 -37.78 27.19 -23.05
CA PRO G 16 -38.48 28.01 -24.06
C PRO G 16 -38.22 29.51 -23.89
N ASP G 17 -37.21 29.86 -23.10
CA ASP G 17 -36.89 31.27 -22.86
C ASP G 17 -36.38 31.96 -24.11
N GLN G 18 -35.95 31.17 -25.09
CA GLN G 18 -35.51 31.67 -26.38
C GLN G 18 -34.31 32.60 -26.20
N SER G 19 -33.44 32.27 -25.24
CA SER G 19 -32.31 33.11 -24.89
C SER G 19 -30.97 32.48 -25.27
N GLY G 20 -30.15 33.25 -25.97
CA GLY G 20 -28.85 32.75 -26.39
C GLY G 20 -27.70 33.59 -25.86
N GLU G 21 -26.50 33.03 -25.89
CA GLU G 21 -25.31 33.75 -25.47
C GLU G 21 -24.09 33.30 -26.26
N PHE G 22 -23.22 34.25 -26.58
CA PHE G 22 -21.98 33.98 -27.30
C PHE G 22 -20.88 34.76 -26.61
N MET G 23 -19.85 34.06 -26.12
CA MET G 23 -18.79 34.71 -25.38
C MET G 23 -17.43 34.03 -25.53
N PHE G 24 -16.37 34.78 -25.22
CA PHE G 24 -15.02 34.23 -25.20
C PHE G 24 -14.43 34.34 -23.80
N ASP G 25 -13.68 33.32 -23.41
CA ASP G 25 -13.17 33.22 -22.05
C ASP G 25 -11.67 32.93 -22.05
N PHE G 26 -10.93 33.67 -21.22
CA PHE G 26 -9.51 33.43 -21.05
C PHE G 26 -9.18 33.15 -19.58
N ASP G 27 -8.82 31.92 -19.27
CA ASP G 27 -8.44 31.51 -17.92
C ASP G 27 -9.49 31.89 -16.88
N GLY G 28 -10.76 31.81 -17.26
CA GLY G 28 -11.85 32.12 -16.36
C GLY G 28 -12.44 33.50 -16.55
N ASP G 29 -11.68 34.40 -17.17
CA ASP G 29 -12.16 35.77 -17.40
C ASP G 29 -12.75 35.97 -18.79
N GLU G 30 -13.89 36.64 -18.84
CA GLU G 30 -14.54 36.97 -20.10
C GLU G 30 -13.69 37.94 -20.90
N ILE G 31 -13.41 37.61 -22.15
CA ILE G 31 -12.73 38.54 -23.04
C ILE G 31 -13.78 39.47 -23.64
N PHE G 32 -14.83 38.87 -24.19
CA PHE G 32 -15.97 39.61 -24.73
C PHE G 32 -17.18 38.72 -24.92
N HIS G 33 -18.35 39.34 -25.02
CA HIS G 33 -19.56 38.65 -25.43
C HIS G 33 -20.28 39.50 -26.48
N VAL G 34 -21.20 38.87 -27.21
CA VAL G 34 -21.99 39.59 -28.21
C VAL G 34 -23.40 39.84 -27.70
N ASP G 35 -23.76 41.12 -27.61
CA ASP G 35 -25.14 41.49 -27.27
C ASP G 35 -26.02 41.00 -28.40
N MET G 36 -26.84 39.99 -28.11
CA MET G 36 -27.71 39.39 -29.12
C MET G 36 -28.78 40.37 -29.59
N ALA G 37 -29.21 41.25 -28.69
CA ALA G 37 -30.26 42.21 -29.01
C ALA G 37 -29.75 43.36 -29.88
N LYS G 38 -28.72 44.04 -29.41
CA LYS G 38 -28.16 45.18 -30.15
C LYS G 38 -27.28 44.73 -31.32
N LYS G 39 -27.03 43.43 -31.40
CA LYS G 39 -26.15 42.86 -32.42
C LYS G 39 -24.76 43.50 -32.38
N GLU G 40 -24.19 43.62 -31.17
CA GLU G 40 -22.93 44.31 -30.99
C GLU G 40 -21.92 43.51 -30.15
N THR G 41 -20.65 43.68 -30.47
CA THR G 41 -19.56 43.05 -29.72
C THR G 41 -19.20 43.88 -28.50
N VAL G 42 -19.36 43.29 -27.32
CA VAL G 42 -19.07 44.00 -26.08
C VAL G 42 -17.86 43.42 -25.35
N TRP G 43 -16.80 44.22 -25.27
CA TRP G 43 -15.57 43.80 -24.61
C TRP G 43 -15.68 43.97 -23.10
N ARG G 44 -15.09 43.05 -22.35
CA ARG G 44 -15.15 43.06 -20.90
C ARG G 44 -14.46 44.29 -20.33
N LEU G 45 -13.21 44.49 -20.73
CA LEU G 45 -12.52 45.73 -20.47
C LEU G 45 -12.52 46.53 -21.77
N GLU G 46 -12.86 47.80 -21.70
CA GLU G 46 -12.96 48.64 -22.88
C GLU G 46 -11.64 48.68 -23.66
N GLU G 47 -10.54 48.55 -22.93
CA GLU G 47 -9.19 48.51 -23.52
C GLU G 47 -9.04 47.45 -24.60
N PHE G 48 -9.67 46.30 -24.38
CA PHE G 48 -9.51 45.15 -25.28
C PHE G 48 -9.88 45.46 -26.73
N GLY G 49 -10.87 46.33 -26.90
CA GLY G 49 -11.40 46.65 -28.22
C GLY G 49 -10.44 47.40 -29.13
N ARG G 50 -9.40 47.98 -28.55
CA ARG G 50 -8.43 48.74 -29.34
C ARG G 50 -7.35 47.82 -29.92
N PHE G 51 -7.25 46.62 -29.36
CA PHE G 51 -6.24 45.66 -29.81
C PHE G 51 -6.84 44.53 -30.64
N ALA G 52 -8.17 44.39 -30.60
CA ALA G 52 -8.82 43.29 -31.29
C ALA G 52 -10.23 43.66 -31.77
N SER G 53 -10.78 42.82 -32.64
CA SER G 53 -12.11 43.05 -33.18
C SER G 53 -12.87 41.74 -33.40
N PHE G 54 -14.19 41.85 -33.51
CA PHE G 54 -15.04 40.70 -33.81
C PHE G 54 -16.37 41.18 -34.39
N GLU G 55 -16.71 40.67 -35.57
CA GLU G 55 -17.98 41.02 -36.20
C GLU G 55 -19.12 40.29 -35.51
N ALA G 56 -19.99 41.05 -34.86
CA ALA G 56 -21.09 40.50 -34.06
C ALA G 56 -22.03 39.62 -34.87
N GLN G 57 -22.14 39.90 -36.16
CA GLN G 57 -23.04 39.17 -37.05
C GLN G 57 -22.73 37.67 -37.08
N GLY G 58 -21.45 37.34 -36.94
CA GLY G 58 -21.03 35.95 -36.94
C GLY G 58 -21.62 35.17 -35.77
N ALA G 59 -21.77 35.85 -34.64
CA ALA G 59 -22.30 35.22 -33.44
C ALA G 59 -23.76 34.79 -33.59
N LEU G 60 -24.56 35.66 -34.19
CA LEU G 60 -26.00 35.39 -34.35
C LEU G 60 -26.26 34.17 -35.22
N ALA G 61 -25.40 33.96 -36.22
CA ALA G 61 -25.52 32.81 -37.10
C ALA G 61 -25.22 31.52 -36.35
N ASN G 62 -24.31 31.61 -35.38
CA ASN G 62 -24.01 30.47 -34.52
C ASN G 62 -25.18 30.14 -33.61
N ILE G 63 -25.91 31.17 -33.19
CA ILE G 63 -27.04 31.00 -32.29
C ILE G 63 -28.22 30.32 -32.96
N ALA G 64 -28.51 30.71 -34.20
CA ALA G 64 -29.55 30.06 -34.99
C ALA G 64 -29.23 28.58 -35.16
N VAL G 65 -27.94 28.28 -35.33
CA VAL G 65 -27.49 26.90 -35.42
C VAL G 65 -27.70 26.16 -34.11
N ASP G 66 -27.33 26.81 -33.01
CA ASP G 66 -27.49 26.22 -31.67
C ASP G 66 -28.96 26.02 -31.33
N LYS G 67 -29.80 26.95 -31.75
CA LYS G 67 -31.23 26.86 -31.52
C LYS G 67 -31.80 25.65 -32.24
N ALA G 68 -31.44 25.51 -33.51
CA ALA G 68 -31.89 24.38 -34.32
C ALA G 68 -31.35 23.06 -33.77
N ASN G 69 -30.11 23.08 -33.28
CA ASN G 69 -29.51 21.89 -32.69
C ASN G 69 -30.17 21.51 -31.37
N LEU G 70 -30.47 22.51 -30.54
CA LEU G 70 -31.14 22.28 -29.27
C LEU G 70 -32.46 21.53 -29.48
N GLU G 71 -33.24 21.96 -30.47
CA GLU G 71 -34.55 21.38 -30.70
C GLU G 71 -34.46 19.95 -31.24
N ILE G 72 -33.48 19.70 -32.11
CA ILE G 72 -33.19 18.34 -32.56
C ILE G 72 -32.80 17.46 -31.37
N MET G 73 -31.91 17.98 -30.53
CA MET G 73 -31.40 17.25 -29.38
C MET G 73 -32.47 17.03 -28.32
N THR G 74 -33.39 17.99 -28.19
CA THR G 74 -34.45 17.91 -27.21
C THR G 74 -35.43 16.79 -27.56
N LYS G 75 -35.76 16.68 -28.84
CA LYS G 75 -36.62 15.61 -29.32
C LYS G 75 -35.95 14.25 -29.15
N ARG G 76 -34.66 14.20 -29.44
CA ARG G 76 -33.89 12.96 -29.36
C ARG G 76 -33.83 12.42 -27.93
N SER G 77 -33.99 13.31 -26.96
CA SER G 77 -33.95 12.92 -25.55
C SER G 77 -35.36 12.63 -25.03
N ASN G 78 -36.33 12.60 -25.93
CA ASN G 78 -37.74 12.51 -25.56
C ASN G 78 -38.11 13.64 -24.60
N TYR G 79 -37.64 14.84 -24.92
CA TYR G 79 -37.92 16.05 -24.14
C TYR G 79 -37.59 15.93 -22.66
N THR G 80 -36.38 15.44 -22.38
CA THR G 80 -35.87 15.40 -21.02
C THR G 80 -35.49 16.80 -20.57
N PRO G 81 -36.15 17.31 -19.51
CA PRO G 81 -35.87 18.66 -19.01
C PRO G 81 -34.57 18.72 -18.23
N ILE G 82 -34.00 19.91 -18.12
CA ILE G 82 -32.81 20.12 -17.31
C ILE G 82 -33.19 20.08 -15.83
N THR G 83 -32.28 19.60 -14.99
CA THR G 83 -32.48 19.63 -13.56
C THR G 83 -31.99 20.96 -13.00
N ASN G 84 -32.82 21.61 -12.21
CA ASN G 84 -32.45 22.86 -11.57
C ASN G 84 -31.38 22.67 -10.51
N VAL G 85 -30.27 23.37 -10.65
CA VAL G 85 -29.20 23.34 -9.65
C VAL G 85 -29.04 24.73 -9.05
N PRO G 86 -29.46 24.89 -7.79
CA PRO G 86 -29.42 26.19 -7.10
C PRO G 86 -28.00 26.72 -6.90
N PRO G 87 -27.83 28.04 -7.02
CA PRO G 87 -26.52 28.69 -6.94
C PRO G 87 -25.99 28.89 -5.52
N GLU G 88 -24.67 28.81 -5.37
CA GLU G 88 -24.01 29.27 -4.17
C GLU G 88 -23.78 30.77 -4.33
N VAL G 89 -24.12 31.53 -3.30
CA VAL G 89 -24.01 32.99 -3.38
C VAL G 89 -23.06 33.54 -2.32
N THR G 90 -22.12 34.36 -2.75
CA THR G 90 -21.18 34.99 -1.83
C THR G 90 -21.11 36.49 -2.09
N VAL G 91 -21.12 37.28 -1.02
CA VAL G 91 -20.97 38.72 -1.12
C VAL G 91 -19.68 39.17 -0.44
N LEU G 92 -18.83 39.87 -1.19
CA LEU G 92 -17.66 40.50 -0.62
C LEU G 92 -17.34 41.82 -1.31
N THR G 93 -16.39 42.56 -0.77
CA THR G 93 -15.95 43.81 -1.36
C THR G 93 -14.69 43.57 -2.16
N ASN G 94 -14.40 44.44 -3.12
CA ASN G 94 -13.23 44.25 -3.95
C ASN G 94 -11.95 44.72 -3.26
N SER G 95 -12.12 45.49 -2.20
CA SER G 95 -10.99 45.99 -1.41
C SER G 95 -11.42 46.17 0.04
N PRO G 96 -10.44 46.22 0.97
CA PRO G 96 -10.79 46.44 2.38
C PRO G 96 -11.59 47.72 2.58
N VAL G 97 -12.61 47.65 3.42
CA VAL G 97 -13.55 48.76 3.58
C VAL G 97 -13.03 49.85 4.50
N GLU G 98 -13.02 51.07 3.99
CA GLU G 98 -12.71 52.26 4.78
C GLU G 98 -13.91 53.19 4.70
N LEU G 99 -14.38 53.67 5.85
CA LEU G 99 -15.53 54.57 5.90
C LEU G 99 -15.38 55.76 4.95
N ARG G 100 -16.46 56.05 4.24
CA ARG G 100 -16.51 57.18 3.31
C ARG G 100 -15.44 57.11 2.20
N GLU G 101 -14.97 55.90 1.93
CA GLU G 101 -14.06 55.68 0.81
C GLU G 101 -14.71 54.72 -0.18
N PRO G 102 -14.99 55.21 -1.40
CA PRO G 102 -15.68 54.47 -2.47
C PRO G 102 -15.20 53.03 -2.63
N ASN G 103 -16.16 52.11 -2.70
CA ASN G 103 -15.86 50.70 -2.81
C ASN G 103 -16.92 49.99 -3.66
N VAL G 104 -16.73 48.70 -3.89
CA VAL G 104 -17.68 47.93 -4.69
C VAL G 104 -18.03 46.61 -4.01
N LEU G 105 -19.34 46.35 -3.88
CA LEU G 105 -19.81 45.07 -3.38
C LEU G 105 -19.96 44.08 -4.52
N ILE G 106 -19.34 42.91 -4.38
CA ILE G 106 -19.40 41.89 -5.41
C ILE G 106 -20.31 40.74 -5.00
N CYS G 107 -21.37 40.52 -5.76
CA CYS G 107 -22.25 39.38 -5.53
C CYS G 107 -21.87 38.24 -6.47
N PHE G 108 -21.22 37.22 -5.92
CA PHE G 108 -20.73 36.10 -6.71
C PHE G 108 -21.72 34.94 -6.71
N ILE G 109 -22.28 34.65 -7.87
CA ILE G 109 -23.27 33.60 -8.02
C ILE G 109 -22.64 32.45 -8.80
N ASP G 110 -22.68 31.25 -8.24
CA ASP G 110 -21.85 30.17 -8.75
C ASP G 110 -22.51 28.79 -8.74
N LYS G 111 -22.06 27.94 -9.65
CA LYS G 111 -22.45 26.53 -9.69
C LYS G 111 -23.95 26.33 -9.84
N PHE G 112 -24.54 27.01 -10.83
CA PHE G 112 -25.98 26.93 -11.05
C PHE G 112 -26.35 26.69 -12.50
N THR G 113 -27.55 26.14 -12.70
CA THR G 113 -28.13 25.96 -14.03
C THR G 113 -29.63 25.75 -13.84
N PRO G 114 -30.46 26.18 -14.81
CA PRO G 114 -30.17 26.84 -16.08
C PRO G 114 -29.69 28.29 -15.89
N PRO G 115 -29.05 28.88 -16.91
CA PRO G 115 -28.55 30.25 -16.80
C PRO G 115 -29.67 31.28 -16.76
N VAL G 116 -30.47 31.26 -15.71
CA VAL G 116 -31.54 32.24 -15.50
C VAL G 116 -31.61 32.61 -14.03
N VAL G 117 -31.30 33.86 -13.72
CA VAL G 117 -31.35 34.33 -12.34
C VAL G 117 -31.92 35.74 -12.26
N ASN G 118 -32.55 36.06 -11.13
CA ASN G 118 -32.94 37.43 -10.84
C ASN G 118 -32.16 37.93 -9.63
N VAL G 119 -31.41 39.00 -9.82
CA VAL G 119 -30.53 39.51 -8.79
C VAL G 119 -30.92 40.94 -8.40
N THR G 120 -31.16 41.15 -7.11
CA THR G 120 -31.53 42.47 -6.61
C THR G 120 -30.60 42.92 -5.49
N TRP G 121 -30.06 44.12 -5.61
CA TRP G 121 -29.31 44.72 -4.52
C TRP G 121 -30.26 45.44 -3.58
N LEU G 122 -30.03 45.29 -2.28
CA LEU G 122 -30.85 45.95 -1.27
C LEU G 122 -30.01 46.76 -0.31
N ARG G 123 -30.36 48.03 -0.13
CA ARG G 123 -29.73 48.86 0.90
C ARG G 123 -30.80 49.21 1.92
N ASN G 124 -30.62 48.70 3.14
CA ASN G 124 -31.60 48.86 4.21
C ASN G 124 -32.96 48.33 3.79
N GLY G 125 -32.97 47.21 3.08
CA GLY G 125 -34.20 46.55 2.68
C GLY G 125 -34.89 47.19 1.49
N LYS G 126 -34.22 48.11 0.81
CA LYS G 126 -34.80 48.76 -0.36
C LYS G 126 -33.93 48.61 -1.60
N PRO G 127 -34.55 48.31 -2.76
CA PRO G 127 -33.87 48.05 -4.03
C PRO G 127 -32.95 49.19 -4.47
N VAL G 128 -31.70 48.85 -4.76
CA VAL G 128 -30.70 49.80 -5.24
C VAL G 128 -30.36 49.48 -6.69
N THR G 129 -30.25 50.51 -7.52
CA THR G 129 -29.92 50.33 -8.93
C THR G 129 -28.84 51.29 -9.40
N THR G 130 -28.47 52.25 -8.55
CA THR G 130 -27.49 53.27 -8.90
C THR G 130 -26.12 52.69 -9.21
N GLY G 131 -25.70 52.82 -10.46
CA GLY G 131 -24.37 52.43 -10.88
C GLY G 131 -24.10 50.94 -10.91
N VAL G 132 -25.16 50.14 -10.79
CA VAL G 132 -24.99 48.70 -10.80
C VAL G 132 -24.56 48.19 -12.17
N SER G 133 -23.86 47.06 -12.17
CA SER G 133 -23.48 46.40 -13.41
C SER G 133 -23.43 44.91 -13.15
N GLU G 134 -23.30 44.13 -14.22
CA GLU G 134 -23.24 42.68 -14.09
C GLU G 134 -22.53 42.08 -15.28
N THR G 135 -22.14 40.81 -15.14
CA THR G 135 -21.54 40.09 -16.25
C THR G 135 -22.59 39.19 -16.88
N VAL G 136 -22.24 38.57 -17.99
CA VAL G 136 -23.07 37.53 -18.57
C VAL G 136 -22.77 36.23 -17.83
N PHE G 137 -23.41 35.14 -18.25
CA PHE G 137 -23.18 33.86 -17.62
C PHE G 137 -21.85 33.26 -18.08
N LEU G 138 -20.94 33.04 -17.14
CA LEU G 138 -19.62 32.51 -17.47
C LEU G 138 -19.61 31.00 -17.34
N PRO G 139 -18.89 30.31 -18.24
CA PRO G 139 -18.89 28.85 -18.28
C PRO G 139 -18.04 28.22 -17.17
N ARG G 140 -18.44 27.03 -16.74
CA ARG G 140 -17.67 26.25 -15.77
C ARG G 140 -17.28 24.91 -16.39
N GLU G 141 -16.23 24.30 -15.87
CA GLU G 141 -15.78 22.99 -16.37
C GLU G 141 -16.83 21.91 -16.17
N ASP G 142 -17.68 22.08 -15.16
CA ASP G 142 -18.75 21.12 -14.88
C ASP G 142 -20.03 21.45 -15.65
N HIS G 143 -19.91 22.44 -16.54
CA HIS G 143 -21.02 22.87 -17.41
C HIS G 143 -22.16 23.57 -16.67
N LEU G 144 -21.87 24.00 -15.44
CA LEU G 144 -22.76 24.91 -14.74
C LEU G 144 -22.33 26.33 -15.09
N PHE G 145 -22.90 27.32 -14.42
CA PHE G 145 -22.60 28.71 -14.73
C PHE G 145 -22.15 29.53 -13.52
N ARG G 146 -21.58 30.69 -13.81
CA ARG G 146 -21.02 31.58 -12.81
C ARG G 146 -21.28 33.01 -13.26
N LYS G 147 -21.62 33.89 -12.32
CA LYS G 147 -22.08 35.23 -12.66
C LYS G 147 -21.69 36.22 -11.57
N PHE G 148 -21.32 37.43 -11.98
CA PHE G 148 -20.96 38.49 -11.04
C PHE G 148 -21.92 39.66 -11.16
N HIS G 149 -22.36 40.19 -10.04
CA HIS G 149 -23.09 41.45 -10.01
C HIS G 149 -22.34 42.43 -9.13
N TYR G 150 -22.38 43.70 -9.51
CA TYR G 150 -21.59 44.72 -8.82
C TYR G 150 -22.45 45.89 -8.34
N LEU G 151 -22.11 46.40 -7.17
CA LEU G 151 -22.75 47.58 -6.61
C LEU G 151 -21.72 48.50 -5.99
N PRO G 152 -21.38 49.60 -6.69
CA PRO G 152 -20.49 50.61 -6.09
C PRO G 152 -21.20 51.28 -4.93
N PHE G 153 -20.48 51.55 -3.85
CA PHE G 153 -21.11 52.11 -2.66
C PHE G 153 -20.14 52.93 -1.81
N LEU G 154 -20.69 53.86 -1.06
CA LEU G 154 -19.92 54.62 -0.09
C LEU G 154 -20.23 54.08 1.30
N PRO G 155 -19.28 53.34 1.88
CA PRO G 155 -19.49 52.66 3.16
C PRO G 155 -19.75 53.61 4.33
N SER G 156 -20.79 53.31 5.09
CA SER G 156 -21.13 54.05 6.30
C SER G 156 -21.61 53.08 7.38
N THR G 157 -21.62 53.56 8.62
CA THR G 157 -22.06 52.74 9.74
C THR G 157 -23.57 52.58 9.79
N GLU G 158 -24.27 53.33 8.93
CA GLU G 158 -25.72 53.42 9.00
C GLU G 158 -26.45 52.50 8.01
N ASP G 159 -25.71 51.90 7.09
CA ASP G 159 -26.32 51.11 6.04
C ASP G 159 -26.01 49.62 6.14
N VAL G 160 -26.99 48.80 5.77
CA VAL G 160 -26.77 47.37 5.58
C VAL G 160 -27.14 46.99 4.15
N TYR G 161 -26.46 45.99 3.60
CA TYR G 161 -26.71 45.58 2.23
C TYR G 161 -27.05 44.09 2.11
N ASP G 162 -27.92 43.77 1.16
CA ASP G 162 -28.20 42.39 0.80
C ASP G 162 -28.18 42.23 -0.70
N CYS G 163 -27.73 41.06 -1.15
CA CYS G 163 -27.86 40.66 -2.53
C CYS G 163 -28.93 39.58 -2.57
N ARG G 164 -30.10 39.92 -3.12
CA ARG G 164 -31.20 38.95 -3.19
C ARG G 164 -31.18 38.18 -4.50
N VAL G 165 -31.03 36.86 -4.39
CA VAL G 165 -30.91 36.00 -5.56
C VAL G 165 -32.10 35.05 -5.68
N GLU G 166 -32.76 35.09 -6.83
CA GLU G 166 -33.86 34.18 -7.14
C GLU G 166 -33.42 33.18 -8.21
N HIS G 167 -33.75 31.91 -8.01
CA HIS G 167 -33.46 30.88 -8.99
C HIS G 167 -34.44 29.73 -8.82
N TRP G 168 -34.81 29.10 -9.94
CA TRP G 168 -35.78 28.00 -9.91
C TRP G 168 -35.35 26.82 -9.04
N GLY G 169 -34.06 26.75 -8.74
CA GLY G 169 -33.52 25.70 -7.89
C GLY G 169 -33.70 25.99 -6.41
N LEU G 170 -33.96 27.26 -6.08
CA LEU G 170 -34.17 27.67 -4.69
C LEU G 170 -35.66 27.64 -4.33
N ASP G 171 -35.97 27.15 -3.14
CA ASP G 171 -37.35 27.14 -2.65
C ASP G 171 -37.83 28.53 -2.29
N GLU G 172 -36.90 29.43 -2.01
CA GLU G 172 -37.22 30.81 -1.69
C GLU G 172 -36.04 31.70 -2.08
N PRO G 173 -36.29 33.02 -2.23
CA PRO G 173 -35.19 33.95 -2.49
C PRO G 173 -34.09 33.85 -1.43
N LEU G 174 -32.84 33.97 -1.89
CA LEU G 174 -31.69 33.83 -1.00
C LEU G 174 -31.04 35.20 -0.79
N LEU G 175 -31.01 35.64 0.46
CA LEU G 175 -30.38 36.92 0.78
C LEU G 175 -29.01 36.73 1.41
N LYS G 176 -28.00 37.34 0.79
CA LYS G 176 -26.65 37.32 1.33
C LYS G 176 -26.29 38.69 1.86
N HIS G 177 -25.91 38.76 3.12
CA HIS G 177 -25.84 40.02 3.87
C HIS G 177 -24.44 40.62 3.93
N TRP G 178 -24.37 41.95 3.90
CA TRP G 178 -23.12 42.65 4.19
C TRP G 178 -23.38 43.96 4.93
N GLU G 179 -22.55 44.24 5.92
CA GLU G 179 -22.60 45.52 6.62
C GLU G 179 -21.21 45.85 7.18
N PHE G 180 -20.96 47.12 7.41
CA PHE G 180 -19.72 47.55 8.05
C PHE G 180 -19.83 47.36 9.56
N GLY H 1 -45.00 30.98 -10.80
CA GLY H 1 -46.01 30.81 -11.83
C GLY H 1 -45.49 30.02 -13.02
N ASP H 2 -44.43 30.54 -13.63
CA ASP H 2 -43.80 29.87 -14.77
C ASP H 2 -43.12 28.58 -14.33
N THR H 3 -43.69 27.46 -14.74
CA THR H 3 -43.20 26.15 -14.31
C THR H 3 -42.81 25.26 -15.48
N ARG H 4 -42.70 25.84 -16.66
CA ARG H 4 -42.33 25.10 -17.86
C ARG H 4 -40.94 24.47 -17.70
N PRO H 5 -40.77 23.26 -18.26
CA PRO H 5 -39.45 22.61 -18.22
C PRO H 5 -38.47 23.37 -19.11
N ARG H 6 -37.19 23.40 -18.73
CA ARG H 6 -36.17 24.05 -19.53
C ARG H 6 -35.35 23.03 -20.30
N PHE H 7 -34.86 23.43 -21.46
CA PHE H 7 -33.97 22.59 -22.25
C PHE H 7 -32.80 23.45 -22.71
N LEU H 8 -31.59 23.04 -22.34
CA LEU H 8 -30.40 23.85 -22.57
C LEU H 8 -29.41 23.17 -23.52
N TRP H 9 -28.89 23.96 -24.47
CA TRP H 9 -27.84 23.49 -25.36
C TRP H 9 -26.60 24.36 -25.20
N GLN H 10 -25.46 23.72 -24.99
CA GLN H 10 -24.20 24.45 -24.88
C GLN H 10 -23.16 23.95 -25.88
N LEU H 11 -22.46 24.89 -26.51
CA LEU H 11 -21.36 24.55 -27.40
C LEU H 11 -20.09 25.25 -26.93
N LYS H 12 -19.05 24.47 -26.67
CA LYS H 12 -17.79 25.00 -26.18
C LYS H 12 -16.61 24.57 -27.04
N PHE H 13 -15.84 25.54 -27.52
CA PHE H 13 -14.56 25.25 -28.16
C PHE H 13 -13.44 25.67 -27.22
N GLU H 14 -12.66 24.71 -26.76
CA GLU H 14 -11.58 24.99 -25.82
C GLU H 14 -10.21 24.89 -26.48
N CYS H 15 -9.45 25.98 -26.43
CA CYS H 15 -8.08 25.99 -26.93
C CYS H 15 -7.09 25.94 -25.78
N HIS H 16 -6.39 24.81 -25.64
CA HIS H 16 -5.45 24.61 -24.55
C HIS H 16 -4.01 24.87 -25.00
N PHE H 17 -3.33 25.77 -24.30
CA PHE H 17 -1.95 26.11 -24.65
C PHE H 17 -0.97 25.72 -23.54
N PHE H 18 0.09 25.02 -23.92
CA PHE H 18 1.10 24.56 -22.95
C PHE H 18 2.45 25.21 -23.25
N ASN H 19 2.99 25.91 -22.25
CA ASN H 19 4.24 26.66 -22.41
C ASN H 19 4.19 27.57 -23.62
N GLY H 20 3.50 28.70 -23.48
CA GLY H 20 3.29 29.57 -24.61
C GLY H 20 2.48 28.87 -25.68
N THR H 21 3.11 28.56 -26.81
CA THR H 21 2.39 28.02 -27.96
C THR H 21 2.81 26.62 -28.42
N GLU H 22 3.97 26.14 -27.97
CA GLU H 22 4.56 24.90 -28.49
C GLU H 22 3.60 23.72 -28.65
N ARG H 23 2.74 23.52 -27.67
CA ARG H 23 1.74 22.45 -27.74
C ARG H 23 0.32 23.00 -27.55
N VAL H 24 -0.55 22.74 -28.50
CA VAL H 24 -1.93 23.20 -28.41
C VAL H 24 -2.92 22.09 -28.72
N ARG H 25 -4.03 22.07 -27.98
CA ARG H 25 -5.06 21.05 -28.13
C ARG H 25 -6.44 21.70 -28.21
N LEU H 26 -7.21 21.33 -29.23
CA LEU H 26 -8.56 21.84 -29.37
C LEU H 26 -9.60 20.82 -28.90
N LEU H 27 -10.53 21.29 -28.07
CA LEU H 27 -11.61 20.45 -27.58
C LEU H 27 -12.96 21.07 -27.91
N GLU H 28 -13.70 20.46 -28.83
CA GLU H 28 -15.07 20.89 -29.09
C GLU H 28 -16.02 20.08 -28.21
N ARG H 29 -16.93 20.75 -27.54
CA ARG H 29 -17.88 20.08 -26.66
C ARG H 29 -19.32 20.44 -26.99
N CYS H 30 -20.16 19.42 -27.13
CA CYS H 30 -21.59 19.60 -27.23
C CYS H 30 -22.24 19.11 -25.94
N ILE H 31 -22.89 20.02 -25.22
CA ILE H 31 -23.48 19.70 -23.93
C ILE H 31 -24.99 19.89 -23.93
N TYR H 32 -25.73 18.81 -23.67
CA TYR H 32 -27.18 18.90 -23.52
C TYR H 32 -27.53 18.95 -22.04
N ASN H 33 -28.27 19.99 -21.66
CA ASN H 33 -28.55 20.29 -20.25
C ASN H 33 -27.27 20.37 -19.43
N GLN H 34 -26.97 19.34 -18.65
CA GLN H 34 -25.70 19.29 -17.94
C GLN H 34 -24.87 18.07 -18.35
N GLU H 35 -25.18 17.51 -19.51
CA GLU H 35 -24.51 16.30 -19.96
C GLU H 35 -23.83 16.47 -21.32
N GLU H 36 -22.51 16.36 -21.32
CA GLU H 36 -21.74 16.39 -22.56
C GLU H 36 -22.06 15.16 -23.38
N SER H 37 -22.48 15.36 -24.63
CA SER H 37 -22.99 14.27 -25.44
C SER H 37 -22.00 13.76 -26.49
N VAL H 38 -21.21 14.69 -27.04
CA VAL H 38 -20.27 14.36 -28.10
C VAL H 38 -19.17 15.42 -28.14
N ARG H 39 -17.97 15.02 -28.56
CA ARG H 39 -16.84 15.94 -28.53
C ARG H 39 -15.83 15.73 -29.66
N PHE H 40 -15.10 16.78 -30.00
CA PHE H 40 -13.95 16.65 -30.88
C PHE H 40 -12.67 16.91 -30.10
N ASP H 41 -11.83 15.90 -30.00
CA ASP H 41 -10.52 16.04 -29.38
C ASP H 41 -9.47 15.99 -30.49
N SER H 42 -8.66 17.03 -30.60
CA SER H 42 -7.69 17.14 -31.69
C SER H 42 -6.56 16.11 -31.55
N ASP H 43 -6.38 15.58 -30.35
CA ASP H 43 -5.40 14.52 -30.13
C ASP H 43 -5.95 13.18 -30.60
N VAL H 44 -7.28 13.11 -30.76
CA VAL H 44 -7.94 11.94 -31.30
C VAL H 44 -8.04 12.07 -32.81
N GLY H 45 -8.46 13.24 -33.27
CA GLY H 45 -8.58 13.51 -34.70
C GLY H 45 -9.98 13.32 -35.22
N GLU H 46 -10.89 12.88 -34.35
CA GLU H 46 -12.28 12.68 -34.75
C GLU H 46 -13.26 12.79 -33.60
N TYR H 47 -14.54 12.87 -33.93
CA TYR H 47 -15.58 13.03 -32.92
C TYR H 47 -15.81 11.76 -32.12
N ARG H 48 -15.93 11.94 -30.80
CA ARG H 48 -16.21 10.83 -29.90
C ARG H 48 -17.54 11.07 -29.19
N ALA H 49 -18.46 10.13 -29.33
CA ALA H 49 -19.71 10.17 -28.59
C ALA H 49 -19.39 9.97 -27.11
N VAL H 50 -19.81 10.92 -26.28
CA VAL H 50 -19.59 10.83 -24.85
C VAL H 50 -20.75 10.06 -24.23
N THR H 51 -21.95 10.36 -24.71
CA THR H 51 -23.15 9.65 -24.27
C THR H 51 -24.00 9.16 -25.43
N GLU H 52 -25.06 8.47 -25.05
CA GLU H 52 -26.07 7.95 -25.95
C GLU H 52 -26.42 8.92 -27.07
N LEU H 53 -26.87 10.11 -26.66
CA LEU H 53 -27.47 11.10 -27.55
C LEU H 53 -26.48 11.68 -28.56
N GLY H 54 -25.21 11.43 -28.28
CA GLY H 54 -24.12 11.89 -29.12
C GLY H 54 -23.77 10.95 -30.26
N ARG H 55 -24.11 9.67 -30.11
CA ARG H 55 -23.76 8.67 -31.12
C ARG H 55 -24.21 8.98 -32.56
N PRO H 56 -25.48 9.41 -32.76
CA PRO H 56 -25.88 9.75 -34.13
C PRO H 56 -25.06 10.90 -34.70
N ASP H 57 -24.67 11.84 -33.85
CA ASP H 57 -23.89 12.99 -34.28
C ASP H 57 -22.46 12.59 -34.64
N ALA H 58 -21.83 11.83 -33.76
CA ALA H 58 -20.46 11.38 -33.96
C ALA H 58 -20.32 10.57 -35.25
N GLU H 59 -21.23 9.63 -35.45
CA GLU H 59 -21.24 8.83 -36.68
C GLU H 59 -21.43 9.70 -37.91
N TYR H 60 -22.43 10.59 -37.86
CA TYR H 60 -22.78 11.45 -38.98
C TYR H 60 -21.69 12.47 -39.33
N TRP H 61 -21.08 13.07 -38.31
CA TRP H 61 -20.05 14.08 -38.53
C TRP H 61 -18.75 13.48 -39.05
N ASN H 62 -18.42 12.27 -38.58
CA ASN H 62 -17.19 11.61 -38.98
C ASN H 62 -17.21 11.12 -40.43
N SER H 63 -18.40 11.08 -41.02
CA SER H 63 -18.55 10.58 -42.39
C SER H 63 -18.52 11.71 -43.42
N GLN H 64 -18.14 12.90 -42.99
CA GLN H 64 -17.89 13.99 -43.93
C GLN H 64 -16.46 14.49 -43.77
N LYS H 65 -15.60 14.06 -44.70
CA LYS H 65 -14.17 14.34 -44.64
C LYS H 65 -13.83 15.83 -44.52
N ASP H 66 -14.72 16.68 -45.00
CA ASP H 66 -14.51 18.12 -44.94
C ASP H 66 -14.63 18.65 -43.52
N LEU H 67 -15.68 18.21 -42.82
CA LEU H 67 -15.91 18.64 -41.43
C LEU H 67 -14.75 18.21 -40.54
N LEU H 68 -14.28 16.99 -40.75
CA LEU H 68 -13.14 16.46 -40.00
C LEU H 68 -11.87 17.21 -40.33
N GLU H 69 -11.73 17.61 -41.58
CA GLU H 69 -10.55 18.35 -42.03
C GLU H 69 -10.52 19.76 -41.45
N GLN H 70 -11.69 20.38 -41.36
CA GLN H 70 -11.82 21.72 -40.80
C GLN H 70 -11.33 21.76 -39.35
N ARG H 71 -11.82 20.81 -38.56
CA ARG H 71 -11.53 20.76 -37.13
C ARG H 71 -10.08 20.39 -36.83
N ARG H 72 -9.49 19.54 -37.67
CA ARG H 72 -8.08 19.20 -37.52
C ARG H 72 -7.20 20.40 -37.84
N ALA H 73 -7.65 21.21 -38.78
CA ALA H 73 -6.93 22.42 -39.15
C ALA H 73 -7.25 23.57 -38.20
N ALA H 74 -8.36 23.45 -37.49
CA ALA H 74 -8.82 24.47 -36.56
C ALA H 74 -7.75 24.77 -35.50
N VAL H 75 -7.01 23.74 -35.11
CA VAL H 75 -5.89 23.90 -34.19
C VAL H 75 -4.91 24.94 -34.70
N ASP H 76 -4.74 24.99 -36.02
CA ASP H 76 -3.85 25.95 -36.64
C ASP H 76 -4.57 27.26 -36.99
N THR H 77 -5.71 27.14 -37.67
CA THR H 77 -6.40 28.29 -38.23
C THR H 77 -7.18 29.11 -37.19
N TYR H 78 -7.49 28.48 -36.07
CA TYR H 78 -8.39 29.09 -35.08
C TYR H 78 -7.71 29.37 -33.74
N CYS H 79 -7.20 28.31 -33.10
CA CYS H 79 -6.58 28.45 -31.77
C CYS H 79 -5.34 29.34 -31.76
N ARG H 80 -4.38 29.07 -32.65
CA ARG H 80 -3.14 29.83 -32.67
C ARG H 80 -3.33 31.26 -33.16
N HIS H 81 -4.31 31.46 -34.05
CA HIS H 81 -4.65 32.80 -34.51
C HIS H 81 -5.10 33.64 -33.33
N ASN H 82 -6.02 33.09 -32.54
CA ASN H 82 -6.58 33.81 -31.41
C ASN H 82 -5.59 34.05 -30.28
N TYR H 83 -4.69 33.09 -30.05
CA TYR H 83 -3.63 33.29 -29.06
C TYR H 83 -2.77 34.47 -29.48
N GLY H 84 -2.58 34.62 -30.79
CA GLY H 84 -1.83 35.73 -31.33
C GLY H 84 -2.57 37.05 -31.17
N VAL H 85 -3.87 37.05 -31.47
CA VAL H 85 -4.69 38.24 -31.37
C VAL H 85 -4.73 38.81 -29.95
N GLY H 86 -4.83 37.91 -28.97
CA GLY H 86 -5.05 38.34 -27.59
C GLY H 86 -3.85 38.32 -26.67
N GLU H 87 -2.71 37.86 -27.16
CA GLU H 87 -1.52 37.66 -26.32
C GLU H 87 -1.10 38.88 -25.52
N SER H 88 -1.20 40.06 -26.11
CA SER H 88 -0.71 41.28 -25.47
C SER H 88 -1.55 41.69 -24.26
N PHE H 89 -2.87 41.58 -24.37
CA PHE H 89 -3.75 42.04 -23.29
C PHE H 89 -4.28 40.92 -22.40
N THR H 90 -3.91 39.68 -22.69
CA THR H 90 -4.31 38.56 -21.84
C THR H 90 -3.12 37.87 -21.20
N VAL H 91 -2.39 37.09 -22.00
CA VAL H 91 -1.23 36.34 -21.53
C VAL H 91 -0.18 37.24 -20.88
N GLN H 92 -0.04 38.45 -21.40
CA GLN H 92 1.00 39.37 -20.95
C GLN H 92 0.47 40.49 -20.04
N ARG H 93 -0.80 40.40 -19.66
CA ARG H 93 -1.41 41.41 -18.80
C ARG H 93 -0.81 41.37 -17.39
N ARG H 94 -0.39 42.52 -16.90
CA ARG H 94 0.15 42.64 -15.54
C ARG H 94 -0.46 43.81 -14.79
N VAL H 95 -1.06 43.54 -13.63
CA VAL H 95 -1.56 44.58 -12.76
C VAL H 95 -1.03 44.37 -11.35
N GLU H 96 -0.43 45.41 -10.78
CA GLU H 96 0.20 45.33 -9.46
C GLU H 96 -0.83 45.37 -8.34
N PRO H 97 -0.67 44.51 -7.32
CA PRO H 97 -1.60 44.44 -6.19
C PRO H 97 -1.43 45.57 -5.19
N LYS H 98 -2.54 45.99 -4.60
CA LYS H 98 -2.52 46.89 -3.45
C LYS H 98 -2.42 46.04 -2.20
N VAL H 99 -1.41 46.29 -1.37
CA VAL H 99 -1.21 45.49 -0.17
C VAL H 99 -1.39 46.31 1.10
N THR H 100 -2.43 46.00 1.87
CA THR H 100 -2.66 46.64 3.16
C THR H 100 -2.64 45.60 4.28
N VAL H 101 -2.31 46.06 5.49
CA VAL H 101 -2.28 45.19 6.65
C VAL H 101 -3.02 45.82 7.83
N TYR H 102 -3.85 45.02 8.48
CA TYR H 102 -4.65 45.49 9.61
C TYR H 102 -5.07 44.31 10.48
N PRO H 103 -5.20 44.55 11.79
CA PRO H 103 -5.69 43.50 12.70
C PRO H 103 -7.18 43.26 12.46
N SER H 104 -7.62 42.02 12.65
CA SER H 104 -9.03 41.67 12.43
C SER H 104 -9.92 42.35 13.45
N LYS H 105 -9.46 42.39 14.70
CA LYS H 105 -10.19 43.05 15.78
C LYS H 105 -9.26 43.90 16.63
N THR H 106 -9.84 44.58 17.63
CA THR H 106 -9.09 45.37 18.60
C THR H 106 -8.97 44.63 19.93
N GLN H 107 -7.75 44.52 20.43
CA GLN H 107 -7.43 43.77 21.66
C GLN H 107 -6.09 44.27 22.22
N HIS H 111 -4.07 39.79 23.69
CA HIS H 111 -4.99 38.70 23.40
C HIS H 111 -4.61 38.08 22.07
N HIS H 112 -5.18 36.91 21.77
CA HIS H 112 -4.99 36.31 20.46
C HIS H 112 -5.64 37.21 19.44
N ASN H 113 -5.10 37.26 18.23
CA ASN H 113 -5.71 38.05 17.17
C ASN H 113 -5.35 37.53 15.78
N LEU H 114 -6.21 37.86 14.82
CA LEU H 114 -5.97 37.53 13.43
C LEU H 114 -5.41 38.79 12.75
N LEU H 115 -4.24 38.67 12.13
CA LEU H 115 -3.66 39.80 11.41
C LEU H 115 -3.82 39.61 9.91
N VAL H 116 -4.58 40.49 9.28
CA VAL H 116 -4.96 40.33 7.89
C VAL H 116 -3.97 40.99 6.92
N CYS H 117 -3.51 40.22 5.94
CA CYS H 117 -2.79 40.79 4.81
C CYS H 117 -3.67 40.77 3.58
N SER H 118 -4.25 41.92 3.25
CA SER H 118 -5.12 42.02 2.09
C SER H 118 -4.33 42.36 0.83
N VAL H 119 -4.34 41.42 -0.12
CA VAL H 119 -3.71 41.64 -1.41
C VAL H 119 -4.81 41.66 -2.47
N SER H 120 -5.05 42.83 -3.06
CA SER H 120 -6.18 42.97 -3.98
C SER H 120 -5.84 43.65 -5.31
N GLY H 121 -6.67 43.39 -6.31
CA GLY H 121 -6.59 44.05 -7.59
C GLY H 121 -5.41 43.66 -8.47
N PHE H 122 -4.92 42.44 -8.30
CA PHE H 122 -3.77 41.99 -9.08
C PHE H 122 -4.13 41.04 -10.23
N TYR H 123 -3.23 40.97 -11.20
CA TYR H 123 -3.34 40.02 -12.31
C TYR H 123 -1.94 39.78 -12.88
N PRO H 124 -1.60 38.51 -13.16
CA PRO H 124 -2.46 37.32 -13.04
C PRO H 124 -2.54 36.75 -11.63
N GLY H 125 -3.13 35.57 -11.52
CA GLY H 125 -3.42 34.96 -10.23
C GLY H 125 -2.24 34.36 -9.51
N SER H 126 -1.22 33.96 -10.26
CA SER H 126 -0.02 33.39 -9.65
C SER H 126 0.62 34.39 -8.70
N ILE H 127 0.62 34.06 -7.42
CA ILE H 127 1.08 34.99 -6.40
C ILE H 127 1.65 34.27 -5.17
N GLU H 128 2.48 34.97 -4.41
CA GLU H 128 3.06 34.41 -3.20
C GLU H 128 3.01 35.40 -2.03
N VAL H 129 2.39 34.97 -0.94
CA VAL H 129 2.26 35.81 0.25
C VAL H 129 2.93 35.15 1.44
N ARG H 130 3.83 35.88 2.09
CA ARG H 130 4.55 35.35 3.25
C ARG H 130 4.48 36.25 4.47
N TRP H 131 4.42 35.64 5.64
CA TRP H 131 4.39 36.36 6.91
C TRP H 131 5.75 36.31 7.61
N PHE H 132 6.14 37.43 8.21
CA PHE H 132 7.38 37.50 8.98
C PHE H 132 7.16 38.20 10.31
N ARG H 133 7.57 37.55 11.40
CA ARG H 133 7.56 38.19 12.71
C ARG H 133 8.99 38.49 13.14
N ASN H 134 9.32 39.78 13.27
CA ASN H 134 10.68 40.22 13.56
C ASN H 134 11.70 39.66 12.56
N GLY H 135 11.36 39.74 11.29
CA GLY H 135 12.25 39.26 10.23
C GLY H 135 12.20 37.75 10.03
N GLN H 136 11.58 37.05 10.97
CA GLN H 136 11.52 35.59 10.92
C GLN H 136 10.24 35.08 10.26
N GLU H 137 10.39 34.17 9.31
CA GLU H 137 9.26 33.69 8.51
C GLU H 137 8.29 32.82 9.32
N GLU H 138 7.00 33.04 9.10
CA GLU H 138 5.95 32.36 9.84
C GLU H 138 5.10 31.45 8.95
N LYS H 139 5.37 30.14 9.00
CA LYS H 139 4.56 29.17 8.26
C LYS H 139 3.52 28.52 9.17
N ALA H 140 3.54 28.88 10.45
CA ALA H 140 2.59 28.36 11.41
C ALA H 140 1.38 29.29 11.53
N GLY H 141 0.18 28.70 11.61
CA GLY H 141 -1.04 29.46 11.82
C GLY H 141 -1.34 30.49 10.74
N VAL H 142 -1.26 30.07 9.48
CA VAL H 142 -1.53 30.96 8.37
C VAL H 142 -2.86 30.61 7.70
N VAL H 143 -3.82 31.52 7.77
CA VAL H 143 -5.14 31.29 7.21
C VAL H 143 -5.37 32.12 5.94
N SER H 144 -5.59 31.45 4.82
CA SER H 144 -5.80 32.13 3.54
C SER H 144 -7.14 31.81 2.92
N THR H 145 -7.79 32.84 2.38
CA THR H 145 -9.06 32.67 1.68
C THR H 145 -8.86 31.97 0.35
N GLY H 146 -7.60 31.87 -0.09
CA GLY H 146 -7.29 31.35 -1.40
C GLY H 146 -7.36 32.45 -2.44
N LEU H 147 -7.27 32.07 -3.71
CA LEU H 147 -7.33 33.02 -4.81
C LEU H 147 -8.78 33.34 -5.16
N ILE H 148 -9.13 34.63 -5.10
CA ILE H 148 -10.50 35.05 -5.40
C ILE H 148 -10.57 35.84 -6.70
N GLN H 149 -11.33 35.32 -7.66
CA GLN H 149 -11.50 35.99 -8.95
C GLN H 149 -12.66 36.97 -8.87
N ASN H 150 -12.38 38.24 -9.14
CA ASN H 150 -13.38 39.29 -9.02
C ASN H 150 -14.30 39.40 -10.22
N GLY H 151 -13.90 38.81 -11.34
CA GLY H 151 -14.70 38.82 -12.55
C GLY H 151 -14.38 39.98 -13.48
N ASP H 152 -13.49 40.85 -13.02
CA ASP H 152 -13.12 42.03 -13.82
C ASP H 152 -11.64 41.99 -14.19
N TRP H 153 -11.13 40.79 -14.46
CA TRP H 153 -9.73 40.56 -14.78
C TRP H 153 -8.79 40.98 -13.64
N THR H 154 -9.30 40.93 -12.41
CA THR H 154 -8.46 41.17 -11.23
C THR H 154 -8.74 40.12 -10.16
N PHE H 155 -7.73 39.86 -9.33
CA PHE H 155 -7.85 38.91 -8.23
C PHE H 155 -7.70 39.61 -6.89
N GLN H 156 -7.97 38.88 -5.82
CA GLN H 156 -7.68 39.33 -4.47
C GLN H 156 -7.53 38.13 -3.54
N THR H 157 -6.78 38.32 -2.47
CA THR H 157 -6.65 37.29 -1.45
C THR H 157 -6.43 37.91 -0.07
N LEU H 158 -6.90 37.22 0.96
CA LEU H 158 -6.64 37.64 2.33
C LEU H 158 -5.85 36.55 3.03
N VAL H 159 -4.63 36.89 3.42
CA VAL H 159 -3.76 35.94 4.13
C VAL H 159 -3.60 36.38 5.57
N MET H 160 -4.18 35.62 6.48
CA MET H 160 -4.24 36.00 7.88
C MET H 160 -3.28 35.19 8.75
N LEU H 161 -2.64 35.87 9.69
CA LEU H 161 -1.71 35.23 10.61
C LEU H 161 -2.27 35.23 12.03
N GLU H 162 -2.29 34.06 12.65
CA GLU H 162 -2.70 33.93 14.04
C GLU H 162 -1.58 34.42 14.94
N THR H 163 -1.85 35.46 15.71
CA THR H 163 -0.84 36.08 16.54
C THR H 163 -1.32 36.33 17.96
N VAL H 164 -0.34 36.38 18.87
CA VAL H 164 -0.54 36.92 20.22
C VAL H 164 0.46 38.06 20.35
N PRO H 165 0.10 39.25 19.83
CA PRO H 165 1.03 40.37 19.74
C PRO H 165 1.52 40.87 21.11
N ARG H 166 2.81 40.70 21.36
CA ARG H 166 3.46 41.38 22.45
C ARG H 166 3.83 42.76 21.93
N SER H 167 4.62 43.53 22.69
CA SER H 167 4.93 44.89 22.27
C SER H 167 6.32 45.03 21.64
N GLY H 168 6.46 46.05 20.80
CA GLY H 168 7.73 46.35 20.16
C GLY H 168 8.12 45.37 19.05
N GLU H 169 7.29 44.36 18.83
CA GLU H 169 7.59 43.39 17.78
C GLU H 169 7.04 43.81 16.41
N VAL H 170 7.65 43.29 15.35
CA VAL H 170 7.34 43.71 13.98
C VAL H 170 6.85 42.55 13.11
N TYR H 171 5.69 42.76 12.47
CA TYR H 171 5.10 41.79 11.56
C TYR H 171 5.13 42.36 10.14
N THR H 172 5.73 41.63 9.21
CA THR H 172 5.76 42.09 7.83
C THR H 172 5.08 41.10 6.90
N CYS H 173 4.27 41.62 5.99
CA CYS H 173 3.67 40.81 4.94
C CYS H 173 4.43 41.03 3.64
N GLN H 174 4.98 39.95 3.09
CA GLN H 174 5.79 40.02 1.88
C GLN H 174 5.06 39.39 0.70
N VAL H 175 4.93 40.14 -0.39
CA VAL H 175 4.18 39.67 -1.56
C VAL H 175 5.05 39.56 -2.81
N GLU H 176 5.02 38.41 -3.45
CA GLU H 176 5.75 38.18 -4.70
C GLU H 176 4.77 38.00 -5.85
N HIS H 177 4.92 38.84 -6.87
CA HIS H 177 4.02 38.82 -8.02
C HIS H 177 4.75 39.20 -9.31
N PRO H 178 4.40 38.55 -10.43
CA PRO H 178 4.98 38.82 -11.76
C PRO H 178 4.99 40.30 -12.15
N SER H 179 4.10 41.10 -11.57
CA SER H 179 3.99 42.51 -11.92
C SER H 179 5.09 43.38 -11.31
N VAL H 180 5.93 42.79 -10.45
CA VAL H 180 6.98 43.54 -9.79
C VAL H 180 8.33 42.82 -9.78
N THR H 181 9.41 43.60 -9.83
CA THR H 181 10.77 43.07 -9.81
C THR H 181 11.19 42.71 -8.39
N SER H 182 10.86 43.59 -7.44
CA SER H 182 11.21 43.38 -6.04
C SER H 182 9.96 43.16 -5.19
N PRO H 183 10.05 42.31 -4.16
CA PRO H 183 8.94 41.98 -3.27
C PRO H 183 8.30 43.21 -2.62
N LEU H 184 6.97 43.23 -2.57
CA LEU H 184 6.26 44.27 -1.84
C LEU H 184 6.19 43.85 -0.38
N THR H 185 6.57 44.77 0.51
CA THR H 185 6.54 44.48 1.95
C THR H 185 5.75 45.55 2.70
N VAL H 186 4.89 45.10 3.60
CA VAL H 186 4.12 46.00 4.45
C VAL H 186 4.24 45.51 5.89
N GLU H 187 4.47 46.43 6.81
CA GLU H 187 4.68 46.07 8.21
C GLU H 187 3.60 46.62 9.13
N TRP H 188 3.31 45.85 10.19
CA TRP H 188 2.44 46.31 11.26
C TRP H 188 3.21 46.24 12.57
N ARG H 189 3.11 47.30 13.36
CA ARG H 189 3.86 47.39 14.61
C ARG H 189 2.95 47.36 15.84
N ALA H 190 3.30 46.51 16.79
CA ALA H 190 2.52 46.40 18.03
C ALA H 190 3.13 47.26 19.13
N GLU I 4 -16.09 -22.02 38.53
CA GLU I 4 -16.31 -22.27 37.11
C GLU I 4 -16.08 -20.99 36.29
N HIS I 5 -16.89 -19.97 36.54
CA HIS I 5 -16.82 -18.75 35.77
C HIS I 5 -16.93 -17.50 36.65
N VAL I 6 -16.42 -16.38 36.15
CA VAL I 6 -16.51 -15.12 36.89
C VAL I 6 -16.72 -13.93 35.97
N ILE I 7 -17.76 -13.14 36.28
CA ILE I 7 -18.00 -11.89 35.58
C ILE I 7 -17.61 -10.72 36.48
N ILE I 8 -16.79 -9.82 35.95
CA ILE I 8 -16.31 -8.69 36.74
C ILE I 8 -16.66 -7.35 36.10
N GLN I 9 -17.41 -6.55 36.84
CA GLN I 9 -17.62 -5.15 36.48
C GLN I 9 -16.52 -4.33 37.13
N ALA I 10 -15.59 -3.84 36.31
CA ALA I 10 -14.43 -3.14 36.83
C ALA I 10 -14.40 -1.69 36.39
N GLU I 11 -14.22 -0.80 37.37
CA GLU I 11 -14.19 0.64 37.09
C GLU I 11 -12.95 1.23 37.75
N PHE I 12 -12.43 2.30 37.15
CA PHE I 12 -11.40 3.08 37.84
C PHE I 12 -11.47 4.57 37.52
N TYR I 13 -10.89 5.38 38.40
CA TYR I 13 -10.65 6.78 38.11
C TYR I 13 -9.26 7.16 38.62
N LEU I 14 -8.56 7.96 37.82
CA LEU I 14 -7.18 8.31 38.14
C LEU I 14 -6.94 9.82 38.13
N ASN I 15 -6.36 10.32 39.22
CA ASN I 15 -5.93 11.71 39.30
C ASN I 15 -4.41 11.79 39.30
N PRO I 16 -3.85 12.91 38.81
CA PRO I 16 -4.52 14.08 38.24
C PRO I 16 -4.91 13.88 36.77
N ASP I 17 -4.63 12.71 36.22
CA ASP I 17 -4.87 12.43 34.80
C ASP I 17 -6.33 12.65 34.41
N GLN I 18 -7.23 12.50 35.38
CA GLN I 18 -8.67 12.67 35.15
C GLN I 18 -9.19 11.75 34.05
N SER I 19 -8.78 10.49 34.10
CA SER I 19 -9.24 9.49 33.15
C SER I 19 -10.00 8.40 33.89
N GLY I 20 -11.12 7.97 33.33
CA GLY I 20 -11.94 6.94 33.93
C GLY I 20 -12.20 5.80 32.98
N GLU I 21 -12.57 4.64 33.53
CA GLU I 21 -12.87 3.47 32.71
C GLU I 21 -13.99 2.64 33.33
N PHE I 22 -14.80 2.03 32.48
CA PHE I 22 -15.91 1.19 32.91
C PHE I 22 -15.97 0.01 31.96
N MET I 23 -15.80 -1.20 32.48
CA MET I 23 -15.79 -2.38 31.63
C MET I 23 -16.34 -3.63 32.31
N PHE I 24 -16.72 -4.60 31.50
CA PHE I 24 -17.12 -5.92 32.00
C PHE I 24 -16.12 -6.97 31.55
N ASP I 25 -15.84 -7.93 32.44
CA ASP I 25 -14.82 -8.94 32.20
C ASP I 25 -15.40 -10.33 32.44
N PHE I 26 -15.11 -11.26 31.54
CA PHE I 26 -15.54 -12.65 31.71
C PHE I 26 -14.37 -13.61 31.54
N ASP I 27 -14.01 -14.29 32.62
CA ASP I 27 -12.89 -15.23 32.63
C ASP I 27 -11.60 -14.62 32.09
N GLY I 28 -11.44 -13.31 32.25
CA GLY I 28 -10.23 -12.62 31.83
C GLY I 28 -10.35 -11.88 30.51
N ASP I 29 -11.48 -12.03 29.82
CA ASP I 29 -11.68 -11.35 28.54
C ASP I 29 -12.73 -10.24 28.64
N GLU I 30 -12.48 -9.13 27.97
CA GLU I 30 -13.39 -7.99 27.98
C GLU I 30 -14.66 -8.28 27.20
N ILE I 31 -15.81 -8.04 27.82
CA ILE I 31 -17.08 -8.15 27.13
C ILE I 31 -17.37 -6.83 26.42
N PHE I 32 -17.35 -5.74 27.19
CA PHE I 32 -17.48 -4.40 26.64
C PHE I 32 -16.88 -3.36 27.57
N HIS I 33 -16.69 -2.15 27.05
CA HIS I 33 -16.35 -1.00 27.87
C HIS I 33 -17.12 0.20 27.35
N VAL I 34 -17.11 1.29 28.10
CA VAL I 34 -17.79 2.51 27.66
C VAL I 34 -16.81 3.61 27.34
N ASP I 35 -16.83 4.09 26.10
CA ASP I 35 -16.02 5.22 25.68
C ASP I 35 -16.53 6.45 26.42
N MET I 36 -15.74 6.96 27.36
CA MET I 36 -16.17 8.10 28.18
C MET I 36 -16.33 9.37 27.36
N ALA I 37 -15.33 9.67 26.53
CA ALA I 37 -15.36 10.87 25.70
C ALA I 37 -16.50 10.85 24.69
N LYS I 38 -16.70 9.70 24.04
CA LYS I 38 -17.73 9.57 23.02
C LYS I 38 -19.09 9.17 23.58
N LYS I 39 -19.14 8.90 24.89
CA LYS I 39 -20.36 8.45 25.56
C LYS I 39 -20.97 7.25 24.84
N GLU I 40 -20.17 6.22 24.60
CA GLU I 40 -20.60 5.11 23.77
C GLU I 40 -20.22 3.73 24.32
N THR I 41 -21.17 2.80 24.26
CA THR I 41 -20.93 1.41 24.61
C THR I 41 -20.16 0.72 23.49
N VAL I 42 -19.02 0.12 23.82
CA VAL I 42 -18.18 -0.54 22.83
C VAL I 42 -18.02 -2.03 23.12
N TRP I 43 -18.69 -2.87 22.33
CA TRP I 43 -18.60 -4.32 22.49
C TRP I 43 -17.29 -4.84 21.91
N ARG I 44 -16.67 -5.79 22.60
CA ARG I 44 -15.34 -6.27 22.23
C ARG I 44 -15.36 -7.05 20.92
N LEU I 45 -16.35 -7.93 20.78
CA LEU I 45 -16.63 -8.59 19.51
C LEU I 45 -18.02 -8.17 19.06
N GLU I 46 -18.23 -8.09 17.75
CA GLU I 46 -19.49 -7.58 17.20
C GLU I 46 -20.72 -8.32 17.68
N GLU I 47 -20.69 -9.65 17.59
CA GLU I 47 -21.87 -10.47 17.88
C GLU I 47 -22.39 -10.35 19.31
N PHE I 48 -21.55 -9.82 20.20
CA PHE I 48 -21.94 -9.64 21.59
C PHE I 48 -23.10 -8.65 21.71
N GLY I 49 -22.96 -7.52 21.03
CA GLY I 49 -23.90 -6.43 21.13
C GLY I 49 -25.29 -6.68 20.60
N ARG I 50 -25.45 -7.68 19.74
CA ARG I 50 -26.79 -7.96 19.25
C ARG I 50 -27.47 -9.03 20.08
N PHE I 51 -26.82 -9.45 21.15
CA PHE I 51 -27.45 -10.34 22.12
C PHE I 51 -27.78 -9.55 23.39
N ALA I 52 -26.99 -8.52 23.64
CA ALA I 52 -27.05 -7.78 24.90
C ALA I 52 -26.92 -6.29 24.63
N SER I 53 -27.45 -5.49 25.55
CA SER I 53 -27.37 -4.05 25.43
C SER I 53 -26.96 -3.39 26.74
N PHE I 54 -26.35 -2.22 26.64
CA PHE I 54 -26.00 -1.45 27.81
C PHE I 54 -26.11 0.04 27.51
N GLU I 55 -26.85 0.75 28.36
CA GLU I 55 -26.98 2.18 28.22
C GLU I 55 -25.73 2.86 28.79
N ALA I 56 -24.94 3.47 27.92
CA ALA I 56 -23.66 4.07 28.29
C ALA I 56 -23.77 5.15 29.36
N GLN I 57 -24.99 5.61 29.63
CA GLN I 57 -25.23 6.67 30.58
C GLN I 57 -24.97 6.27 32.03
N GLY I 58 -25.39 5.06 32.39
CA GLY I 58 -25.18 4.57 33.74
C GLY I 58 -23.71 4.53 34.12
N ALA I 59 -22.87 4.25 33.13
CA ALA I 59 -21.42 4.19 33.34
C ALA I 59 -20.88 5.57 33.72
N LEU I 60 -21.40 6.60 33.06
CA LEU I 60 -20.99 7.98 33.34
C LEU I 60 -21.29 8.37 34.78
N ALA I 61 -22.45 7.94 35.28
CA ALA I 61 -22.83 8.22 36.66
C ALA I 61 -21.90 7.50 37.64
N ASN I 62 -21.48 6.29 37.28
CA ASN I 62 -20.53 5.55 38.09
C ASN I 62 -19.18 6.25 38.16
N ILE I 63 -18.73 6.77 37.03
CA ILE I 63 -17.44 7.45 36.96
C ILE I 63 -17.44 8.72 37.82
N ALA I 64 -18.54 9.47 37.76
CA ALA I 64 -18.69 10.67 38.58
C ALA I 64 -18.59 10.33 40.06
N VAL I 65 -19.24 9.24 40.45
CA VAL I 65 -19.17 8.75 41.83
C VAL I 65 -17.74 8.32 42.19
N ASP I 66 -17.10 7.60 41.28
CA ASP I 66 -15.74 7.12 41.50
C ASP I 66 -14.74 8.27 41.64
N LYS I 67 -14.93 9.32 40.86
CA LYS I 67 -14.07 10.49 40.91
C LYS I 67 -14.20 11.21 42.24
N ALA I 68 -15.42 11.26 42.75
CA ALA I 68 -15.70 11.89 44.03
C ALA I 68 -15.03 11.11 45.15
N ASN I 69 -15.18 9.79 45.12
CA ASN I 69 -14.62 8.93 46.15
C ASN I 69 -13.09 8.90 46.16
N LEU I 70 -12.49 9.05 44.98
CA LEU I 70 -11.03 9.12 44.88
C LEU I 70 -10.52 10.35 45.62
N GLU I 71 -11.23 11.46 45.47
CA GLU I 71 -10.88 12.68 46.16
C GLU I 71 -10.96 12.49 47.67
N ILE I 72 -12.02 11.82 48.11
CA ILE I 72 -12.19 11.49 49.53
C ILE I 72 -11.07 10.58 50.04
N MET I 73 -10.80 9.51 49.30
CA MET I 73 -9.78 8.55 49.70
C MET I 73 -8.39 9.14 49.70
N THR I 74 -8.11 10.02 48.74
CA THR I 74 -6.82 10.68 48.65
C THR I 74 -6.58 11.50 49.91
N LYS I 75 -7.60 12.26 50.28
CA LYS I 75 -7.54 13.10 51.48
C LYS I 75 -7.29 12.29 52.74
N ARG I 76 -8.13 11.29 52.99
CA ARG I 76 -8.07 10.52 54.23
C ARG I 76 -6.79 9.68 54.36
N SER I 77 -6.13 9.43 53.23
CA SER I 77 -4.86 8.71 53.24
C SER I 77 -3.70 9.69 53.41
N ASN I 78 -4.04 10.96 53.64
CA ASN I 78 -3.07 12.05 53.71
C ASN I 78 -2.25 12.19 52.44
N TYR I 79 -2.94 12.04 51.30
CA TYR I 79 -2.35 12.27 49.98
C TYR I 79 -1.21 11.31 49.69
N THR I 80 -1.42 10.04 50.06
CA THR I 80 -0.46 8.99 49.75
C THR I 80 -0.59 8.61 48.28
N PRO I 81 0.49 8.80 47.51
CA PRO I 81 0.46 8.53 46.07
C PRO I 81 0.67 7.05 45.75
N ILE I 82 0.24 6.63 44.57
CA ILE I 82 0.41 5.24 44.16
C ILE I 82 1.88 4.92 43.92
N THR I 83 2.26 3.68 44.22
CA THR I 83 3.61 3.21 43.93
C THR I 83 3.65 2.67 42.51
N ASN I 84 4.49 3.27 41.67
CA ASN I 84 4.64 2.82 40.29
C ASN I 84 5.07 1.37 40.20
N VAL I 85 4.36 0.59 39.39
CA VAL I 85 4.76 -0.77 39.10
C VAL I 85 4.93 -0.93 37.59
N PRO I 86 6.19 -1.09 37.14
CA PRO I 86 6.48 -1.18 35.71
C PRO I 86 5.96 -2.48 35.12
N PRO I 87 5.57 -2.47 33.84
CA PRO I 87 4.95 -3.63 33.22
C PRO I 87 5.95 -4.66 32.71
N GLU I 88 5.52 -5.91 32.69
CA GLU I 88 6.21 -6.94 31.93
C GLU I 88 5.67 -6.86 30.51
N VAL I 89 6.53 -7.01 29.53
CA VAL I 89 6.09 -6.93 28.14
C VAL I 89 6.52 -8.16 27.35
N THR I 90 5.58 -8.73 26.61
CA THR I 90 5.85 -9.87 25.75
C THR I 90 5.34 -9.58 24.36
N VAL I 91 6.11 -9.96 23.34
CA VAL I 91 5.68 -9.83 21.96
C VAL I 91 5.57 -11.20 21.32
N LEU I 92 4.41 -11.49 20.74
CA LEU I 92 4.19 -12.73 20.02
C LEU I 92 3.19 -12.57 18.88
N THR I 93 3.14 -13.57 18.00
CA THR I 93 2.24 -13.53 16.86
C THR I 93 0.92 -14.22 17.16
N ASN I 94 -0.12 -13.86 16.40
CA ASN I 94 -1.45 -14.44 16.52
C ASN I 94 -1.45 -15.93 16.23
N SER I 95 -0.57 -16.34 15.32
CA SER I 95 -0.52 -17.72 14.84
C SER I 95 0.87 -18.00 14.30
N PRO I 96 1.19 -19.29 14.00
CA PRO I 96 2.48 -19.60 13.39
C PRO I 96 2.77 -18.76 12.15
N VAL I 97 3.92 -18.11 12.13
CA VAL I 97 4.30 -17.24 11.04
C VAL I 97 4.52 -18.03 9.75
N GLU I 98 3.89 -17.58 8.67
CA GLU I 98 4.19 -18.07 7.35
C GLU I 98 4.59 -16.87 6.53
N LEU I 99 5.75 -16.95 5.87
CA LEU I 99 6.25 -15.83 5.07
C LEU I 99 5.22 -15.41 4.04
N ARG I 100 4.95 -14.11 3.97
CA ARG I 100 4.06 -13.54 2.97
C ARG I 100 2.58 -13.88 3.18
N GLU I 101 2.24 -14.35 4.37
CA GLU I 101 0.83 -14.59 4.73
C GLU I 101 0.45 -13.75 5.94
N PRO I 102 -0.67 -13.01 5.83
CA PRO I 102 -1.13 -12.07 6.85
C PRO I 102 -1.12 -12.65 8.25
N ASN I 103 -0.62 -11.86 9.20
CA ASN I 103 -0.53 -12.29 10.59
C ASN I 103 -0.71 -11.08 11.51
N VAL I 104 -0.67 -11.30 12.82
CA VAL I 104 -0.82 -10.20 13.78
C VAL I 104 0.21 -10.30 14.89
N LEU I 105 0.95 -9.22 15.10
CA LEU I 105 1.84 -9.11 16.25
C LEU I 105 1.07 -8.64 17.48
N ILE I 106 1.25 -9.34 18.59
CA ILE I 106 0.58 -8.98 19.83
C ILE I 106 1.56 -8.50 20.89
N CYS I 107 1.39 -7.27 21.36
CA CYS I 107 2.19 -6.75 22.45
C CYS I 107 1.40 -6.83 23.74
N PHE I 108 1.71 -7.83 24.56
CA PHE I 108 1.01 -8.01 25.83
C PHE I 108 1.72 -7.28 26.96
N ILE I 109 1.02 -6.32 27.54
CA ILE I 109 1.58 -5.49 28.60
C ILE I 109 0.90 -5.85 29.91
N ASP I 110 1.67 -6.36 30.86
CA ASP I 110 1.09 -7.01 32.02
C ASP I 110 1.64 -6.54 33.37
N LYS I 111 0.80 -6.63 34.40
CA LYS I 111 1.19 -6.41 35.79
C LYS I 111 1.73 -5.02 36.10
N PHE I 112 1.02 -4.00 35.64
CA PHE I 112 1.45 -2.62 35.86
C PHE I 112 0.38 -1.75 36.50
N THR I 113 0.83 -0.64 37.08
CA THR I 113 -0.04 0.38 37.64
C THR I 113 0.81 1.64 37.86
N PRO I 114 0.20 2.84 37.69
CA PRO I 114 -1.18 3.15 37.34
C PRO I 114 -1.51 2.81 35.89
N PRO I 115 -2.81 2.80 35.53
CA PRO I 115 -3.21 2.49 34.16
C PRO I 115 -2.91 3.63 33.19
N VAL I 116 -1.63 3.93 33.00
CA VAL I 116 -1.19 4.87 31.98
C VAL I 116 0.04 4.31 31.29
N VAL I 117 -0.02 4.18 29.97
CA VAL I 117 1.09 3.61 29.23
C VAL I 117 1.17 4.23 27.83
N ASN I 118 2.38 4.31 27.30
CA ASN I 118 2.59 4.75 25.92
C ASN I 118 3.29 3.68 25.10
N VAL I 119 2.61 3.19 24.08
CA VAL I 119 3.12 2.09 23.28
C VAL I 119 3.34 2.52 21.84
N THR I 120 4.48 2.12 21.28
CA THR I 120 4.79 2.42 19.90
C THR I 120 5.30 1.17 19.19
N TRP I 121 4.70 0.87 18.04
CA TRP I 121 5.20 -0.19 17.18
C TRP I 121 6.28 0.38 16.26
N LEU I 122 7.41 -0.31 16.19
CA LEU I 122 8.50 0.11 15.33
C LEU I 122 8.84 -1.00 14.33
N ARG I 123 8.85 -0.67 13.05
CA ARG I 123 9.31 -1.60 12.02
C ARG I 123 10.63 -1.11 11.43
N ASN I 124 11.69 -1.90 11.64
CA ASN I 124 13.04 -1.52 11.23
C ASN I 124 13.46 -0.18 11.83
N GLY I 125 12.97 0.11 13.03
CA GLY I 125 13.32 1.32 13.74
C GLY I 125 12.37 2.48 13.52
N LYS I 126 11.39 2.30 12.64
CA LYS I 126 10.46 3.37 12.30
C LYS I 126 9.03 3.07 12.74
N PRO I 127 8.35 4.07 13.31
CA PRO I 127 6.98 3.95 13.83
C PRO I 127 5.94 3.58 12.77
N VAL I 128 5.11 2.58 13.09
CA VAL I 128 4.00 2.20 12.24
C VAL I 128 2.69 2.43 12.98
N THR I 129 1.65 2.86 12.27
CA THR I 129 0.35 3.11 12.90
C THR I 129 -0.79 2.50 12.09
N THR I 130 -0.49 2.07 10.87
CA THR I 130 -1.51 1.53 9.97
C THR I 130 -2.13 0.23 10.47
N GLY I 131 -3.43 0.28 10.76
CA GLY I 131 -4.16 -0.90 11.17
C GLY I 131 -3.97 -1.30 12.62
N VAL I 132 -3.21 -0.52 13.37
CA VAL I 132 -3.00 -0.84 14.79
C VAL I 132 -4.31 -0.68 15.57
N SER I 133 -4.44 -1.47 16.62
CA SER I 133 -5.58 -1.37 17.53
C SER I 133 -5.10 -1.72 18.93
N GLU I 134 -5.95 -1.44 19.92
CA GLU I 134 -5.59 -1.70 21.30
C GLU I 134 -6.81 -1.88 22.18
N THR I 135 -6.66 -2.65 23.24
CA THR I 135 -7.72 -2.85 24.20
C THR I 135 -7.69 -1.74 25.24
N VAL I 136 -8.69 -1.72 26.11
CA VAL I 136 -8.64 -0.85 27.28
C VAL I 136 -7.84 -1.59 28.34
N PHE I 137 -7.64 -0.95 29.49
CA PHE I 137 -6.89 -1.58 30.58
C PHE I 137 -7.74 -2.67 31.23
N LEU I 138 -7.18 -3.86 31.34
CA LEU I 138 -7.90 -5.00 31.90
C LEU I 138 -7.48 -5.26 33.34
N PRO I 139 -8.45 -5.57 34.22
CA PRO I 139 -8.20 -5.76 35.65
C PRO I 139 -7.47 -7.06 35.98
N ARG I 140 -6.81 -7.07 37.13
CA ARG I 140 -6.16 -8.27 37.65
C ARG I 140 -6.56 -8.47 39.11
N GLU I 141 -6.38 -9.69 39.60
CA GLU I 141 -6.72 -10.01 40.99
C GLU I 141 -5.83 -9.23 41.98
N ASP I 142 -4.59 -8.97 41.57
CA ASP I 142 -3.67 -8.20 42.42
C ASP I 142 -3.88 -6.70 42.25
N HIS I 143 -4.91 -6.34 41.48
CA HIS I 143 -5.33 -4.95 41.27
C HIS I 143 -4.38 -4.14 40.40
N LEU I 144 -3.45 -4.81 39.73
CA LEU I 144 -2.67 -4.21 38.67
C LEU I 144 -3.50 -4.27 37.38
N PHE I 145 -2.88 -4.00 36.23
CA PHE I 145 -3.61 -3.97 34.97
C PHE I 145 -2.91 -4.75 33.86
N ARG I 146 -3.70 -5.15 32.85
CA ARG I 146 -3.17 -5.73 31.62
C ARG I 146 -3.64 -4.87 30.46
N LYS I 147 -2.97 -4.99 29.33
CA LYS I 147 -3.37 -4.26 28.13
C LYS I 147 -2.81 -4.96 26.89
N PHE I 148 -3.56 -4.94 25.80
CA PHE I 148 -3.11 -5.54 24.56
C PHE I 148 -2.98 -4.50 23.46
N HIS I 149 -1.92 -4.62 22.67
CA HIS I 149 -1.78 -3.83 21.45
C HIS I 149 -1.54 -4.75 20.28
N TYR I 150 -2.16 -4.44 19.14
CA TYR I 150 -2.10 -5.32 17.98
C TYR I 150 -1.55 -4.61 16.75
N LEU I 151 -0.74 -5.33 15.98
CA LEU I 151 -0.24 -4.83 14.72
C LEU I 151 -0.36 -5.92 13.65
N PRO I 152 -1.39 -5.82 12.80
CA PRO I 152 -1.48 -6.71 11.65
C PRO I 152 -0.31 -6.43 10.72
N PHE I 153 0.35 -7.47 10.23
CA PHE I 153 1.53 -7.29 9.40
C PHE I 153 1.70 -8.43 8.41
N LEU I 154 2.57 -8.20 7.42
CA LEU I 154 2.89 -9.21 6.44
C LEU I 154 4.32 -9.70 6.69
N PRO I 155 4.45 -10.88 7.33
CA PRO I 155 5.74 -11.49 7.68
C PRO I 155 6.71 -11.54 6.51
N SER I 156 7.97 -11.22 6.80
CA SER I 156 9.01 -11.20 5.78
C SER I 156 10.37 -11.38 6.44
N THR I 157 11.34 -11.83 5.66
CA THR I 157 12.70 -11.98 6.16
C THR I 157 13.40 -10.63 6.22
N GLU I 158 12.71 -9.59 5.75
CA GLU I 158 13.33 -8.28 5.57
C GLU I 158 13.03 -7.28 6.67
N ASP I 159 12.02 -7.56 7.48
CA ASP I 159 11.59 -6.62 8.50
C ASP I 159 11.85 -7.10 9.92
N VAL I 160 12.23 -6.17 10.79
CA VAL I 160 12.31 -6.43 12.22
C VAL I 160 11.30 -5.53 12.92
N TYR I 161 10.78 -5.98 14.06
CA TYR I 161 9.75 -5.23 14.77
C TYR I 161 10.10 -5.05 16.25
N ASP I 162 9.78 -3.88 16.79
CA ASP I 162 9.88 -3.64 18.22
C ASP I 162 8.60 -3.04 18.76
N CYS I 163 8.16 -3.55 19.91
CA CYS I 163 7.11 -2.90 20.67
C CYS I 163 7.79 -2.04 21.73
N ARG I 164 7.58 -0.73 21.67
CA ARG I 164 8.24 0.19 22.60
C ARG I 164 7.27 0.67 23.67
N VAL I 165 7.52 0.28 24.91
CA VAL I 165 6.60 0.58 26.00
C VAL I 165 7.19 1.60 26.98
N GLU I 166 6.44 2.66 27.24
CA GLU I 166 6.84 3.66 28.21
C GLU I 166 5.88 3.69 29.40
N HIS I 167 6.44 3.66 30.60
CA HIS I 167 5.66 3.70 31.83
C HIS I 167 6.51 4.33 32.93
N TRP I 168 5.87 5.05 33.85
CA TRP I 168 6.59 5.78 34.90
C TRP I 168 7.47 4.89 35.79
N GLY I 169 7.13 3.62 35.86
CA GLY I 169 7.91 2.67 36.66
C GLY I 169 9.18 2.24 35.97
N LEU I 170 9.32 2.62 34.70
CA LEU I 170 10.52 2.28 33.92
C LEU I 170 11.48 3.46 33.83
N ASP I 171 12.77 3.17 33.91
CA ASP I 171 13.79 4.21 33.78
C ASP I 171 13.81 4.73 32.35
N GLU I 172 13.82 3.81 31.40
CA GLU I 172 13.87 4.13 29.98
C GLU I 172 12.83 3.30 29.25
N PRO I 173 12.41 3.74 28.05
CA PRO I 173 11.43 2.98 27.27
C PRO I 173 11.87 1.53 27.04
N LEU I 174 10.95 0.60 27.26
CA LEU I 174 11.25 -0.82 27.09
C LEU I 174 10.95 -1.26 25.66
N LEU I 175 11.95 -1.84 25.00
CA LEU I 175 11.77 -2.37 23.66
C LEU I 175 11.77 -3.90 23.66
N LYS I 176 10.73 -4.48 23.08
CA LYS I 176 10.67 -5.93 22.92
C LYS I 176 10.72 -6.29 21.44
N HIS I 177 11.63 -7.20 21.10
CA HIS I 177 11.96 -7.45 19.71
C HIS I 177 11.25 -8.69 19.13
N TRP I 178 10.81 -8.58 17.89
CA TRP I 178 10.36 -9.74 17.14
C TRP I 178 10.93 -9.70 15.73
N GLU I 179 11.40 -10.85 15.26
CA GLU I 179 11.82 -11.00 13.88
C GLU I 179 11.69 -12.45 13.47
N PHE I 180 11.40 -12.69 12.18
CA PHE I 180 11.32 -14.04 11.65
C PHE I 180 12.71 -14.67 11.71
N ASP I 181 12.75 -15.98 11.93
CA ASP I 181 14.03 -16.65 12.11
C ASP I 181 14.39 -17.64 11.01
N ALA I 182 13.71 -18.79 10.98
CA ALA I 182 13.97 -19.80 9.96
C ALA I 182 12.81 -20.78 9.80
N ASP J 2 6.31 14.09 33.02
CA ASP J 2 5.40 14.28 34.12
C ASP J 2 5.83 13.42 35.32
N THR J 3 6.12 14.07 36.44
CA THR J 3 6.60 13.38 37.62
C THR J 3 5.61 13.51 38.78
N ARG J 4 4.47 14.12 38.52
CA ARG J 4 3.43 14.32 39.53
C ARG J 4 2.96 13.02 40.15
N PRO J 5 2.59 13.07 41.45
CA PRO J 5 2.03 11.90 42.13
C PRO J 5 0.70 11.51 41.51
N ARG J 6 0.41 10.22 41.44
CA ARG J 6 -0.87 9.77 40.91
C ARG J 6 -1.73 9.18 42.03
N PHE J 7 -3.04 9.22 41.86
CA PHE J 7 -3.97 8.68 42.85
C PHE J 7 -5.05 7.85 42.16
N LEU J 8 -5.15 6.58 42.54
CA LEU J 8 -6.00 5.64 41.82
C LEU J 8 -7.12 5.04 42.67
N TRP J 9 -8.32 5.05 42.13
CA TRP J 9 -9.48 4.44 42.78
C TRP J 9 -10.12 3.40 41.86
N GLN J 10 -10.21 2.17 42.32
CA GLN J 10 -10.86 1.10 41.56
C GLN J 10 -12.09 0.58 42.27
N LEU J 11 -13.14 0.32 41.50
CA LEU J 11 -14.33 -0.33 42.03
C LEU J 11 -14.61 -1.60 41.22
N LYS J 12 -14.69 -2.73 41.90
CA LYS J 12 -14.92 -3.99 41.22
C LYS J 12 -16.10 -4.75 41.82
N PHE J 13 -17.00 -5.21 40.94
CA PHE J 13 -18.07 -6.12 41.33
C PHE J 13 -17.82 -7.47 40.69
N GLU J 14 -17.56 -8.49 41.50
CA GLU J 14 -17.24 -9.80 41.00
C GLU J 14 -18.37 -10.80 41.26
N CYS J 15 -18.86 -11.41 40.18
CA CYS J 15 -19.86 -12.48 40.30
C CYS J 15 -19.19 -13.82 40.04
N HIS J 16 -19.11 -14.65 41.06
CA HIS J 16 -18.48 -15.96 40.95
C HIS J 16 -19.53 -17.06 40.82
N PHE J 17 -19.45 -17.82 39.74
CA PHE J 17 -20.45 -18.85 39.45
C PHE J 17 -19.86 -20.26 39.56
N PHE J 18 -20.52 -21.11 40.32
CA PHE J 18 -20.12 -22.50 40.47
C PHE J 18 -21.25 -23.43 40.06
N ASN J 19 -20.91 -24.45 39.28
CA ASN J 19 -21.90 -25.42 38.78
C ASN J 19 -23.04 -24.72 38.05
N GLY J 20 -22.70 -24.01 36.99
CA GLY J 20 -23.66 -23.18 36.29
C GLY J 20 -23.99 -21.96 37.15
N THR J 21 -25.24 -21.86 37.56
CA THR J 21 -25.65 -20.80 38.48
C THR J 21 -26.20 -21.38 39.76
N GLU J 22 -25.84 -22.63 40.06
CA GLU J 22 -26.30 -23.26 41.29
C GLU J 22 -25.80 -22.48 42.50
N ARG J 23 -24.52 -22.10 42.46
CA ARG J 23 -23.91 -21.32 43.52
C ARG J 23 -23.34 -20.00 43.00
N VAL J 24 -23.84 -18.89 43.53
CA VAL J 24 -23.37 -17.57 43.12
C VAL J 24 -22.86 -16.79 44.33
N ARG J 25 -21.70 -16.16 44.15
CA ARG J 25 -21.06 -15.39 45.21
C ARG J 25 -20.71 -14.00 44.66
N LEU J 26 -21.19 -12.97 45.34
CA LEU J 26 -20.92 -11.61 44.93
C LEU J 26 -19.84 -10.97 45.80
N LEU J 27 -18.84 -10.39 45.13
CA LEU J 27 -17.79 -9.64 45.81
C LEU J 27 -17.73 -8.23 45.27
N GLU J 28 -18.03 -7.25 46.11
CA GLU J 28 -17.78 -5.86 45.77
C GLU J 28 -16.47 -5.46 46.42
N ARG J 29 -15.62 -4.78 45.67
CA ARG J 29 -14.30 -4.41 46.18
C ARG J 29 -13.94 -2.97 45.89
N CYS J 30 -13.48 -2.27 46.92
CA CYS J 30 -12.98 -0.91 46.77
C CYS J 30 -11.47 -0.91 46.94
N ILE J 31 -10.76 -0.37 45.96
CA ILE J 31 -9.30 -0.38 45.98
C ILE J 31 -8.71 1.03 45.84
N TYR J 32 -7.93 1.45 46.82
CA TYR J 32 -7.20 2.71 46.73
C TYR J 32 -5.76 2.43 46.33
N ASN J 33 -5.30 3.06 45.26
CA ASN J 33 -4.04 2.72 44.63
C ASN J 33 -3.98 1.22 44.37
N GLN J 34 -3.12 0.51 45.11
CA GLN J 34 -3.08 -0.94 44.99
C GLN J 34 -3.50 -1.62 46.30
N GLU J 35 -4.21 -0.89 47.16
CA GLU J 35 -4.63 -1.45 48.43
C GLU J 35 -6.16 -1.50 48.56
N GLU J 36 -6.70 -2.72 48.66
CA GLU J 36 -8.13 -2.88 48.89
C GLU J 36 -8.48 -2.42 50.29
N SER J 37 -9.45 -1.52 50.40
CA SER J 37 -9.81 -0.93 51.68
C SER J 37 -11.02 -1.60 52.32
N VAL J 38 -12.07 -1.80 51.52
CA VAL J 38 -13.31 -2.36 52.04
C VAL J 38 -13.96 -3.27 50.98
N ARG J 39 -14.64 -4.31 51.42
CA ARG J 39 -15.30 -5.22 50.50
C ARG J 39 -16.63 -5.73 51.02
N PHE J 40 -17.51 -6.08 50.09
CA PHE J 40 -18.75 -6.78 50.42
C PHE J 40 -18.68 -8.21 49.90
N ASP J 41 -18.77 -9.16 50.81
CA ASP J 41 -18.82 -10.57 50.45
C ASP J 41 -20.24 -11.06 50.71
N SER J 42 -20.88 -11.61 49.68
CA SER J 42 -22.26 -12.06 49.82
C SER J 42 -22.35 -13.27 50.76
N ASP J 43 -21.21 -13.92 51.01
CA ASP J 43 -21.16 -15.04 51.93
C ASP J 43 -21.20 -14.59 53.40
N VAL J 44 -20.97 -13.30 53.64
CA VAL J 44 -21.03 -12.77 55.00
C VAL J 44 -22.23 -11.85 55.23
N GLY J 45 -22.67 -11.15 54.19
CA GLY J 45 -23.89 -10.38 54.26
C GLY J 45 -23.75 -8.90 54.61
N GLU J 46 -22.52 -8.45 54.83
CA GLU J 46 -22.27 -7.03 55.07
C GLU J 46 -20.83 -6.66 54.74
N TYR J 47 -20.52 -5.37 54.83
CA TYR J 47 -19.20 -4.87 54.51
C TYR J 47 -18.16 -5.17 55.58
N ARG J 48 -16.91 -5.24 55.17
CA ARG J 48 -15.79 -5.49 56.07
C ARG J 48 -14.60 -4.64 55.65
N ALA J 49 -13.96 -3.98 56.62
CA ALA J 49 -12.75 -3.23 56.33
C ALA J 49 -11.62 -4.20 56.00
N VAL J 50 -10.93 -3.94 54.91
CA VAL J 50 -9.77 -4.75 54.54
C VAL J 50 -8.52 -4.08 55.08
N THR J 51 -8.46 -2.76 54.93
CA THR J 51 -7.41 -1.97 55.56
C THR J 51 -8.05 -0.93 56.48
N GLU J 52 -7.20 -0.23 57.24
CA GLU J 52 -7.65 0.76 58.19
C GLU J 52 -8.35 1.93 57.49
N LEU J 53 -7.95 2.18 56.24
CA LEU J 53 -8.55 3.25 55.45
C LEU J 53 -10.02 3.01 55.12
N GLY J 54 -10.43 1.74 55.12
CA GLY J 54 -11.75 1.37 54.64
C GLY J 54 -12.83 1.30 55.71
N ARG J 55 -12.44 1.53 56.98
CA ARG J 55 -13.36 1.34 58.11
C ARG J 55 -14.53 2.30 58.21
N PRO J 56 -14.27 3.60 58.02
CA PRO J 56 -15.43 4.46 58.18
C PRO J 56 -16.47 4.08 57.15
N ASP J 57 -16.02 3.76 55.94
CA ASP J 57 -16.92 3.35 54.87
C ASP J 57 -17.68 2.08 55.23
N ALA J 58 -16.97 1.10 55.81
CA ALA J 58 -17.56 -0.17 56.18
C ALA J 58 -18.64 0.00 57.25
N GLU J 59 -18.32 0.75 58.29
CA GLU J 59 -19.25 0.98 59.40
C GLU J 59 -20.41 1.87 58.98
N TYR J 60 -20.12 2.85 58.13
CA TYR J 60 -21.13 3.79 57.64
C TYR J 60 -22.09 3.12 56.66
N TRP J 61 -21.59 2.19 55.86
CA TRP J 61 -22.43 1.44 54.94
C TRP J 61 -23.24 0.36 55.65
N ASN J 62 -22.62 -0.29 56.64
CA ASN J 62 -23.29 -1.34 57.42
C ASN J 62 -24.42 -0.80 58.27
N SER J 63 -24.41 0.50 58.54
CA SER J 63 -25.45 1.13 59.35
C SER J 63 -26.75 1.26 58.55
N GLN J 64 -26.63 1.72 57.31
CA GLN J 64 -27.78 1.84 56.42
C GLN J 64 -28.25 0.45 55.99
N LYS J 65 -29.33 -0.03 56.61
CA LYS J 65 -29.87 -1.34 56.31
C LYS J 65 -30.30 -1.41 54.84
N ASP J 66 -30.56 -0.23 54.27
CA ASP J 66 -31.04 -0.10 52.88
C ASP J 66 -29.92 -0.14 51.85
N LEU J 67 -28.69 -0.17 52.31
CA LEU J 67 -27.56 -0.36 51.43
C LEU J 67 -27.25 -1.86 51.38
N LEU J 68 -27.41 -2.51 52.53
CA LEU J 68 -27.11 -3.94 52.64
C LEU J 68 -28.00 -4.89 51.82
N GLU J 69 -29.32 -4.83 52.02
CA GLU J 69 -30.23 -5.75 51.34
C GLU J 69 -30.25 -5.58 49.84
N GLN J 70 -29.83 -4.40 49.38
CA GLN J 70 -29.69 -4.15 47.96
C GLN J 70 -28.57 -5.02 47.43
N ARG J 71 -27.43 -4.97 48.13
CA ARG J 71 -26.27 -5.78 47.78
C ARG J 71 -26.55 -7.25 47.97
N ARG J 72 -27.31 -7.60 48.99
CA ARG J 72 -27.66 -8.99 49.26
C ARG J 72 -28.56 -9.58 48.17
N ALA J 73 -29.43 -8.75 47.61
CA ALA J 73 -30.37 -9.22 46.59
C ALA J 73 -29.71 -9.32 45.22
N ALA J 74 -28.61 -8.60 45.03
CA ALA J 74 -27.95 -8.51 43.73
C ALA J 74 -27.43 -9.85 43.22
N VAL J 75 -27.34 -10.83 44.11
CA VAL J 75 -26.94 -12.18 43.73
C VAL J 75 -27.89 -12.72 42.66
N ASP J 76 -29.15 -12.30 42.72
CA ASP J 76 -30.15 -12.69 41.74
C ASP J 76 -30.34 -11.61 40.67
N THR J 77 -30.66 -10.40 41.12
CA THR J 77 -31.03 -9.32 40.23
C THR J 77 -29.86 -8.80 39.37
N TYR J 78 -28.65 -9.23 39.69
CA TYR J 78 -27.47 -8.72 39.00
C TYR J 78 -26.61 -9.86 38.45
N CYS J 79 -26.14 -10.73 39.33
CA CYS J 79 -25.28 -11.83 38.93
C CYS J 79 -25.99 -12.88 38.07
N ARG J 80 -27.09 -13.42 38.58
CA ARG J 80 -27.82 -14.46 37.84
C ARG J 80 -28.45 -13.91 36.56
N HIS J 81 -28.86 -12.66 36.58
CA HIS J 81 -29.42 -12.02 35.39
C HIS J 81 -28.37 -11.89 34.28
N ASN J 82 -27.21 -11.33 34.63
CA ASN J 82 -26.16 -11.11 33.64
C ASN J 82 -25.60 -12.40 33.07
N TYR J 83 -25.53 -13.43 33.91
CA TYR J 83 -25.11 -14.76 33.46
C TYR J 83 -26.07 -15.24 32.38
N GLY J 84 -27.36 -15.14 32.65
CA GLY J 84 -28.38 -15.55 31.70
C GLY J 84 -28.27 -14.78 30.39
N VAL J 85 -28.10 -13.48 30.49
CA VAL J 85 -28.01 -12.62 29.31
C VAL J 85 -26.76 -12.93 28.47
N GLY J 86 -25.64 -13.17 29.14
CA GLY J 86 -24.39 -13.37 28.45
C GLY J 86 -24.01 -14.82 28.19
N GLU J 87 -24.85 -15.74 28.66
CA GLU J 87 -24.56 -17.17 28.57
C GLU J 87 -24.26 -17.66 27.14
N SER J 88 -25.06 -17.19 26.19
CA SER J 88 -24.97 -17.68 24.82
C SER J 88 -23.65 -17.36 24.13
N PHE J 89 -23.07 -16.20 24.42
CA PHE J 89 -21.86 -15.77 23.73
C PHE J 89 -20.60 -15.80 24.60
N THR J 90 -20.74 -16.21 25.85
CA THR J 90 -19.58 -16.29 26.76
C THR J 90 -19.33 -17.72 27.22
N VAL J 91 -20.18 -18.21 28.10
CA VAL J 91 -20.06 -19.56 28.64
C VAL J 91 -20.13 -20.62 27.55
N GLN J 92 -20.98 -20.40 26.55
CA GLN J 92 -21.20 -21.40 25.51
C GLN J 92 -20.39 -21.12 24.24
N ARG J 93 -19.55 -20.10 24.28
CA ARG J 93 -18.70 -19.77 23.13
C ARG J 93 -17.75 -20.92 22.81
N ARG J 94 -17.68 -21.29 21.54
CA ARG J 94 -16.80 -22.36 21.11
C ARG J 94 -16.15 -22.06 19.77
N VAL J 95 -14.83 -21.98 19.77
CA VAL J 95 -14.06 -21.75 18.55
C VAL J 95 -13.05 -22.87 18.36
N GLU J 96 -13.04 -23.45 17.17
CA GLU J 96 -12.14 -24.56 16.87
C GLU J 96 -10.70 -24.09 16.72
N PRO J 97 -9.74 -24.84 17.30
CA PRO J 97 -8.34 -24.49 17.16
C PRO J 97 -7.76 -24.87 15.79
N LYS J 98 -6.81 -24.07 15.32
CA LYS J 98 -6.01 -24.43 14.17
C LYS J 98 -4.74 -25.09 14.69
N VAL J 99 -4.44 -26.30 14.22
CA VAL J 99 -3.31 -27.04 14.74
C VAL J 99 -2.21 -27.23 13.70
N THR J 100 -0.99 -26.88 14.09
CA THR J 100 0.15 -26.94 13.18
C THR J 100 1.34 -27.62 13.85
N VAL J 101 1.95 -28.56 13.15
CA VAL J 101 3.16 -29.22 13.64
C VAL J 101 4.36 -28.86 12.76
N TYR J 102 5.45 -28.45 13.40
CA TYR J 102 6.68 -28.16 12.68
C TYR J 102 7.89 -28.44 13.56
N PRO J 103 9.00 -28.88 12.97
CA PRO J 103 10.23 -29.03 13.75
C PRO J 103 10.85 -27.66 14.01
N SER J 104 11.45 -27.48 15.18
CA SER J 104 12.09 -26.21 15.51
C SER J 104 13.53 -26.17 15.02
N LEU J 109 19.53 -34.89 11.29
CA LEU J 109 18.70 -35.99 11.78
C LEU J 109 19.51 -36.89 12.70
N GLN J 110 18.81 -37.64 13.57
CA GLN J 110 19.41 -38.40 14.66
C GLN J 110 20.12 -37.48 15.66
N HIS J 111 19.84 -36.19 15.53
CA HIS J 111 20.25 -35.19 16.50
C HIS J 111 18.97 -34.88 17.25
N HIS J 112 19.09 -34.46 18.52
CA HIS J 112 17.92 -34.12 19.30
C HIS J 112 17.15 -32.99 18.62
N ASN J 113 15.82 -32.99 18.77
CA ASN J 113 15.01 -31.94 18.18
C ASN J 113 13.74 -31.67 18.97
N LEU J 114 13.24 -30.45 18.86
CA LEU J 114 12.04 -30.04 19.57
C LEU J 114 10.89 -29.91 18.59
N LEU J 115 10.03 -30.93 18.54
CA LEU J 115 8.86 -30.90 17.68
C LEU J 115 7.80 -30.01 18.31
N VAL J 116 7.27 -29.08 17.52
CA VAL J 116 6.31 -28.11 18.03
C VAL J 116 4.89 -28.39 17.55
N CYS J 117 3.96 -28.56 18.48
CA CYS J 117 2.56 -28.59 18.13
C CYS J 117 1.92 -27.26 18.50
N SER J 118 1.72 -26.42 17.50
CA SER J 118 1.10 -25.12 17.71
C SER J 118 -0.40 -25.22 17.63
N VAL J 119 -1.09 -24.80 18.68
CA VAL J 119 -2.54 -24.84 18.73
C VAL J 119 -3.04 -23.43 18.99
N SER J 120 -3.76 -22.86 18.03
CA SER J 120 -4.10 -21.44 18.09
C SER J 120 -5.55 -21.11 17.72
N GLY J 121 -6.01 -19.97 18.21
CA GLY J 121 -7.31 -19.42 17.84
C GLY J 121 -8.52 -20.14 18.41
N PHE J 122 -8.37 -20.75 19.59
CA PHE J 122 -9.46 -21.52 20.18
C PHE J 122 -10.08 -20.88 21.42
N TYR J 123 -11.32 -21.27 21.69
CA TYR J 123 -12.05 -20.88 22.89
C TYR J 123 -13.08 -21.96 23.18
N PRO J 124 -13.24 -22.35 24.46
CA PRO J 124 -12.56 -21.80 25.63
C PRO J 124 -11.19 -22.41 25.90
N GLY J 125 -10.64 -22.11 27.08
CA GLY J 125 -9.27 -22.45 27.42
C GLY J 125 -8.99 -23.92 27.65
N SER J 126 -9.98 -24.66 28.13
CA SER J 126 -9.80 -26.08 28.40
C SER J 126 -9.48 -26.86 27.12
N ILE J 127 -8.33 -27.52 27.13
CA ILE J 127 -7.86 -28.24 25.95
C ILE J 127 -6.82 -29.28 26.37
N GLU J 128 -6.77 -30.39 25.64
CA GLU J 128 -5.70 -31.36 25.85
C GLU J 128 -4.99 -31.71 24.55
N VAL J 129 -3.66 -31.64 24.60
CA VAL J 129 -2.82 -31.92 23.45
C VAL J 129 -1.92 -33.09 23.79
N ARG J 130 -1.95 -34.13 22.95
CA ARG J 130 -1.16 -35.32 23.20
C ARG J 130 -0.27 -35.68 22.02
N TRP J 131 0.97 -36.06 22.30
CA TRP J 131 1.90 -36.49 21.28
C TRP J 131 1.87 -38.00 21.11
N PHE J 132 2.14 -38.45 19.89
CA PHE J 132 2.24 -39.88 19.59
C PHE J 132 3.48 -40.15 18.75
N ARG J 133 4.18 -41.23 19.07
CA ARG J 133 5.27 -41.71 18.23
C ARG J 133 4.89 -43.08 17.68
N ASN J 134 4.68 -43.14 16.36
CA ASN J 134 4.25 -44.36 15.68
C ASN J 134 2.93 -44.94 16.20
N GLY J 135 2.07 -44.05 16.70
CA GLY J 135 0.77 -44.47 17.20
C GLY J 135 0.74 -44.78 18.68
N GLN J 136 1.85 -44.52 19.36
CA GLN J 136 1.94 -44.73 20.80
C GLN J 136 2.24 -43.41 21.50
N GLU J 137 1.46 -43.07 22.52
CA GLU J 137 1.66 -41.80 23.24
C GLU J 137 3.04 -41.72 23.85
N GLU J 138 3.54 -40.50 24.00
CA GLU J 138 4.77 -40.23 24.74
C GLU J 138 4.50 -39.04 25.66
N LYS J 139 4.77 -39.21 26.95
CA LYS J 139 4.52 -38.14 27.91
C LYS J 139 5.83 -37.56 28.43
N ALA J 140 6.92 -38.29 28.26
CA ALA J 140 8.24 -37.79 28.61
C ALA J 140 8.73 -36.84 27.52
N GLY J 141 9.41 -35.78 27.92
CA GLY J 141 9.94 -34.80 26.99
C GLY J 141 8.91 -33.81 26.50
N VAL J 142 7.74 -33.82 27.12
CA VAL J 142 6.68 -32.88 26.76
C VAL J 142 6.78 -31.59 27.56
N VAL J 143 6.90 -30.47 26.86
CA VAL J 143 6.96 -29.17 27.50
C VAL J 143 6.01 -28.19 26.82
N SER J 144 5.18 -27.52 27.61
CA SER J 144 4.18 -26.62 27.08
C SER J 144 4.37 -25.20 27.61
N THR J 145 3.99 -24.21 26.81
CA THR J 145 4.00 -22.82 27.24
C THR J 145 2.78 -22.53 28.08
N GLY J 146 1.88 -23.51 28.16
CA GLY J 146 0.62 -23.32 28.85
C GLY J 146 -0.32 -22.47 28.02
N LEU J 147 -1.39 -22.00 28.67
CA LEU J 147 -2.38 -21.17 28.01
C LEU J 147 -1.92 -19.74 27.80
N ILE J 148 -2.11 -19.22 26.59
CA ILE J 148 -1.86 -17.81 26.31
C ILE J 148 -3.14 -17.13 25.84
N GLN J 149 -3.58 -16.13 26.59
CA GLN J 149 -4.79 -15.39 26.26
C GLN J 149 -4.46 -14.25 25.30
N ASN J 150 -5.06 -14.28 24.11
CA ASN J 150 -4.75 -13.30 23.07
C ASN J 150 -5.45 -11.96 23.27
N GLY J 151 -6.47 -11.94 24.11
CA GLY J 151 -7.19 -10.71 24.39
C GLY J 151 -8.40 -10.50 23.50
N ASP J 152 -8.55 -11.35 22.48
CA ASP J 152 -9.66 -11.24 21.55
C ASP J 152 -10.62 -12.42 21.65
N TRP J 153 -10.69 -13.02 22.84
CA TRP J 153 -11.50 -14.21 23.09
C TRP J 153 -11.02 -15.43 22.31
N THR J 154 -9.71 -15.52 22.09
CA THR J 154 -9.10 -16.76 21.61
C THR J 154 -7.85 -17.06 22.43
N PHE J 155 -7.44 -18.33 22.41
CA PHE J 155 -6.25 -18.76 23.10
C PHE J 155 -5.25 -19.34 22.11
N GLN J 156 -4.00 -19.46 22.54
CA GLN J 156 -3.01 -20.22 21.79
C GLN J 156 -2.03 -20.88 22.76
N THR J 157 -1.42 -21.98 22.30
CA THR J 157 -0.45 -22.69 23.11
C THR J 157 0.54 -23.45 22.24
N LEU J 158 1.74 -23.65 22.75
CA LEU J 158 2.75 -24.43 22.06
C LEU J 158 3.16 -25.63 22.90
N VAL J 159 2.71 -26.81 22.50
CA VAL J 159 3.05 -28.05 23.19
C VAL J 159 4.15 -28.77 22.43
N MET J 160 5.32 -28.88 23.07
CA MET J 160 6.51 -29.37 22.38
C MET J 160 6.99 -30.73 22.90
N LEU J 161 7.61 -31.51 22.02
CA LEU J 161 8.11 -32.83 22.38
C LEU J 161 9.61 -32.94 22.15
N GLU J 162 10.34 -33.22 23.23
CA GLU J 162 11.77 -33.47 23.14
C GLU J 162 11.99 -34.82 22.47
N THR J 163 12.61 -34.79 21.29
CA THR J 163 12.68 -35.99 20.48
C THR J 163 14.01 -36.15 19.74
N VAL J 164 14.35 -37.38 19.42
CA VAL J 164 15.46 -37.68 18.52
C VAL J 164 14.89 -38.39 17.30
N PRO J 165 14.63 -37.63 16.23
CA PRO J 165 13.98 -38.15 15.01
C PRO J 165 14.79 -39.27 14.37
N ARG J 166 14.14 -40.40 14.12
CA ARG J 166 14.74 -41.50 13.37
C ARG J 166 13.93 -41.72 12.11
N SER J 167 14.61 -42.06 11.01
CA SER J 167 13.96 -42.25 9.73
C SER J 167 12.87 -43.31 9.79
N GLY J 168 11.73 -43.01 9.17
CA GLY J 168 10.60 -43.92 9.18
C GLY J 168 9.57 -43.58 10.23
N GLU J 169 9.98 -42.81 11.24
CA GLU J 169 9.10 -42.43 12.33
C GLU J 169 8.00 -41.46 11.89
N VAL J 170 6.81 -41.64 12.45
CA VAL J 170 5.70 -40.73 12.21
C VAL J 170 5.19 -40.18 13.54
N TYR J 171 5.32 -38.89 13.74
CA TYR J 171 4.87 -38.24 14.97
C TYR J 171 3.51 -37.59 14.76
N THR J 172 2.57 -37.89 15.65
CA THR J 172 1.23 -37.34 15.55
C THR J 172 0.88 -36.47 16.76
N CYS J 173 0.37 -35.27 16.50
CA CYS J 173 -0.14 -34.42 17.55
C CYS J 173 -1.66 -34.49 17.57
N GLN J 174 -2.22 -34.86 18.70
CA GLN J 174 -3.67 -35.02 18.82
C GLN J 174 -4.26 -33.97 19.74
N VAL J 175 -5.31 -33.30 19.27
CA VAL J 175 -5.92 -32.23 20.02
C VAL J 175 -7.40 -32.48 20.31
N GLU J 176 -7.75 -32.44 21.58
CA GLU J 176 -9.14 -32.56 22.00
C GLU J 176 -9.63 -31.26 22.63
N HIS J 177 -10.81 -30.83 22.21
CA HIS J 177 -11.35 -29.54 22.60
C HIS J 177 -12.86 -29.58 22.42
N PRO J 178 -13.61 -28.93 23.33
CA PRO J 178 -15.08 -28.94 23.31
C PRO J 178 -15.72 -28.52 21.98
N SER J 179 -14.94 -27.89 21.09
CA SER J 179 -15.48 -27.42 19.82
C SER J 179 -15.54 -28.51 18.74
N VAL J 180 -14.96 -29.67 19.03
CA VAL J 180 -14.98 -30.78 18.08
C VAL J 180 -15.42 -32.10 18.74
N THR J 181 -16.20 -32.88 18.00
CA THR J 181 -16.75 -34.13 18.53
C THR J 181 -15.76 -35.28 18.41
N SER J 182 -14.77 -35.12 17.54
CA SER J 182 -13.69 -36.08 17.40
C SER J 182 -12.37 -35.33 17.40
N PRO J 183 -11.31 -35.95 17.96
CA PRO J 183 -10.02 -35.24 18.11
C PRO J 183 -9.39 -34.81 16.79
N LEU J 184 -8.62 -33.74 16.83
CA LEU J 184 -7.88 -33.26 15.67
C LEU J 184 -6.46 -33.82 15.71
N THR J 185 -6.00 -34.35 14.57
CA THR J 185 -4.64 -34.87 14.49
C THR J 185 -3.89 -34.31 13.29
N VAL J 186 -2.63 -33.94 13.51
CA VAL J 186 -1.73 -33.54 12.44
C VAL J 186 -0.41 -34.26 12.67
N GLU J 187 0.14 -34.85 11.62
CA GLU J 187 1.38 -35.61 11.80
C GLU J 187 2.61 -35.02 11.12
N TRP J 188 3.77 -35.54 11.52
CA TRP J 188 5.05 -35.11 10.97
C TRP J 188 5.95 -36.34 10.79
N ARG J 189 6.53 -36.47 9.59
CA ARG J 189 7.35 -37.61 9.27
C ARG J 189 8.84 -37.28 9.33
N ALA J 190 9.60 -38.08 10.06
CA ALA J 190 11.03 -37.84 10.25
C ALA J 190 11.83 -38.15 8.99
N GLU K 4 20.00 4.92 47.51
CA GLU K 4 21.29 4.28 47.35
C GLU K 4 21.27 2.80 47.72
N HIS K 5 21.18 2.54 49.02
CA HIS K 5 21.29 1.18 49.53
C HIS K 5 20.21 0.85 50.54
N VAL K 6 19.81 -0.42 50.55
CA VAL K 6 18.84 -0.90 51.52
C VAL K 6 19.33 -2.21 52.13
N ILE K 7 19.34 -2.26 53.46
CA ILE K 7 19.65 -3.51 54.16
C ILE K 7 18.37 -4.01 54.80
N ILE K 8 18.03 -5.27 54.53
CA ILE K 8 16.79 -5.84 55.05
C ILE K 8 17.03 -7.11 55.86
N GLN K 9 16.64 -7.07 57.13
CA GLN K 9 16.57 -8.27 57.95
C GLN K 9 15.17 -8.84 57.79
N ALA K 10 15.07 -9.98 57.11
CA ALA K 10 13.76 -10.57 56.83
C ALA K 10 13.59 -11.93 57.48
N GLU K 11 12.49 -12.09 58.21
CA GLU K 11 12.17 -13.33 58.89
C GLU K 11 10.78 -13.79 58.49
N PHE K 12 10.57 -15.10 58.45
CA PHE K 12 9.22 -15.63 58.32
C PHE K 12 9.01 -16.91 59.11
N TYR K 13 7.75 -17.21 59.40
CA TYR K 13 7.39 -18.50 59.96
C TYR K 13 6.10 -18.99 59.31
N LEU K 14 6.11 -20.25 58.87
CA LEU K 14 4.98 -20.81 58.14
C LEU K 14 4.41 -22.03 58.84
N ASN K 15 3.09 -21.99 59.07
CA ASN K 15 2.38 -23.14 59.58
C ASN K 15 1.50 -23.73 58.48
N PRO K 16 1.24 -25.05 58.52
CA PRO K 16 1.70 -26.01 59.53
C PRO K 16 3.04 -26.63 59.19
N ASP K 17 3.75 -26.05 58.20
CA ASP K 17 5.04 -26.60 57.78
C ASP K 17 6.08 -26.49 58.89
N GLN K 18 5.81 -25.62 59.85
CA GLN K 18 6.73 -25.36 60.96
C GLN K 18 8.10 -24.94 60.43
N SER K 19 8.08 -24.11 59.40
CA SER K 19 9.30 -23.68 58.73
C SER K 19 9.56 -22.20 58.96
N GLY K 20 10.78 -21.88 59.41
CA GLY K 20 11.16 -20.50 59.65
C GLY K 20 12.43 -20.13 58.92
N GLU K 21 12.61 -18.84 58.66
CA GLU K 21 13.82 -18.36 58.00
C GLU K 21 14.29 -17.04 58.60
N PHE K 22 15.60 -16.87 58.69
CA PHE K 22 16.20 -15.63 59.14
C PHE K 22 17.33 -15.29 58.18
N MET K 23 17.26 -14.13 57.55
CA MET K 23 18.26 -13.74 56.57
C MET K 23 18.47 -12.24 56.50
N PHE K 24 19.66 -11.84 56.06
CA PHE K 24 19.95 -10.44 55.78
C PHE K 24 20.10 -10.22 54.28
N ASP K 25 19.58 -9.10 53.80
CA ASP K 25 19.54 -8.81 52.38
C ASP K 25 20.16 -7.44 52.10
N PHE K 26 21.03 -7.39 51.11
CA PHE K 26 21.65 -6.13 50.71
C PHE K 26 21.41 -5.84 49.23
N ASP K 27 20.56 -4.85 48.96
CA ASP K 27 20.21 -4.46 47.60
C ASP K 27 19.72 -5.63 46.75
N GLY K 28 18.99 -6.55 47.36
CA GLY K 28 18.45 -7.69 46.65
C GLY K 28 19.26 -8.97 46.76
N ASP K 29 20.48 -8.85 47.28
CA ASP K 29 21.35 -10.02 47.46
C ASP K 29 21.43 -10.45 48.92
N GLU K 30 21.47 -11.76 49.15
CA GLU K 30 21.59 -12.30 50.50
C GLU K 30 23.00 -12.09 51.03
N ILE K 31 23.10 -11.51 52.22
CA ILE K 31 24.39 -11.39 52.90
C ILE K 31 24.67 -12.68 53.64
N PHE K 32 23.66 -13.15 54.39
CA PHE K 32 23.74 -14.42 55.08
C PHE K 32 22.35 -14.85 55.52
N HIS K 33 22.22 -16.12 55.86
CA HIS K 33 21.03 -16.61 56.54
C HIS K 33 21.47 -17.52 57.68
N VAL K 34 20.52 -17.90 58.53
CA VAL K 34 20.84 -18.77 59.66
C VAL K 34 20.17 -20.12 59.50
N ASP K 35 20.99 -21.17 59.45
CA ASP K 35 20.46 -22.53 59.32
C ASP K 35 19.75 -22.93 60.61
N MET K 36 18.46 -23.20 60.49
CA MET K 36 17.63 -23.49 61.66
C MET K 36 17.91 -24.86 62.27
N ALA K 37 18.26 -25.82 61.41
CA ALA K 37 18.52 -27.18 61.87
C ALA K 37 19.94 -27.32 62.42
N LYS K 38 20.89 -26.64 61.78
CA LYS K 38 22.29 -26.71 62.20
C LYS K 38 22.61 -25.67 63.27
N LYS K 39 21.70 -24.70 63.42
CA LYS K 39 21.88 -23.59 64.36
C LYS K 39 23.20 -22.86 64.12
N GLU K 40 23.45 -22.52 62.86
CA GLU K 40 24.70 -21.85 62.48
C GLU K 40 24.47 -20.75 61.45
N THR K 41 25.40 -19.80 61.40
CA THR K 41 25.33 -18.68 60.46
C THR K 41 25.98 -19.05 59.13
N VAL K 42 25.21 -18.94 58.05
CA VAL K 42 25.69 -19.32 56.73
C VAL K 42 25.85 -18.10 55.82
N TRP K 43 27.08 -17.65 55.65
CA TRP K 43 27.37 -16.52 54.79
C TRP K 43 27.21 -16.91 53.32
N ARG K 44 26.53 -16.07 52.55
CA ARG K 44 26.25 -16.35 51.14
C ARG K 44 27.54 -16.57 50.36
N LEU K 45 28.50 -15.69 50.57
CA LEU K 45 29.86 -15.88 50.09
C LEU K 45 30.74 -16.18 51.30
N GLU K 46 31.63 -17.15 51.15
CA GLU K 46 32.50 -17.56 52.26
C GLU K 46 33.36 -16.41 52.78
N GLU K 47 33.75 -15.51 51.88
CA GLU K 47 34.63 -14.40 52.22
C GLU K 47 33.99 -13.40 53.19
N PHE K 48 32.66 -13.40 53.24
CA PHE K 48 31.94 -12.45 54.08
C PHE K 48 32.27 -12.64 55.56
N GLY K 49 32.46 -13.89 55.97
CA GLY K 49 32.75 -14.22 57.35
C GLY K 49 34.10 -13.74 57.85
N ARG K 50 34.94 -13.27 56.92
CA ARG K 50 36.26 -12.76 57.27
C ARG K 50 36.20 -11.29 57.71
N PHE K 51 35.03 -10.68 57.52
CA PHE K 51 34.87 -9.26 57.81
C PHE K 51 33.73 -9.00 58.80
N ALA K 52 32.89 -10.01 59.01
CA ALA K 52 31.74 -9.84 59.90
C ALA K 52 31.38 -11.14 60.62
N SER K 53 30.53 -11.02 61.63
CA SER K 53 30.11 -12.17 62.42
C SER K 53 28.65 -12.02 62.88
N PHE K 54 28.02 -13.15 63.18
CA PHE K 54 26.66 -13.14 63.71
C PHE K 54 26.40 -14.38 64.57
N GLU K 55 25.92 -14.16 65.78
CA GLU K 55 25.56 -15.25 66.66
C GLU K 55 24.21 -15.83 66.22
N ALA K 56 24.23 -17.07 65.76
CA ALA K 56 23.03 -17.73 65.23
C ALA K 56 21.95 -17.93 66.29
N GLN K 57 22.33 -17.93 67.56
CA GLN K 57 21.39 -18.11 68.66
C GLN K 57 20.38 -16.98 68.75
N GLY K 58 20.80 -15.78 68.37
CA GLY K 58 19.91 -14.63 68.37
C GLY K 58 18.77 -14.81 67.40
N ALA K 59 19.07 -15.40 66.24
CA ALA K 59 18.09 -15.62 65.19
C ALA K 59 17.04 -16.65 65.60
N LEU K 60 17.47 -17.67 66.34
CA LEU K 60 16.56 -18.71 66.81
C LEU K 60 15.51 -18.14 67.75
N ALA K 61 15.94 -17.21 68.60
CA ALA K 61 15.04 -16.58 69.55
C ALA K 61 14.03 -15.68 68.84
N ASN K 62 14.47 -15.06 67.74
CA ASN K 62 13.57 -14.29 66.90
C ASN K 62 12.49 -15.16 66.27
N ILE K 63 12.90 -16.34 65.80
CA ILE K 63 12.00 -17.28 65.16
C ILE K 63 10.93 -17.79 66.13
N ALA K 64 11.34 -18.03 67.38
CA ALA K 64 10.41 -18.46 68.41
C ALA K 64 9.35 -17.40 68.68
N VAL K 65 9.76 -16.14 68.64
CA VAL K 65 8.84 -15.02 68.80
C VAL K 65 7.92 -14.91 67.59
N ASP K 66 8.48 -15.11 66.40
CA ASP K 66 7.71 -15.06 65.17
C ASP K 66 6.64 -16.16 65.15
N LYS K 67 7.04 -17.35 65.57
CA LYS K 67 6.12 -18.48 65.66
C LYS K 67 4.98 -18.17 66.61
N ALA K 68 5.31 -17.64 67.78
CA ALA K 68 4.31 -17.26 68.77
C ALA K 68 3.37 -16.18 68.24
N ASN K 69 3.93 -15.23 67.52
CA ASN K 69 3.14 -14.16 66.93
C ASN K 69 2.23 -14.64 65.82
N LEU K 70 2.71 -15.59 65.01
CA LEU K 70 1.92 -16.14 63.92
C LEU K 70 0.62 -16.76 64.43
N GLU K 71 0.71 -17.46 65.55
CA GLU K 71 -0.45 -18.12 66.14
C GLU K 71 -1.44 -17.11 66.72
N ILE K 72 -0.91 -16.02 67.29
CA ILE K 72 -1.75 -14.95 67.79
C ILE K 72 -2.49 -14.25 66.66
N MET K 73 -1.78 -14.00 65.56
CA MET K 73 -2.38 -13.36 64.40
C MET K 73 -3.36 -14.27 63.68
N THR K 74 -3.03 -15.56 63.60
CA THR K 74 -3.88 -16.54 62.93
C THR K 74 -5.24 -16.62 63.60
N LYS K 75 -5.25 -16.67 64.93
CA LYS K 75 -6.49 -16.69 65.69
C LYS K 75 -7.27 -15.39 65.50
N ARG K 76 -6.54 -14.28 65.49
CA ARG K 76 -7.14 -12.96 65.34
C ARG K 76 -7.78 -12.81 63.96
N SER K 77 -7.24 -13.52 62.97
CA SER K 77 -7.74 -13.45 61.61
C SER K 77 -8.85 -14.46 61.36
N ASN K 78 -9.25 -15.17 62.41
CA ASN K 78 -10.18 -16.28 62.31
C ASN K 78 -9.68 -17.35 61.35
N TYR K 79 -8.37 -17.58 61.39
CA TYR K 79 -7.70 -18.58 60.57
C TYR K 79 -7.96 -18.42 59.08
N THR K 80 -7.67 -17.21 58.58
CA THR K 80 -7.72 -16.95 57.15
C THR K 80 -6.41 -17.42 56.52
N PRO K 81 -6.49 -18.46 55.68
CA PRO K 81 -5.30 -19.01 55.04
C PRO K 81 -4.74 -18.07 53.97
N ILE K 82 -3.44 -18.19 53.70
CA ILE K 82 -2.81 -17.40 52.66
C ILE K 82 -3.36 -17.82 51.30
N THR K 83 -3.35 -16.90 50.34
CA THR K 83 -3.75 -17.21 48.98
C THR K 83 -2.54 -17.59 48.13
N ASN K 84 -2.58 -18.79 47.57
CA ASN K 84 -1.49 -19.28 46.72
C ASN K 84 -1.25 -18.38 45.51
N VAL K 85 -0.02 -17.90 45.38
CA VAL K 85 0.39 -17.18 44.17
C VAL K 85 1.46 -18.00 43.46
N PRO K 86 1.15 -18.49 42.25
CA PRO K 86 2.12 -19.29 41.49
C PRO K 86 3.29 -18.44 41.02
N PRO K 87 4.47 -19.05 40.90
CA PRO K 87 5.70 -18.33 40.54
C PRO K 87 5.91 -18.20 39.03
N GLU K 88 6.64 -17.15 38.64
CA GLU K 88 7.19 -17.08 37.30
C GLU K 88 8.51 -17.83 37.33
N VAL K 89 8.85 -18.50 36.24
CA VAL K 89 10.08 -19.26 36.19
C VAL K 89 10.89 -18.95 34.95
N THR K 90 12.16 -18.61 35.14
CA THR K 90 13.05 -18.31 34.03
C THR K 90 14.32 -19.14 34.15
N VAL K 91 14.76 -19.70 33.01
CA VAL K 91 15.98 -20.48 32.98
C VAL K 91 17.03 -19.82 32.08
N LEU K 92 18.17 -19.48 32.66
CA LEU K 92 19.28 -18.88 31.91
C LEU K 92 20.62 -19.46 32.34
N THR K 93 21.64 -19.21 31.54
CA THR K 93 23.02 -19.48 31.93
C THR K 93 23.60 -18.21 32.52
N ASN K 94 24.63 -18.33 33.37
CA ASN K 94 25.24 -17.15 33.98
C ASN K 94 26.39 -16.57 33.15
N SER K 95 26.71 -17.22 32.05
CA SER K 95 27.75 -16.75 31.13
C SER K 95 27.49 -17.30 29.73
N PRO K 96 28.02 -16.61 28.70
CA PRO K 96 27.88 -17.08 27.31
C PRO K 96 28.34 -18.52 27.14
N VAL K 97 27.56 -19.30 26.40
CA VAL K 97 27.76 -20.75 26.32
C VAL K 97 28.82 -21.15 25.28
N GLU K 98 29.74 -22.01 25.71
CA GLU K 98 30.73 -22.60 24.81
C GLU K 98 30.85 -24.10 25.08
N LEU K 99 31.20 -24.86 24.04
CA LEU K 99 31.29 -26.33 24.13
C LEU K 99 32.23 -26.82 25.21
N ARG K 100 31.72 -27.71 26.06
CA ARG K 100 32.51 -28.34 27.13
C ARG K 100 33.31 -27.33 27.97
N GLU K 101 32.75 -26.14 28.16
CA GLU K 101 33.31 -25.14 29.05
C GLU K 101 32.34 -24.91 30.20
N PRO K 102 32.76 -25.23 31.43
CA PRO K 102 31.93 -25.16 32.64
C PRO K 102 31.06 -23.92 32.71
N ASN K 103 29.75 -24.13 32.87
CA ASN K 103 28.79 -23.05 32.96
C ASN K 103 27.76 -23.40 34.03
N VAL K 104 26.82 -22.49 34.28
CA VAL K 104 25.80 -22.73 35.29
C VAL K 104 24.40 -22.38 34.78
N LEU K 105 23.49 -23.35 34.84
CA LEU K 105 22.09 -23.11 34.51
C LEU K 105 21.35 -22.55 35.73
N ILE K 106 20.71 -21.41 35.55
CA ILE K 106 20.00 -20.75 36.65
C ILE K 106 18.48 -20.86 36.49
N CYS K 107 17.83 -21.48 37.47
CA CYS K 107 16.37 -21.52 37.50
C CYS K 107 15.87 -20.43 38.45
N PHE K 108 15.53 -19.28 37.89
CA PHE K 108 15.07 -18.14 38.68
C PHE K 108 13.56 -18.21 38.93
N ILE K 109 13.19 -18.43 40.18
CA ILE K 109 11.80 -18.56 40.58
C ILE K 109 11.37 -17.31 41.33
N ASP K 110 10.28 -16.66 40.87
CA ASP K 110 9.96 -15.33 41.35
C ASP K 110 8.46 -15.07 41.55
N LYS K 111 8.17 -14.13 42.45
CA LYS K 111 6.81 -13.62 42.69
C LYS K 111 5.82 -14.70 43.14
N PHE K 112 6.23 -15.51 44.11
CA PHE K 112 5.36 -16.56 44.62
C PHE K 112 5.23 -16.55 46.13
N THR K 113 4.19 -17.22 46.61
CA THR K 113 3.95 -17.40 48.03
C THR K 113 2.86 -18.46 48.17
N PRO K 114 2.90 -19.27 49.25
CA PRO K 114 3.84 -19.30 50.37
C PRO K 114 5.23 -19.77 49.96
N PRO K 115 6.25 -19.54 50.82
CA PRO K 115 7.61 -19.98 50.48
C PRO K 115 7.78 -21.49 50.61
N VAL K 116 7.07 -22.23 49.77
CA VAL K 116 7.27 -23.67 49.66
C VAL K 116 7.32 -24.03 48.18
N VAL K 117 8.40 -24.67 47.76
CA VAL K 117 8.58 -25.00 46.36
C VAL K 117 9.34 -26.32 46.20
N ASN K 118 9.07 -27.01 45.10
CA ASN K 118 9.80 -28.23 44.78
C ASN K 118 10.34 -28.15 43.35
N VAL K 119 11.66 -28.07 43.23
CA VAL K 119 12.27 -27.91 41.91
C VAL K 119 13.18 -29.10 41.57
N THR K 120 13.19 -29.46 40.28
CA THR K 120 13.85 -30.65 39.81
C THR K 120 14.46 -30.41 38.43
N TRP K 121 15.77 -30.59 38.32
CA TRP K 121 16.44 -30.43 37.04
C TRP K 121 16.35 -31.72 36.23
N LEU K 122 15.93 -31.60 34.97
CA LEU K 122 15.82 -32.74 34.09
C LEU K 122 16.81 -32.62 32.93
N ARG K 123 17.71 -33.59 32.80
CA ARG K 123 18.57 -33.65 31.63
C ARG K 123 18.16 -34.83 30.75
N ASN K 124 17.81 -34.52 29.50
CA ASN K 124 17.31 -35.53 28.56
C ASN K 124 16.15 -36.34 29.15
N GLY K 125 15.31 -35.67 29.94
CA GLY K 125 14.14 -36.31 30.51
C GLY K 125 14.35 -37.01 31.85
N LYS K 126 15.59 -37.07 32.32
CA LYS K 126 15.86 -37.69 33.62
C LYS K 126 16.57 -36.74 34.61
N PRO K 127 16.19 -36.82 35.89
CA PRO K 127 16.63 -35.89 36.95
C PRO K 127 18.14 -35.85 37.18
N VAL K 128 18.64 -34.66 37.53
CA VAL K 128 20.05 -34.46 37.85
C VAL K 128 20.16 -33.95 39.28
N THR K 129 21.21 -34.38 39.99
CA THR K 129 21.44 -33.91 41.36
C THR K 129 22.90 -33.56 41.63
N THR K 130 23.78 -33.86 40.68
CA THR K 130 25.20 -33.59 40.87
C THR K 130 25.51 -32.09 40.81
N GLY K 131 26.10 -31.57 41.87
CA GLY K 131 26.55 -30.20 41.91
C GLY K 131 25.46 -29.16 42.10
N VAL K 132 24.21 -29.60 42.19
CA VAL K 132 23.10 -28.67 42.37
C VAL K 132 23.16 -27.95 43.70
N SER K 133 22.78 -26.67 43.67
CA SER K 133 22.69 -25.88 44.88
C SER K 133 21.46 -24.99 44.78
N GLU K 134 21.07 -24.39 45.91
CA GLU K 134 19.93 -23.51 45.93
C GLU K 134 20.09 -22.45 47.00
N THR K 135 19.41 -21.33 46.83
CA THR K 135 19.39 -20.29 47.85
C THR K 135 18.16 -20.48 48.70
N VAL K 136 18.07 -19.72 49.79
CA VAL K 136 16.85 -19.68 50.58
C VAL K 136 15.88 -18.73 49.88
N PHE K 137 14.73 -18.49 50.50
CA PHE K 137 13.74 -17.60 49.91
C PHE K 137 14.11 -16.14 50.12
N LEU K 138 14.24 -15.40 49.02
CA LEU K 138 14.58 -13.99 49.09
C LEU K 138 13.31 -13.15 49.13
N PRO K 139 13.28 -12.12 49.98
CA PRO K 139 12.07 -11.31 50.17
C PRO K 139 11.83 -10.33 49.02
N ARG K 140 10.58 -9.90 48.86
CA ARG K 140 10.22 -8.90 47.87
C ARG K 140 9.45 -7.75 48.53
N GLU K 141 9.41 -6.61 47.85
CA GLU K 141 8.68 -5.45 48.35
C GLU K 141 7.18 -5.71 48.44
N ASP K 142 6.68 -6.62 47.62
CA ASP K 142 5.27 -6.98 47.63
C ASP K 142 4.99 -8.19 48.51
N HIS K 143 6.00 -8.57 49.29
CA HIS K 143 5.90 -9.66 50.27
C HIS K 143 5.70 -11.05 49.64
N LEU K 144 5.99 -11.15 48.35
CA LEU K 144 6.12 -12.44 47.69
C LEU K 144 7.57 -12.87 47.86
N PHE K 145 7.98 -13.94 47.18
CA PHE K 145 9.33 -14.46 47.37
C PHE K 145 10.11 -14.72 46.08
N ARG K 146 11.44 -14.70 46.21
CA ARG K 146 12.36 -15.04 45.12
C ARG K 146 13.21 -16.23 45.53
N LYS K 147 13.63 -17.04 44.55
CA LYS K 147 14.48 -18.19 44.83
C LYS K 147 15.32 -18.57 43.62
N PHE K 148 16.54 -19.05 43.87
CA PHE K 148 17.44 -19.46 42.80
C PHE K 148 17.81 -20.92 42.96
N HIS K 149 17.79 -21.67 41.85
CA HIS K 149 18.33 -23.01 41.83
C HIS K 149 19.39 -23.12 40.73
N TYR K 150 20.53 -23.69 41.09
CA TYR K 150 21.67 -23.74 40.18
C TYR K 150 22.04 -25.16 39.78
N LEU K 151 22.54 -25.31 38.56
CA LEU K 151 23.04 -26.58 38.05
C LEU K 151 24.26 -26.33 37.19
N PRO K 152 25.46 -26.65 37.71
CA PRO K 152 26.71 -26.58 36.94
C PRO K 152 26.68 -27.64 35.85
N PHE K 153 27.20 -27.31 34.67
CA PHE K 153 27.11 -28.25 33.55
C PHE K 153 28.14 -27.99 32.46
N LEU K 154 28.44 -29.03 31.70
CA LEU K 154 29.31 -28.92 30.54
C LEU K 154 28.45 -28.88 29.28
N PRO K 155 28.38 -27.71 28.63
CA PRO K 155 27.58 -27.49 27.43
C PRO K 155 27.92 -28.47 26.31
N SER K 156 26.89 -29.02 25.69
CA SER K 156 27.06 -29.94 24.57
C SER K 156 25.81 -29.94 23.72
N THR K 157 25.98 -30.12 22.42
CA THR K 157 24.87 -30.08 21.48
C THR K 157 24.06 -31.37 21.49
N GLU K 158 24.31 -32.24 22.47
CA GLU K 158 23.58 -33.50 22.58
C GLU K 158 22.66 -33.52 23.80
N ASP K 159 22.72 -32.46 24.61
CA ASP K 159 21.94 -32.42 25.85
C ASP K 159 20.85 -31.35 25.85
N VAL K 160 19.68 -31.72 26.37
CA VAL K 160 18.60 -30.77 26.59
C VAL K 160 18.29 -30.70 28.09
N TYR K 161 17.75 -29.57 28.53
CA TYR K 161 17.47 -29.37 29.95
C TYR K 161 16.08 -28.79 30.20
N ASP K 162 15.50 -29.16 31.34
CA ASP K 162 14.26 -28.55 31.79
C ASP K 162 14.30 -28.35 33.30
N CYS K 163 13.84 -27.20 33.76
CA CYS K 163 13.65 -26.96 35.18
C CYS K 163 12.19 -27.20 35.50
N ARG K 164 11.93 -28.19 36.35
CA ARG K 164 10.56 -28.51 36.73
C ARG K 164 10.23 -27.92 38.10
N VAL K 165 9.28 -26.99 38.13
CA VAL K 165 8.94 -26.29 39.37
C VAL K 165 7.55 -26.66 39.87
N GLU K 166 7.48 -27.12 41.12
CA GLU K 166 6.21 -27.46 41.75
C GLU K 166 5.84 -26.46 42.84
N HIS K 167 4.61 -25.96 42.78
CA HIS K 167 4.12 -24.98 43.74
C HIS K 167 2.61 -25.09 43.85
N TRP K 168 2.07 -24.90 45.05
CA TRP K 168 0.64 -25.11 45.30
C TRP K 168 -0.28 -24.22 44.47
N GLY K 169 0.26 -23.15 43.91
CA GLY K 169 -0.51 -22.24 43.09
C GLY K 169 -0.56 -22.63 41.62
N LEU K 170 0.14 -23.71 41.29
CA LEU K 170 0.17 -24.20 39.91
C LEU K 170 -0.75 -25.39 39.72
N ASP K 171 -1.47 -25.42 38.60
CA ASP K 171 -2.36 -26.53 38.28
C ASP K 171 -1.56 -27.81 38.04
N GLU K 172 -0.44 -27.67 37.34
CA GLU K 172 0.44 -28.79 37.04
C GLU K 172 1.89 -28.30 37.07
N PRO K 173 2.85 -29.21 37.29
CA PRO K 173 4.27 -28.88 37.31
C PRO K 173 4.70 -28.00 36.14
N LEU K 174 5.42 -26.93 36.44
CA LEU K 174 5.88 -25.98 35.44
C LEU K 174 7.25 -26.36 34.90
N LEU K 175 7.34 -26.54 33.59
CA LEU K 175 8.61 -26.90 32.93
C LEU K 175 9.14 -25.76 32.07
N LYS K 176 10.37 -25.33 32.35
CA LYS K 176 11.04 -24.35 31.50
C LYS K 176 12.24 -25.01 30.81
N HIS K 177 12.22 -24.99 29.49
CA HIS K 177 13.20 -25.72 28.68
C HIS K 177 14.42 -24.87 28.33
N TRP K 178 15.57 -25.51 28.27
CA TRP K 178 16.78 -24.88 27.77
C TRP K 178 17.66 -25.89 27.06
N GLU K 179 18.21 -25.48 25.92
CA GLU K 179 19.18 -26.28 25.20
C GLU K 179 20.13 -25.35 24.45
N PHE K 180 21.35 -25.80 24.23
CA PHE K 180 22.33 -25.00 23.53
C PHE K 180 22.27 -25.24 22.03
N ASP K 181 21.81 -24.24 21.28
CA ASP K 181 21.69 -24.36 19.82
C ASP K 181 22.28 -23.18 19.05
N ALA K 182 23.35 -23.42 18.30
CA ALA K 182 24.01 -24.72 18.27
C ALA K 182 25.51 -24.54 18.06
N ASP L 2 -1.30 -32.55 49.72
CA ASP L 2 -1.30 -32.03 51.07
C ASP L 2 -2.62 -31.33 51.38
N THR L 3 -2.86 -30.21 50.70
CA THR L 3 -4.11 -29.44 50.78
C THR L 3 -4.35 -28.56 52.03
N ARG L 4 -3.72 -28.88 53.15
CA ARG L 4 -3.91 -28.10 54.38
C ARG L 4 -3.63 -26.61 54.16
N PRO L 5 -4.38 -25.74 54.85
CA PRO L 5 -4.19 -24.30 54.65
C PRO L 5 -2.89 -23.82 55.28
N ARG L 6 -2.19 -22.90 54.61
CA ARG L 6 -0.96 -22.34 55.17
C ARG L 6 -1.25 -21.00 55.84
N PHE L 7 -0.48 -20.69 56.88
CA PHE L 7 -0.58 -19.40 57.55
C PHE L 7 0.82 -18.80 57.67
N LEU L 8 1.02 -17.64 57.04
CA LEU L 8 2.35 -17.06 56.94
C LEU L 8 2.48 -15.74 57.69
N TRP L 9 3.58 -15.63 58.44
CA TRP L 9 3.90 -14.40 59.17
C TRP L 9 5.31 -13.95 58.80
N GLN L 10 5.42 -12.72 58.30
CA GLN L 10 6.73 -12.17 57.95
C GLN L 10 7.05 -10.94 58.80
N LEU L 11 8.30 -10.85 59.24
CA LEU L 11 8.79 -9.68 59.94
C LEU L 11 9.98 -9.11 59.19
N LYS L 12 9.90 -7.83 58.81
CA LYS L 12 10.95 -7.21 58.02
C LYS L 12 11.46 -5.92 58.65
N PHE L 13 12.78 -5.81 58.77
CA PHE L 13 13.43 -4.57 59.19
C PHE L 13 14.22 -4.02 58.02
N GLU L 14 13.79 -2.86 57.52
CA GLU L 14 14.43 -2.25 56.35
C GLU L 14 15.21 -1.00 56.75
N CYS L 15 16.52 -1.02 56.51
CA CYS L 15 17.35 0.15 56.73
C CYS L 15 17.66 0.82 55.39
N HIS L 16 17.18 2.05 55.23
CA HIS L 16 17.40 2.80 53.99
C HIS L 16 18.48 3.85 54.17
N PHE L 17 19.39 3.94 53.20
CA PHE L 17 20.56 4.81 53.31
C PHE L 17 20.64 5.82 52.18
N PHE L 18 20.80 7.09 52.54
CA PHE L 18 20.89 8.18 51.58
C PHE L 18 22.20 8.94 51.82
N ASN L 19 22.94 9.21 50.73
CA ASN L 19 24.27 9.82 50.83
C ASN L 19 25.19 9.05 51.79
N GLY L 20 25.27 7.74 51.58
CA GLY L 20 25.99 6.88 52.50
C GLY L 20 25.21 6.70 53.79
N THR L 21 25.62 7.41 54.83
CA THR L 21 24.95 7.30 56.13
C THR L 21 24.42 8.64 56.65
N GLU L 22 24.38 9.65 55.79
CA GLU L 22 23.89 10.97 56.17
C GLU L 22 22.42 10.91 56.59
N ARG L 23 21.62 10.21 55.79
CA ARG L 23 20.19 10.06 56.09
C ARG L 23 19.82 8.58 56.16
N VAL L 24 19.34 8.17 57.32
CA VAL L 24 18.94 6.78 57.55
C VAL L 24 17.47 6.71 57.93
N ARG L 25 16.74 5.77 57.33
CA ARG L 25 15.34 5.57 57.64
C ARG L 25 15.05 4.11 57.94
N LEU L 26 14.52 3.85 59.12
CA LEU L 26 14.19 2.50 59.53
C LEU L 26 12.71 2.19 59.38
N LEU L 27 12.41 1.11 58.68
CA LEU L 27 11.05 0.61 58.52
C LEU L 27 10.93 -0.80 59.08
N GLU L 28 10.09 -0.97 60.10
CA GLU L 28 9.74 -2.30 60.55
C GLU L 28 8.36 -2.64 60.01
N ARG L 29 8.22 -3.80 59.38
CA ARG L 29 6.94 -4.23 58.84
C ARG L 29 6.55 -5.60 59.37
N CYS L 30 5.28 -5.74 59.75
CA CYS L 30 4.71 -7.02 60.11
C CYS L 30 3.72 -7.41 59.02
N ILE L 31 3.90 -8.58 58.42
CA ILE L 31 3.03 -9.01 57.33
C ILE L 31 2.38 -10.36 57.60
N TYR L 32 1.05 -10.38 57.64
CA TYR L 32 0.32 -11.63 57.76
C TYR L 32 -0.13 -12.10 56.38
N ASN L 33 0.23 -13.33 56.03
CA ASN L 33 0.03 -13.85 54.68
C ASN L 33 0.67 -12.95 53.63
N GLN L 34 -0.16 -12.23 52.88
CA GLN L 34 0.38 -11.24 51.93
C GLN L 34 -0.11 -9.84 52.28
N GLU L 35 -0.63 -9.68 53.49
CA GLU L 35 -1.14 -8.39 53.94
C GLU L 35 -0.33 -7.83 55.10
N GLU L 36 0.29 -6.67 54.89
CA GLU L 36 1.01 -5.97 55.95
C GLU L 36 0.01 -5.41 56.94
N SER L 37 0.21 -5.72 58.23
CA SER L 37 -0.77 -5.38 59.25
C SER L 37 -0.42 -4.13 60.05
N VAL L 38 0.86 -3.99 60.41
CA VAL L 38 1.29 -2.87 61.22
C VAL L 38 2.78 -2.58 60.93
N ARG L 39 3.16 -1.32 60.99
CA ARG L 39 4.54 -0.96 60.71
C ARG L 39 5.07 0.20 61.55
N PHE L 40 6.39 0.20 61.75
CA PHE L 40 7.07 1.34 62.37
C PHE L 40 7.90 2.06 61.33
N ASP L 41 7.69 3.36 61.21
CA ASP L 41 8.48 4.19 60.33
C ASP L 41 9.22 5.23 61.17
N SER L 42 10.55 5.23 61.10
CA SER L 42 11.36 6.14 61.90
C SER L 42 11.09 7.59 61.53
N ASP L 43 10.61 7.81 60.30
CA ASP L 43 10.18 9.13 59.87
C ASP L 43 8.91 9.56 60.60
N VAL L 44 8.18 8.58 61.13
CA VAL L 44 6.92 8.86 61.84
C VAL L 44 7.13 8.87 63.35
N GLY L 45 7.83 7.87 63.87
CA GLY L 45 8.20 7.84 65.27
C GLY L 45 7.39 6.87 66.12
N GLU L 46 6.36 6.29 65.52
CA GLU L 46 5.51 5.36 66.25
C GLU L 46 4.87 4.34 65.30
N TYR L 47 4.25 3.32 65.88
CA TYR L 47 3.58 2.29 65.08
C TYR L 47 2.26 2.81 64.53
N ARG L 48 1.98 2.44 63.28
CA ARG L 48 0.70 2.77 62.66
C ARG L 48 0.06 1.49 62.11
N ALA L 49 -1.22 1.31 62.39
CA ALA L 49 -1.95 0.16 61.87
C ALA L 49 -2.15 0.33 60.37
N VAL L 50 -1.93 -0.74 59.62
CA VAL L 50 -2.15 -0.73 58.18
C VAL L 50 -3.48 -1.39 57.84
N THR L 51 -3.77 -2.49 58.54
CA THR L 51 -5.07 -3.13 58.44
C THR L 51 -5.70 -3.23 59.82
N GLU L 52 -6.97 -3.63 59.88
CA GLU L 52 -7.70 -3.76 61.14
C GLU L 52 -7.04 -4.74 62.10
N LEU L 53 -6.40 -5.77 61.55
CA LEU L 53 -5.76 -6.80 62.35
C LEU L 53 -4.52 -6.28 63.09
N GLY L 54 -3.94 -5.20 62.60
CA GLY L 54 -2.72 -4.65 63.17
C GLY L 54 -2.95 -3.60 64.24
N ARG L 55 -4.20 -3.18 64.36
CA ARG L 55 -4.64 -2.21 65.35
C ARG L 55 -4.23 -2.53 66.79
N PRO L 56 -4.59 -3.73 67.31
CA PRO L 56 -4.25 -3.98 68.71
C PRO L 56 -2.75 -3.93 68.98
N ASP L 57 -1.95 -4.32 68.00
CA ASP L 57 -0.51 -4.31 68.13
C ASP L 57 0.05 -2.89 68.16
N ALA L 58 -0.45 -2.04 67.27
CA ALA L 58 -0.02 -0.65 67.22
C ALA L 58 -0.38 0.08 68.50
N GLU L 59 -1.62 -0.12 68.96
CA GLU L 59 -2.08 0.51 70.19
C GLU L 59 -1.28 0.01 71.40
N TYR L 60 -1.08 -1.29 71.48
CA TYR L 60 -0.35 -1.91 72.59
C TYR L 60 1.13 -1.50 72.64
N TRP L 61 1.77 -1.45 71.48
CA TRP L 61 3.19 -1.10 71.41
C TRP L 61 3.42 0.40 71.64
N ASN L 62 2.44 1.22 71.24
CA ASN L 62 2.54 2.66 71.43
C ASN L 62 2.32 3.09 72.88
N SER L 63 1.94 2.15 73.73
CA SER L 63 1.78 2.43 75.15
C SER L 63 3.09 2.21 75.88
N GLN L 64 3.97 1.41 75.28
CA GLN L 64 5.29 1.16 75.84
C GLN L 64 6.27 2.23 75.39
N LYS L 65 6.64 3.12 76.31
CA LYS L 65 7.58 4.18 76.01
C LYS L 65 8.96 3.60 75.68
N ASP L 66 9.32 2.52 76.38
CA ASP L 66 10.60 1.87 76.18
C ASP L 66 10.72 1.21 74.81
N LEU L 67 9.61 0.65 74.32
CA LEU L 67 9.60 -0.04 73.05
C LEU L 67 9.74 0.93 71.87
N LEU L 68 9.10 2.09 71.99
CA LEU L 68 9.18 3.10 70.93
C LEU L 68 10.57 3.74 70.86
N GLU L 69 11.17 4.00 72.01
CA GLU L 69 12.48 4.64 72.09
C GLU L 69 13.58 3.78 71.48
N GLN L 70 13.52 2.48 71.75
CA GLN L 70 14.51 1.56 71.20
C GLN L 70 14.46 1.58 69.68
N ARG L 71 13.25 1.48 69.14
CA ARG L 71 13.03 1.52 67.69
C ARG L 71 13.48 2.86 67.10
N ARG L 72 13.22 3.94 67.83
CA ARG L 72 13.63 5.27 67.39
C ARG L 72 15.15 5.40 67.38
N ALA L 73 15.80 4.75 68.34
CA ALA L 73 17.25 4.81 68.46
C ALA L 73 17.94 3.80 67.54
N ALA L 74 17.14 2.94 66.90
CA ALA L 74 17.68 1.85 66.10
C ALA L 74 18.38 2.33 64.82
N VAL L 75 18.05 3.54 64.37
CA VAL L 75 18.73 4.10 63.21
C VAL L 75 20.24 4.26 63.47
N ASP L 76 20.60 4.43 64.73
CA ASP L 76 22.00 4.56 65.12
C ASP L 76 22.59 3.23 65.62
N THR L 77 21.88 2.60 66.55
CA THR L 77 22.38 1.39 67.21
C THR L 77 22.34 0.15 66.31
N TYR L 78 21.56 0.22 65.24
CA TYR L 78 21.30 -0.94 64.41
C TYR L 78 21.61 -0.70 62.94
N CYS L 79 20.95 0.30 62.35
CA CYS L 79 21.13 0.60 60.93
C CYS L 79 22.53 1.13 60.63
N ARG L 80 22.92 2.19 61.31
CA ARG L 80 24.22 2.81 61.07
C ARG L 80 25.38 1.89 61.45
N HIS L 81 25.19 1.09 62.48
CA HIS L 81 26.21 0.14 62.89
C HIS L 81 26.40 -0.97 61.86
N ASN L 82 25.28 -1.54 61.39
CA ASN L 82 25.34 -2.61 60.40
C ASN L 82 25.85 -2.14 59.04
N TYR L 83 25.62 -0.87 58.73
CA TYR L 83 26.15 -0.27 57.51
C TYR L 83 27.67 -0.26 57.57
N GLY L 84 28.21 0.02 58.76
CA GLY L 84 29.65 0.05 58.95
C GLY L 84 30.27 -1.33 58.95
N VAL L 85 29.55 -2.30 59.51
CA VAL L 85 30.04 -3.68 59.58
C VAL L 85 30.25 -4.29 58.21
N GLY L 86 29.30 -4.08 57.31
CA GLY L 86 29.33 -4.74 56.01
C GLY L 86 29.78 -3.90 54.84
N GLU L 87 30.22 -2.66 55.11
CA GLU L 87 30.55 -1.72 54.03
C GLU L 87 31.67 -2.21 53.11
N SER L 88 32.72 -2.80 53.70
CA SER L 88 33.90 -3.19 52.93
C SER L 88 33.61 -4.30 51.92
N PHE L 89 32.66 -5.18 52.24
CA PHE L 89 32.37 -6.32 51.37
C PHE L 89 31.01 -6.25 50.67
N THR L 90 30.30 -5.14 50.83
CA THR L 90 29.01 -4.97 50.16
C THR L 90 28.98 -3.66 49.36
N VAL L 91 28.96 -2.55 50.07
CA VAL L 91 28.90 -1.23 49.44
C VAL L 91 30.15 -0.97 48.58
N GLN L 92 31.28 -1.52 48.98
CA GLN L 92 32.52 -1.31 48.25
C GLN L 92 32.99 -2.55 47.47
N ARG L 93 32.15 -3.57 47.43
CA ARG L 93 32.42 -4.75 46.61
C ARG L 93 32.45 -4.39 45.13
N ARG L 94 33.50 -4.81 44.44
CA ARG L 94 33.64 -4.50 43.02
C ARG L 94 34.18 -5.67 42.22
N VAL L 95 33.35 -6.18 41.31
CA VAL L 95 33.74 -7.28 40.44
C VAL L 95 33.61 -6.87 38.97
N GLU L 96 34.68 -7.05 38.21
CA GLU L 96 34.75 -6.61 36.82
C GLU L 96 33.94 -7.48 35.87
N PRO L 97 33.19 -6.84 34.96
CA PRO L 97 32.38 -7.56 33.97
C PRO L 97 33.20 -8.21 32.86
N LYS L 98 32.83 -9.42 32.47
CA LYS L 98 33.40 -10.04 31.29
C LYS L 98 32.55 -9.66 30.09
N VAL L 99 33.18 -9.07 29.07
CA VAL L 99 32.46 -8.60 27.90
C VAL L 99 32.69 -9.49 26.69
N THR L 100 31.61 -9.83 26.01
CA THR L 100 31.66 -10.69 24.83
C THR L 100 30.71 -10.15 23.76
N VAL L 101 31.20 -10.02 22.53
CA VAL L 101 30.38 -9.57 21.43
C VAL L 101 30.29 -10.63 20.33
N TYR L 102 29.06 -11.02 20.01
CA TYR L 102 28.83 -12.02 18.97
C TYR L 102 27.54 -11.70 18.21
N PRO L 103 27.53 -12.01 16.90
CA PRO L 103 26.29 -11.85 16.13
C PRO L 103 25.30 -12.94 16.48
N SER L 104 24.01 -12.61 16.53
CA SER L 104 22.99 -13.58 16.90
C SER L 104 22.83 -14.65 15.82
N LYS L 105 22.98 -14.23 14.56
CA LYS L 105 22.85 -15.15 13.44
C LYS L 105 24.11 -15.12 12.57
N THR L 106 24.56 -16.30 12.15
CA THR L 106 25.68 -16.39 11.23
C THR L 106 25.11 -16.45 9.82
N GLN L 107 25.54 -15.49 8.99
CA GLN L 107 24.92 -15.27 7.69
C GLN L 107 25.79 -14.32 6.88
N PRO L 108 25.55 -14.22 5.56
CA PRO L 108 26.25 -13.21 4.76
C PRO L 108 25.90 -11.78 5.17
N LEU L 109 26.69 -10.83 4.71
CA LEU L 109 26.49 -9.41 5.02
C LEU L 109 25.32 -8.82 4.26
N GLN L 110 24.99 -7.57 4.54
CA GLN L 110 23.89 -6.85 3.92
C GLN L 110 22.51 -7.41 4.27
N HIS L 111 22.42 -8.08 5.42
CA HIS L 111 21.14 -8.55 5.93
C HIS L 111 21.03 -8.24 7.42
N HIS L 112 19.82 -7.90 7.87
CA HIS L 112 19.59 -7.50 9.26
C HIS L 112 20.12 -8.53 10.25
N ASN L 113 20.71 -8.05 11.33
CA ASN L 113 21.25 -8.94 12.35
C ASN L 113 21.29 -8.25 13.70
N LEU L 114 21.22 -9.04 14.77
CA LEU L 114 21.39 -8.51 16.11
C LEU L 114 22.81 -8.78 16.60
N LEU L 115 23.53 -7.71 16.93
CA LEU L 115 24.84 -7.83 17.53
C LEU L 115 24.69 -7.83 19.04
N VAL L 116 25.06 -8.94 19.67
CA VAL L 116 24.87 -9.11 21.10
C VAL L 116 26.11 -8.72 21.90
N CYS L 117 25.95 -7.78 22.82
CA CYS L 117 27.00 -7.49 23.79
C CYS L 117 26.67 -8.14 25.12
N SER L 118 27.39 -9.21 25.43
CA SER L 118 27.19 -9.92 26.68
C SER L 118 28.07 -9.35 27.78
N VAL L 119 27.43 -8.81 28.82
CA VAL L 119 28.14 -8.27 29.97
C VAL L 119 27.72 -9.05 31.20
N SER L 120 28.63 -9.87 31.73
CA SER L 120 28.26 -10.77 32.81
C SER L 120 29.26 -10.82 33.97
N GLY L 121 28.82 -11.37 35.10
CA GLY L 121 29.66 -11.58 36.25
C GLY L 121 30.10 -10.33 36.98
N PHE L 122 29.33 -9.25 36.84
CA PHE L 122 29.73 -7.97 37.42
C PHE L 122 28.96 -7.56 38.67
N TYR L 123 29.57 -6.63 39.42
CA TYR L 123 28.96 -6.05 40.61
C TYR L 123 29.70 -4.75 40.94
N PRO L 124 28.96 -3.68 41.27
CA PRO L 124 27.51 -3.60 41.47
C PRO L 124 26.69 -3.55 40.18
N GLY L 125 25.39 -3.31 40.32
CA GLY L 125 24.46 -3.38 39.20
C GLY L 125 24.52 -2.20 38.24
N SER L 126 24.90 -1.04 38.76
CA SER L 126 24.99 0.17 37.94
C SER L 126 25.98 0.00 36.80
N ILE L 127 25.52 0.21 35.57
CA ILE L 127 26.35 -0.03 34.40
C ILE L 127 25.82 0.71 33.17
N GLU L 128 26.74 1.17 32.32
CA GLU L 128 26.36 1.83 31.07
C GLU L 128 26.94 1.08 29.90
N VAL L 129 26.07 0.63 29.00
CA VAL L 129 26.51 -0.10 27.82
C VAL L 129 26.14 0.68 26.57
N ARG L 130 27.13 0.97 25.74
CA ARG L 130 26.92 1.79 24.55
C ARG L 130 27.43 1.11 23.27
N TRP L 131 26.68 1.29 22.19
CA TRP L 131 27.06 0.75 20.89
C TRP L 131 27.65 1.81 19.98
N PHE L 132 28.64 1.40 19.17
CA PHE L 132 29.33 2.31 18.27
C PHE L 132 29.53 1.69 16.89
N ARG L 133 29.08 2.39 15.86
CA ARG L 133 29.35 1.99 14.49
C ARG L 133 30.37 2.94 13.88
N ASN L 134 31.57 2.41 13.62
CA ASN L 134 32.68 3.20 13.09
C ASN L 134 33.02 4.41 13.94
N GLY L 135 32.97 4.23 15.26
CA GLY L 135 33.37 5.28 16.19
C GLY L 135 32.24 6.18 16.64
N GLN L 136 31.08 6.07 16.00
CA GLN L 136 29.95 6.93 16.34
C GLN L 136 28.88 6.15 17.10
N GLU L 137 28.38 6.75 18.19
CA GLU L 137 27.39 6.07 19.03
C GLU L 137 26.03 5.94 18.36
N GLU L 138 25.46 4.73 18.46
CA GLU L 138 24.09 4.50 18.02
C GLU L 138 23.14 4.49 19.23
N LYS L 139 22.07 5.28 19.12
CA LYS L 139 21.08 5.35 20.19
C LYS L 139 19.84 4.50 19.84
N ALA L 140 19.48 4.49 18.57
CA ALA L 140 18.31 3.76 18.11
C ALA L 140 18.62 2.29 17.82
N GLY L 141 17.60 1.44 17.90
CA GLY L 141 17.74 0.03 17.57
C GLY L 141 18.48 -0.77 18.62
N VAL L 142 18.53 -0.25 19.85
CA VAL L 142 19.15 -0.97 20.95
C VAL L 142 18.11 -1.68 21.81
N VAL L 143 18.15 -2.99 21.82
CA VAL L 143 17.28 -3.80 22.67
C VAL L 143 18.08 -4.37 23.83
N SER L 144 17.60 -4.15 25.04
CA SER L 144 18.30 -4.59 26.24
C SER L 144 17.46 -5.52 27.10
N THR L 145 18.08 -6.57 27.64
CA THR L 145 17.40 -7.49 28.53
C THR L 145 17.25 -6.90 29.92
N GLY L 146 17.83 -5.72 30.11
CA GLY L 146 17.83 -5.07 31.41
C GLY L 146 18.78 -5.78 32.36
N LEU L 147 18.78 -5.34 33.61
CA LEU L 147 19.66 -5.89 34.61
C LEU L 147 19.15 -7.21 35.16
N ILE L 148 19.98 -8.25 35.12
CA ILE L 148 19.62 -9.55 35.66
C ILE L 148 20.46 -9.90 36.88
N GLN L 149 19.79 -10.13 38.01
CA GLN L 149 20.49 -10.50 39.24
C GLN L 149 20.59 -12.01 39.35
N ASN L 150 21.81 -12.52 39.40
CA ASN L 150 22.05 -13.97 39.40
C ASN L 150 21.84 -14.62 40.77
N GLY L 151 21.73 -13.80 41.81
CA GLY L 151 21.50 -14.32 43.15
C GLY L 151 22.77 -14.80 43.83
N ASP L 152 23.92 -14.48 43.23
CA ASP L 152 25.21 -14.85 43.80
C ASP L 152 26.13 -13.63 43.86
N TRP L 153 25.51 -12.46 44.03
CA TRP L 153 26.22 -11.18 44.07
C TRP L 153 26.91 -10.84 42.75
N THR L 154 26.36 -11.35 41.65
CA THR L 154 26.81 -10.96 40.32
C THR L 154 25.61 -10.61 39.47
N PHE L 155 25.84 -9.78 38.44
CA PHE L 155 24.80 -9.39 37.51
C PHE L 155 25.19 -9.80 36.10
N GLN L 156 24.21 -9.84 35.21
CA GLN L 156 24.46 -9.99 33.78
C GLN L 156 23.42 -9.24 32.97
N THR L 157 23.80 -8.84 31.76
CA THR L 157 22.90 -8.15 30.86
C THR L 157 23.29 -8.40 29.40
N LEU L 158 22.29 -8.50 28.54
CA LEU L 158 22.52 -8.57 27.11
C LEU L 158 22.01 -7.29 26.47
N VAL L 159 22.91 -6.54 25.83
CA VAL L 159 22.51 -5.34 25.13
C VAL L 159 22.69 -5.55 23.63
N MET L 160 21.58 -5.69 22.92
CA MET L 160 21.60 -6.06 21.51
C MET L 160 21.42 -4.86 20.59
N LEU L 161 22.05 -4.92 19.42
CA LEU L 161 22.00 -3.81 18.47
C LEU L 161 21.48 -4.26 17.12
N GLU L 162 20.39 -3.63 16.67
CA GLU L 162 19.82 -3.90 15.36
C GLU L 162 20.65 -3.23 14.28
N THR L 163 21.22 -4.03 13.38
CA THR L 163 22.05 -3.48 12.31
C THR L 163 21.91 -4.25 11.01
N VAL L 164 22.35 -3.62 9.92
CA VAL L 164 22.56 -4.31 8.66
C VAL L 164 24.03 -4.11 8.31
N PRO L 165 24.89 -5.06 8.72
CA PRO L 165 26.35 -4.97 8.60
C PRO L 165 26.83 -4.86 7.16
N ARG L 166 27.59 -3.81 6.85
CA ARG L 166 28.24 -3.66 5.56
C ARG L 166 29.70 -4.09 5.65
N SER L 167 30.32 -4.30 4.49
CA SER L 167 31.72 -4.67 4.42
C SER L 167 32.64 -3.61 5.03
N GLY L 168 33.54 -4.05 5.91
CA GLY L 168 34.54 -3.17 6.49
C GLY L 168 34.09 -2.41 7.73
N GLU L 169 32.81 -2.54 8.09
CA GLU L 169 32.29 -1.85 9.26
C GLU L 169 32.83 -2.42 10.56
N VAL L 170 33.18 -1.52 11.47
CA VAL L 170 33.67 -1.92 12.79
C VAL L 170 32.67 -1.54 13.87
N TYR L 171 32.21 -2.53 14.62
CA TYR L 171 31.30 -2.27 15.73
C TYR L 171 32.01 -2.44 17.06
N THR L 172 31.70 -1.57 18.01
CA THR L 172 32.33 -1.63 19.32
C THR L 172 31.29 -1.50 20.43
N CYS L 173 31.33 -2.44 21.37
CA CYS L 173 30.52 -2.36 22.56
C CYS L 173 31.34 -1.70 23.68
N GLN L 174 30.82 -0.62 24.24
CA GLN L 174 31.52 0.08 25.32
C GLN L 174 30.75 -0.01 26.63
N VAL L 175 31.42 -0.51 27.66
CA VAL L 175 30.80 -0.68 28.96
C VAL L 175 31.52 0.10 30.05
N GLU L 176 30.78 0.94 30.76
CA GLU L 176 31.33 1.68 31.89
C GLU L 176 30.79 1.10 33.19
N HIS L 177 31.69 0.92 34.16
CA HIS L 177 31.36 0.28 35.42
C HIS L 177 32.40 0.67 36.46
N PRO L 178 31.95 1.00 37.68
CA PRO L 178 32.83 1.49 38.76
C PRO L 178 33.99 0.55 39.11
N SER L 179 34.00 -0.66 38.58
CA SER L 179 35.09 -1.60 38.84
C SER L 179 36.33 -1.28 38.00
N VAL L 180 36.16 -0.44 36.99
CA VAL L 180 37.27 -0.08 36.10
C VAL L 180 37.42 1.43 35.92
N THR L 181 38.66 1.86 35.70
CA THR L 181 38.98 3.27 35.50
C THR L 181 38.53 3.74 34.12
N SER L 182 39.03 3.08 33.09
CA SER L 182 38.67 3.38 31.71
C SER L 182 37.63 2.39 31.22
N PRO L 183 36.77 2.81 30.28
CA PRO L 183 35.72 1.94 29.74
C PRO L 183 36.27 0.68 29.09
N LEU L 184 35.60 -0.44 29.28
CA LEU L 184 35.93 -1.66 28.57
C LEU L 184 35.32 -1.58 27.17
N THR L 185 36.09 -1.99 26.17
CA THR L 185 35.61 -1.98 24.79
C THR L 185 35.92 -3.30 24.10
N VAL L 186 34.93 -3.83 23.38
CA VAL L 186 35.12 -5.05 22.60
C VAL L 186 34.68 -4.79 21.15
N GLU L 187 35.57 -5.09 20.21
CA GLU L 187 35.28 -4.84 18.80
C GLU L 187 34.69 -6.05 18.08
N TRP L 188 33.89 -5.76 17.06
CA TRP L 188 33.43 -6.79 16.13
C TRP L 188 33.43 -6.21 14.72
N ARG L 189 34.14 -6.88 13.82
CA ARG L 189 34.25 -6.42 12.45
C ARG L 189 33.42 -7.28 11.51
N ALA L 190 32.66 -6.63 10.63
CA ALA L 190 31.74 -7.31 9.73
C ALA L 190 32.47 -8.23 8.74
N GLY M 1 -2.21 -15.08 -70.62
CA GLY M 1 -2.70 -14.73 -69.31
C GLY M 1 -1.60 -14.63 -68.28
N SER M 2 -0.83 -13.55 -68.37
CA SER M 2 0.31 -13.34 -67.45
C SER M 2 -0.09 -12.55 -66.22
N ASP M 3 -1.26 -12.86 -65.67
CA ASP M 3 -1.72 -12.22 -64.45
C ASP M 3 -1.33 -13.05 -63.22
N ALA M 4 -0.95 -12.36 -62.14
CA ALA M 4 -0.73 -13.05 -60.88
C ALA M 4 -2.08 -13.28 -60.23
N ARG M 5 -2.47 -14.54 -60.09
CA ARG M 5 -3.74 -14.87 -59.48
C ARG M 5 -3.67 -14.83 -57.97
N PHE M 6 -4.81 -14.59 -57.32
CA PHE M 6 -4.87 -14.49 -55.88
C PHE M 6 -6.07 -15.27 -55.34
N LEU M 7 -6.02 -15.62 -54.06
CA LEU M 7 -7.16 -16.23 -53.40
C LEU M 7 -7.80 -15.22 -52.46
N ARG M 8 -9.09 -15.42 -52.19
CA ARG M 8 -9.80 -14.56 -51.25
C ARG M 8 -10.17 -15.37 -50.01
N GLY M 9 -10.05 -14.75 -48.84
CA GLY M 9 -10.40 -15.42 -47.60
C GLY M 9 -11.89 -15.63 -47.49
N TYR M 10 -12.27 -16.73 -46.83
CA TYR M 10 -13.67 -17.01 -46.55
C TYR M 10 -14.10 -16.25 -45.30
N HIS M 11 -15.39 -15.99 -45.19
CA HIS M 11 -15.93 -15.32 -44.01
C HIS M 11 -15.87 -16.26 -42.81
N LEU M 12 -15.48 -15.72 -41.66
CA LEU M 12 -15.47 -16.50 -40.44
C LEU M 12 -16.91 -16.79 -40.02
N TYR M 13 -17.08 -17.74 -39.10
CA TYR M 13 -18.40 -18.27 -38.76
C TYR M 13 -19.46 -17.22 -38.43
N ALA M 14 -19.34 -16.61 -37.26
CA ALA M 14 -20.34 -15.64 -36.82
C ALA M 14 -19.82 -14.71 -35.75
N GLY N 1 10.73 -23.99 5.86
CA GLY N 1 11.37 -22.93 6.61
C GLY N 1 12.30 -22.11 5.73
N SER N 2 13.24 -22.78 5.09
CA SER N 2 14.12 -22.13 4.13
C SER N 2 14.29 -23.01 2.91
N ASP N 3 13.20 -23.71 2.55
CA ASP N 3 13.22 -24.60 1.40
C ASP N 3 12.41 -24.03 0.24
N ALA N 4 13.01 -24.05 -0.94
CA ALA N 4 12.28 -23.72 -2.16
C ALA N 4 11.36 -24.88 -2.48
N ARG N 5 10.06 -24.59 -2.59
CA ARG N 5 9.12 -25.64 -2.94
C ARG N 5 8.96 -25.74 -4.44
N PHE N 6 8.59 -26.92 -4.92
CA PHE N 6 8.43 -27.16 -6.34
C PHE N 6 7.08 -27.81 -6.60
N LEU N 7 6.51 -27.55 -7.76
CA LEU N 7 5.31 -28.26 -8.18
C LEU N 7 5.71 -29.43 -9.06
N ARG N 8 4.79 -30.38 -9.22
CA ARG N 8 5.06 -31.53 -10.07
C ARG N 8 3.99 -31.67 -11.13
N GLY N 9 4.42 -31.99 -12.35
CA GLY N 9 3.51 -32.17 -13.46
C GLY N 9 2.60 -33.36 -13.25
N TYR N 10 1.39 -33.27 -13.77
CA TYR N 10 0.47 -34.39 -13.75
C TYR N 10 0.73 -35.26 -14.97
N HIS N 11 0.42 -36.54 -14.87
CA HIS N 11 0.56 -37.44 -16.00
C HIS N 11 -0.44 -37.09 -17.08
N LEU N 12 0.03 -37.00 -18.32
CA LEU N 12 -0.83 -36.65 -19.46
C LEU N 12 -1.84 -37.76 -19.74
N TYR N 13 -2.81 -37.45 -20.60
CA TYR N 13 -3.83 -38.43 -20.96
C TYR N 13 -3.32 -39.39 -22.03
N ALA N 14 -3.22 -40.67 -21.66
CA ALA N 14 -2.78 -41.70 -22.58
C ALA N 14 -3.92 -42.14 -23.49
N SER O 2 -35.65 -8.76 10.45
CA SER O 2 -35.07 -7.54 11.00
C SER O 2 -33.67 -7.34 10.45
N ASP O 3 -33.36 -8.01 9.35
CA ASP O 3 -32.08 -7.84 8.67
C ASP O 3 -32.22 -6.75 7.61
N ALA O 4 -31.27 -5.82 7.61
CA ALA O 4 -31.16 -4.88 6.51
C ALA O 4 -30.67 -5.65 5.30
N ARG O 5 -31.51 -5.76 4.28
CA ARG O 5 -31.14 -6.48 3.07
C ARG O 5 -30.30 -5.60 2.15
N PHE O 6 -29.53 -6.24 1.28
CA PHE O 6 -28.65 -5.52 0.37
C PHE O 6 -28.64 -6.17 -1.00
N LEU O 7 -28.38 -5.38 -2.02
CA LEU O 7 -28.22 -5.90 -3.38
C LEU O 7 -26.74 -5.99 -3.71
N ARG O 8 -26.39 -6.95 -4.56
CA ARG O 8 -25.01 -7.08 -5.02
C ARG O 8 -24.90 -6.72 -6.49
N GLY O 9 -23.84 -6.00 -6.85
CA GLY O 9 -23.61 -5.63 -8.23
C GLY O 9 -23.28 -6.82 -9.09
N TYR O 10 -23.60 -6.72 -10.38
CA TYR O 10 -23.29 -7.77 -11.34
C TYR O 10 -21.92 -7.48 -11.94
N HIS O 11 -21.28 -8.51 -12.48
CA HIS O 11 -19.98 -8.35 -13.12
C HIS O 11 -20.13 -7.62 -14.46
N LEU O 12 -19.20 -6.72 -14.75
CA LEU O 12 -19.22 -5.96 -16.00
C LEU O 12 -18.98 -6.87 -17.20
N GLY P 1 -4.28 41.17 -39.36
CA GLY P 1 -5.55 40.49 -39.17
C GLY P 1 -5.86 40.23 -37.71
N SER P 2 -6.14 41.31 -36.97
CA SER P 2 -6.37 41.21 -35.54
C SER P 2 -7.81 40.90 -35.18
N ASP P 3 -8.51 40.20 -36.08
CA ASP P 3 -9.85 39.75 -35.77
C ASP P 3 -9.81 38.43 -35.01
N ALA P 4 -10.70 38.27 -34.04
CA ALA P 4 -10.82 37.02 -33.33
C ALA P 4 -11.66 36.07 -34.17
N ARG P 5 -11.08 34.93 -34.52
CA ARG P 5 -11.81 33.94 -35.30
C ARG P 5 -12.65 33.06 -34.39
N PHE P 6 -13.70 32.48 -34.96
CA PHE P 6 -14.63 31.66 -34.21
C PHE P 6 -15.02 30.44 -35.03
N LEU P 7 -15.19 29.31 -34.35
CA LEU P 7 -15.69 28.11 -35.01
C LEU P 7 -17.20 28.09 -34.92
N ARG P 8 -17.84 27.38 -35.84
CA ARG P 8 -19.29 27.26 -35.84
C ARG P 8 -19.71 25.80 -35.69
N GLY P 9 -20.73 25.58 -34.88
CA GLY P 9 -21.24 24.23 -34.66
C GLY P 9 -21.83 23.62 -35.91
N TYR P 10 -21.62 22.32 -36.07
CA TYR P 10 -22.21 21.59 -37.18
C TYR P 10 -23.64 21.19 -36.81
N HIS P 11 -24.48 21.00 -37.82
CA HIS P 11 -25.83 20.54 -37.59
C HIS P 11 -25.82 19.09 -37.10
N LEU P 12 -26.69 18.78 -36.15
CA LEU P 12 -26.83 17.42 -35.66
C LEU P 12 -27.60 16.58 -36.68
N TYR P 13 -27.45 15.26 -36.62
CA TYR P 13 -28.20 14.37 -37.50
C TYR P 13 -29.69 14.48 -37.20
N ALA P 14 -30.45 15.01 -38.15
CA ALA P 14 -31.87 15.21 -37.97
C ALA P 14 -32.67 13.95 -38.25
N GLY Q 1 -34.85 -6.99 29.70
CA GLY Q 1 -34.61 -8.43 29.68
C GLY Q 1 -33.26 -8.81 29.13
N SER Q 2 -32.83 -8.14 28.05
CA SER Q 2 -31.57 -8.48 27.40
C SER Q 2 -30.49 -7.44 27.69
N ASP Q 3 -30.72 -6.62 28.72
CA ASP Q 3 -29.75 -5.61 29.09
C ASP Q 3 -28.74 -6.18 30.08
N ALA Q 4 -27.48 -5.78 29.93
CA ALA Q 4 -26.46 -6.10 30.92
C ALA Q 4 -26.61 -5.13 32.08
N ARG Q 5 -27.07 -5.65 33.22
CA ARG Q 5 -27.27 -4.81 34.40
C ARG Q 5 -25.95 -4.47 35.08
N PHE Q 6 -25.97 -3.41 35.88
CA PHE Q 6 -24.78 -2.93 36.56
C PHE Q 6 -25.11 -2.41 37.95
N LEU Q 7 -24.13 -2.43 38.84
CA LEU Q 7 -24.29 -1.87 40.18
C LEU Q 7 -23.55 -0.55 40.26
N ARG Q 8 -23.98 0.32 41.17
CA ARG Q 8 -23.34 1.61 41.34
C ARG Q 8 -22.69 1.72 42.72
N GLY Q 9 -21.47 2.26 42.75
CA GLY Q 9 -20.75 2.43 43.99
C GLY Q 9 -21.40 3.44 44.92
N TYR Q 10 -21.42 3.11 46.20
CA TYR Q 10 -21.95 4.01 47.22
C TYR Q 10 -20.92 5.10 47.51
N HIS Q 11 -21.40 6.23 48.02
CA HIS Q 11 -20.51 7.32 48.42
C HIS Q 11 -19.72 6.94 49.66
N LEU Q 12 -18.43 7.21 49.66
CA LEU Q 12 -17.60 6.96 50.83
C LEU Q 12 -18.00 7.89 51.96
N TYR Q 13 -17.66 7.51 53.19
CA TYR Q 13 -17.96 8.35 54.34
C TYR Q 13 -17.16 9.65 54.27
N ALA Q 14 -17.86 10.77 54.15
CA ALA Q 14 -17.23 12.07 54.02
C ALA Q 14 -17.01 12.71 55.38
N GLY R 1 31.99 -4.02 66.87
CA GLY R 1 33.11 -3.96 65.95
C GLY R 1 32.83 -4.62 64.63
N SER R 2 32.70 -5.94 64.63
CA SER R 2 32.40 -6.70 63.43
C SER R 2 31.10 -7.49 63.60
N ASP R 3 30.37 -7.18 64.67
CA ASP R 3 29.14 -7.89 64.99
C ASP R 3 27.98 -7.38 64.17
N ALA R 4 27.33 -8.28 63.43
CA ALA R 4 26.11 -7.94 62.72
C ALA R 4 24.99 -7.91 63.74
N ARG R 5 24.38 -6.75 63.92
CA ARG R 5 23.32 -6.60 64.90
C ARG R 5 21.94 -6.84 64.29
N PHE R 6 21.04 -7.35 65.11
CA PHE R 6 19.68 -7.65 64.67
C PHE R 6 18.67 -7.04 65.62
N LEU R 7 17.47 -6.77 65.10
CA LEU R 7 16.35 -6.35 65.94
C LEU R 7 15.48 -7.56 66.22
N ARG R 8 14.76 -7.52 67.35
CA ARG R 8 13.85 -8.60 67.68
C ARG R 8 12.41 -8.13 67.66
N GLY R 9 11.53 -8.93 67.07
CA GLY R 9 10.12 -8.61 67.01
C GLY R 9 9.49 -8.55 68.38
N TYR R 10 8.57 -7.61 68.56
CA TYR R 10 7.81 -7.51 69.80
C TYR R 10 6.67 -8.51 69.78
N HIS R 11 6.16 -8.83 70.97
CA HIS R 11 5.04 -9.74 71.07
C HIS R 11 3.75 -9.03 70.67
N LEU R 12 2.90 -9.72 69.92
CA LEU R 12 1.60 -9.19 69.55
C LEU R 12 0.73 -9.11 70.79
N TYR R 13 -0.27 -8.24 70.76
CA TYR R 13 -1.14 -8.02 71.91
C TYR R 13 -1.99 -9.25 72.25
N ALA R 14 -1.91 -9.68 73.51
CA ALA R 14 -2.73 -10.76 74.05
C ALA R 14 -2.73 -12.02 73.20
#